data_8V1N
# 
_entry.id   8V1N 
# 
_audit_conform.dict_name       mmcif_pdbx.dic 
_audit_conform.dict_version    5.404 
_audit_conform.dict_location   http://mmcif.pdb.org/dictionaries/ascii/mmcif_pdbx.dic 
# 
loop_
_database_2.database_id 
_database_2.database_code 
_database_2.pdbx_database_accession 
_database_2.pdbx_DOI 
PDB   8V1N         pdb_00008v1n 10.2210/pdb8v1n/pdb 
WWPDB D_1000279175 ?            ?                   
EMDB  EMD-42886    ?            ?                   
# 
loop_
_pdbx_audit_revision_history.ordinal 
_pdbx_audit_revision_history.data_content_type 
_pdbx_audit_revision_history.major_revision 
_pdbx_audit_revision_history.minor_revision 
_pdbx_audit_revision_history.revision_date 
_pdbx_audit_revision_history.part_number 
1 'Structure model' 1 0 2024-12-11 ? 
2 'Structure model' 1 1 2025-06-25 ? 
# 
_pdbx_audit_revision_details.ordinal             1 
_pdbx_audit_revision_details.revision_ordinal    1 
_pdbx_audit_revision_details.data_content_type   'Structure model' 
_pdbx_audit_revision_details.provider            repository 
_pdbx_audit_revision_details.type                'Initial release' 
_pdbx_audit_revision_details.description         ? 
_pdbx_audit_revision_details.details             ? 
# 
loop_
_pdbx_audit_revision_group.ordinal 
_pdbx_audit_revision_group.revision_ordinal 
_pdbx_audit_revision_group.data_content_type 
_pdbx_audit_revision_group.group 
1 2 'Structure model' 'Data collection'     
2 2 'Structure model' 'Database references' 
# 
loop_
_pdbx_audit_revision_category.ordinal 
_pdbx_audit_revision_category.revision_ordinal 
_pdbx_audit_revision_category.data_content_type 
_pdbx_audit_revision_category.category 
1 2 'Structure model' citation        
2 2 'Structure model' citation_author 
3 2 'Structure model' em_admin        
# 
loop_
_pdbx_audit_revision_item.ordinal 
_pdbx_audit_revision_item.revision_ordinal 
_pdbx_audit_revision_item.data_content_type 
_pdbx_audit_revision_item.item 
1  2 'Structure model' '_citation.country'                 
2  2 'Structure model' '_citation.journal_abbrev'          
3  2 'Structure model' '_citation.journal_id_ASTM'         
4  2 'Structure model' '_citation.journal_id_CSD'          
5  2 'Structure model' '_citation.journal_id_ISSN'         
6  2 'Structure model' '_citation.journal_volume'          
7  2 'Structure model' '_citation.page_first'              
8  2 'Structure model' '_citation.page_last'               
9  2 'Structure model' '_citation.pdbx_database_id_DOI'    
10 2 'Structure model' '_citation.pdbx_database_id_PubMed' 
11 2 'Structure model' '_citation.title'                   
12 2 'Structure model' '_citation.year'                    
13 2 'Structure model' '_em_admin.last_update'             
# 
_pdbx_database_status.status_code                     REL 
_pdbx_database_status.status_code_sf                  ? 
_pdbx_database_status.status_code_mr                  ? 
_pdbx_database_status.entry_id                        8V1N 
_pdbx_database_status.recvd_initial_deposition_date   2023-11-20 
_pdbx_database_status.SG_entry                        N 
_pdbx_database_status.deposit_site                    RCSB 
_pdbx_database_status.process_site                    RCSB 
_pdbx_database_status.status_code_cs                  ? 
_pdbx_database_status.status_code_nmr_data            ? 
_pdbx_database_status.methods_development_category    ? 
_pdbx_database_status.pdb_format_compatible           Y 
# 
_pdbx_database_related.db_name        EMDB 
_pdbx_database_related.details        'Cryo-EM structure of tau filaments made from jR2R3-P301L peptides induced with heparin' 
_pdbx_database_related.db_id          EMD-42886 
_pdbx_database_related.content_type   'associated EM volume' 
# 
_pdbx_contact_author.id                 2 
_pdbx_contact_author.email              songi.han@northwestern.edu 
_pdbx_contact_author.name_first         Songi 
_pdbx_contact_author.name_last          Han 
_pdbx_contact_author.name_mi            ? 
_pdbx_contact_author.role               'principal investigator/group leader' 
_pdbx_contact_author.identifier_ORCID   0000-0001-6489-6246 
# 
loop_
_audit_author.name 
_audit_author.pdbx_ordinal 
_audit_author.identifier_ORCID 
'Vigers, M.' 1 0000-0002-5685-6153 
'Han, S.'    2 ?                   
# 
_citation.abstract                  ? 
_citation.abstract_id_CAS           ? 
_citation.book_id_ISBN              ? 
_citation.book_publisher            ? 
_citation.book_publisher_city       ? 
_citation.book_title                ? 
_citation.coordinate_linkage        ? 
_citation.country                   US 
_citation.database_id_Medline       ? 
_citation.details                   ? 
_citation.id                        primary 
_citation.journal_abbrev            Proc.Natl.Acad.Sci.USA 
_citation.journal_id_ASTM           PNASA6 
_citation.journal_id_CSD            0040 
_citation.journal_id_ISSN           1091-6490 
_citation.journal_full              ? 
_citation.journal_issue             ? 
_citation.journal_volume            122 
_citation.language                  ? 
_citation.page_first                e2421391122 
_citation.page_last                 e2421391122 
_citation.title                     'Water-directed pinning is key to tau prion formation.' 
_citation.year                      2025 
_citation.database_id_CSD           ? 
_citation.pdbx_database_id_DOI      10.1073/pnas.2421391122 
_citation.pdbx_database_id_PubMed   40294272 
_citation.pdbx_database_id_patent   ? 
_citation.unpublished_flag          ? 
# 
loop_
_citation_author.citation_id 
_citation_author.name 
_citation_author.ordinal 
_citation_author.identifier_ORCID 
primary 'Vigers, M.P.'   1  0000-0002-5685-6153 
primary 'Lobo, S.'       2  0000-0002-1162-8798 
primary 'Najafi, S.'     3  ?                   
primary 'Dubose, A.'     4  0009-0001-3844-2539 
primary 'Tsay, K.'       5  ?                   
primary 'Ganguly, P.'    6  ?                   
primary 'Longhini, A.P.' 7  ?                   
primary 'Jin, Y.'        8  0000-0002-8264-1391 
primary 'Buratto, S.K.'  9  ?                   
primary 'Kosik, K.S.'    10 ?                   
primary 'Shell, M.S.'    11 ?                   
primary 'Shea, J.E.'     12 ?                   
primary 'Han, S.'        13 ?                   
# 
_entity.id                         1 
_entity.type                       polymer 
_entity.src_method                 syn 
_entity.pdbx_description           'Microtubule-associated protein tau' 
_entity.formula_weight             2026.359 
_entity.pdbx_number_of_molecules   12 
_entity.pdbx_ec                    ? 
_entity.pdbx_mutation              P618L 
_entity.pdbx_fragment              ? 
_entity.details                    ? 
# 
_entity_name_com.entity_id   1 
_entity_name_com.name        'Neurofibrillary tangle protein,Paired helical filament-tau,PHF-tau' 
# 
_entity_poly.entity_id                      1 
_entity_poly.type                           'polypeptide(L)' 
_entity_poly.nstd_linkage                   no 
_entity_poly.nstd_monomer                   no 
_entity_poly.pdbx_seq_one_letter_code       DNIKHVLGGGSVQIVYKPV 
_entity_poly.pdbx_seq_one_letter_code_can   DNIKHVLGGGSVQIVYKPV 
_entity_poly.pdbx_strand_id                 A,B,C,D,E,F,G,H,I,J,K,L 
_entity_poly.pdbx_target_identifier         ? 
# 
loop_
_entity_poly_seq.entity_id 
_entity_poly_seq.num 
_entity_poly_seq.mon_id 
_entity_poly_seq.hetero 
1 1  ASP n 
1 2  ASN n 
1 3  ILE n 
1 4  LYS n 
1 5  HIS n 
1 6  VAL n 
1 7  LEU n 
1 8  GLY n 
1 9  GLY n 
1 10 GLY n 
1 11 SER n 
1 12 VAL n 
1 13 GLN n 
1 14 ILE n 
1 15 VAL n 
1 16 TYR n 
1 17 LYS n 
1 18 PRO n 
1 19 VAL n 
# 
_pdbx_entity_src_syn.entity_id              1 
_pdbx_entity_src_syn.pdbx_src_id            1 
_pdbx_entity_src_syn.pdbx_alt_source_flag   sample 
_pdbx_entity_src_syn.pdbx_beg_seq_num       1 
_pdbx_entity_src_syn.pdbx_end_seq_num       19 
_pdbx_entity_src_syn.organism_scientific    'Homo sapiens' 
_pdbx_entity_src_syn.organism_common_name   human 
_pdbx_entity_src_syn.ncbi_taxonomy_id       9606 
_pdbx_entity_src_syn.details                ? 
# 
loop_
_chem_comp.id 
_chem_comp.type 
_chem_comp.mon_nstd_flag 
_chem_comp.name 
_chem_comp.pdbx_synonyms 
_chem_comp.formula 
_chem_comp.formula_weight 
ASN 'L-peptide linking' y ASPARAGINE      ? 'C4 H8 N2 O3'    132.118 
ASP 'L-peptide linking' y 'ASPARTIC ACID' ? 'C4 H7 N O4'     133.103 
GLN 'L-peptide linking' y GLUTAMINE       ? 'C5 H10 N2 O3'   146.144 
GLY 'peptide linking'   y GLYCINE         ? 'C2 H5 N O2'     75.067  
HIS 'L-peptide linking' y HISTIDINE       ? 'C6 H10 N3 O2 1' 156.162 
ILE 'L-peptide linking' y ISOLEUCINE      ? 'C6 H13 N O2'    131.173 
LEU 'L-peptide linking' y LEUCINE         ? 'C6 H13 N O2'    131.173 
LYS 'L-peptide linking' y LYSINE          ? 'C6 H15 N2 O2 1' 147.195 
PRO 'L-peptide linking' y PROLINE         ? 'C5 H9 N O2'     115.130 
SER 'L-peptide linking' y SERINE          ? 'C3 H7 N O3'     105.093 
TYR 'L-peptide linking' y TYROSINE        ? 'C9 H11 N O3'    181.189 
VAL 'L-peptide linking' y VALINE          ? 'C5 H11 N O2'    117.146 
# 
loop_
_pdbx_poly_seq_scheme.asym_id 
_pdbx_poly_seq_scheme.entity_id 
_pdbx_poly_seq_scheme.seq_id 
_pdbx_poly_seq_scheme.mon_id 
_pdbx_poly_seq_scheme.ndb_seq_num 
_pdbx_poly_seq_scheme.pdb_seq_num 
_pdbx_poly_seq_scheme.auth_seq_num 
_pdbx_poly_seq_scheme.pdb_mon_id 
_pdbx_poly_seq_scheme.auth_mon_id 
_pdbx_poly_seq_scheme.pdb_strand_id 
_pdbx_poly_seq_scheme.pdb_ins_code 
_pdbx_poly_seq_scheme.hetero 
A 1 1  ASP 1  1  1  ASP ASP A . n 
A 1 2  ASN 2  2  2  ASN ASN A . n 
A 1 3  ILE 3  3  3  ILE ILE A . n 
A 1 4  LYS 4  4  4  LYS LYS A . n 
A 1 5  HIS 5  5  5  HIS HIS A . n 
A 1 6  VAL 6  6  6  VAL VAL A . n 
A 1 7  LEU 7  7  7  LEU LEU A . n 
A 1 8  GLY 8  8  8  GLY GLY A . n 
A 1 9  GLY 9  9  9  GLY GLY A . n 
A 1 10 GLY 10 10 10 GLY GLY A . n 
A 1 11 SER 11 11 11 SER SER A . n 
A 1 12 VAL 12 12 12 VAL VAL A . n 
A 1 13 GLN 13 13 13 GLN GLN A . n 
A 1 14 ILE 14 14 14 ILE ILE A . n 
A 1 15 VAL 15 15 15 VAL VAL A . n 
A 1 16 TYR 16 16 16 TYR TYR A . n 
A 1 17 LYS 17 17 17 LYS LYS A . n 
A 1 18 PRO 18 18 ?  ?   ?   A . n 
A 1 19 VAL 19 19 ?  ?   ?   A . n 
B 1 1  ASP 1  1  ?  ?   ?   B . n 
B 1 2  ASN 2  2  ?  ?   ?   B . n 
B 1 3  ILE 3  3  3  ILE ILE B . n 
B 1 4  LYS 4  4  4  LYS LYS B . n 
B 1 5  HIS 5  5  5  HIS HIS B . n 
B 1 6  VAL 6  6  6  VAL VAL B . n 
B 1 7  LEU 7  7  7  LEU LEU B . n 
B 1 8  GLY 8  8  8  GLY GLY B . n 
B 1 9  GLY 9  9  9  GLY GLY B . n 
B 1 10 GLY 10 10 10 GLY GLY B . n 
B 1 11 SER 11 11 11 SER SER B . n 
B 1 12 VAL 12 12 12 VAL VAL B . n 
B 1 13 GLN 13 13 13 GLN GLN B . n 
B 1 14 ILE 14 14 14 ILE ILE B . n 
B 1 15 VAL 15 15 15 VAL VAL B . n 
B 1 16 TYR 16 16 16 TYR TYR B . n 
B 1 17 LYS 17 17 17 LYS LYS B . n 
B 1 18 PRO 18 18 ?  ?   ?   B . n 
B 1 19 VAL 19 19 ?  ?   ?   B . n 
C 1 1  ASP 1  1  1  ASP ASP C . n 
C 1 2  ASN 2  2  2  ASN ASN C . n 
C 1 3  ILE 3  3  3  ILE ILE C . n 
C 1 4  LYS 4  4  4  LYS LYS C . n 
C 1 5  HIS 5  5  5  HIS HIS C . n 
C 1 6  VAL 6  6  6  VAL VAL C . n 
C 1 7  LEU 7  7  7  LEU LEU C . n 
C 1 8  GLY 8  8  8  GLY GLY C . n 
C 1 9  GLY 9  9  9  GLY GLY C . n 
C 1 10 GLY 10 10 10 GLY GLY C . n 
C 1 11 SER 11 11 11 SER SER C . n 
C 1 12 VAL 12 12 12 VAL VAL C . n 
C 1 13 GLN 13 13 13 GLN GLN C . n 
C 1 14 ILE 14 14 14 ILE ILE C . n 
C 1 15 VAL 15 15 15 VAL VAL C . n 
C 1 16 TYR 16 16 16 TYR TYR C . n 
C 1 17 LYS 17 17 17 LYS LYS C . n 
C 1 18 PRO 18 18 ?  ?   ?   C . n 
C 1 19 VAL 19 19 ?  ?   ?   C . n 
D 1 1  ASP 1  1  ?  ?   ?   D . n 
D 1 2  ASN 2  2  ?  ?   ?   D . n 
D 1 3  ILE 3  3  3  ILE ILE D . n 
D 1 4  LYS 4  4  4  LYS LYS D . n 
D 1 5  HIS 5  5  5  HIS HIS D . n 
D 1 6  VAL 6  6  6  VAL VAL D . n 
D 1 7  LEU 7  7  7  LEU LEU D . n 
D 1 8  GLY 8  8  8  GLY GLY D . n 
D 1 9  GLY 9  9  9  GLY GLY D . n 
D 1 10 GLY 10 10 10 GLY GLY D . n 
D 1 11 SER 11 11 11 SER SER D . n 
D 1 12 VAL 12 12 12 VAL VAL D . n 
D 1 13 GLN 13 13 13 GLN GLN D . n 
D 1 14 ILE 14 14 14 ILE ILE D . n 
D 1 15 VAL 15 15 15 VAL VAL D . n 
D 1 16 TYR 16 16 16 TYR TYR D . n 
D 1 17 LYS 17 17 17 LYS LYS D . n 
D 1 18 PRO 18 18 ?  ?   ?   D . n 
D 1 19 VAL 19 19 ?  ?   ?   D . n 
E 1 1  ASP 1  1  1  ASP ASP E . n 
E 1 2  ASN 2  2  2  ASN ASN E . n 
E 1 3  ILE 3  3  3  ILE ILE E . n 
E 1 4  LYS 4  4  4  LYS LYS E . n 
E 1 5  HIS 5  5  5  HIS HIS E . n 
E 1 6  VAL 6  6  6  VAL VAL E . n 
E 1 7  LEU 7  7  7  LEU LEU E . n 
E 1 8  GLY 8  8  8  GLY GLY E . n 
E 1 9  GLY 9  9  9  GLY GLY E . n 
E 1 10 GLY 10 10 10 GLY GLY E . n 
E 1 11 SER 11 11 11 SER SER E . n 
E 1 12 VAL 12 12 12 VAL VAL E . n 
E 1 13 GLN 13 13 13 GLN GLN E . n 
E 1 14 ILE 14 14 14 ILE ILE E . n 
E 1 15 VAL 15 15 15 VAL VAL E . n 
E 1 16 TYR 16 16 16 TYR TYR E . n 
E 1 17 LYS 17 17 17 LYS LYS E . n 
E 1 18 PRO 18 18 ?  ?   ?   E . n 
E 1 19 VAL 19 19 ?  ?   ?   E . n 
F 1 1  ASP 1  1  ?  ?   ?   F . n 
F 1 2  ASN 2  2  ?  ?   ?   F . n 
F 1 3  ILE 3  3  3  ILE ILE F . n 
F 1 4  LYS 4  4  4  LYS LYS F . n 
F 1 5  HIS 5  5  5  HIS HIS F . n 
F 1 6  VAL 6  6  6  VAL VAL F . n 
F 1 7  LEU 7  7  7  LEU LEU F . n 
F 1 8  GLY 8  8  8  GLY GLY F . n 
F 1 9  GLY 9  9  9  GLY GLY F . n 
F 1 10 GLY 10 10 10 GLY GLY F . n 
F 1 11 SER 11 11 11 SER SER F . n 
F 1 12 VAL 12 12 12 VAL VAL F . n 
F 1 13 GLN 13 13 13 GLN GLN F . n 
F 1 14 ILE 14 14 14 ILE ILE F . n 
F 1 15 VAL 15 15 15 VAL VAL F . n 
F 1 16 TYR 16 16 16 TYR TYR F . n 
F 1 17 LYS 17 17 17 LYS LYS F . n 
F 1 18 PRO 18 18 ?  ?   ?   F . n 
F 1 19 VAL 19 19 ?  ?   ?   F . n 
G 1 1  ASP 1  1  1  ASP ASP G . n 
G 1 2  ASN 2  2  2  ASN ASN G . n 
G 1 3  ILE 3  3  3  ILE ILE G . n 
G 1 4  LYS 4  4  4  LYS LYS G . n 
G 1 5  HIS 5  5  5  HIS HIS G . n 
G 1 6  VAL 6  6  6  VAL VAL G . n 
G 1 7  LEU 7  7  7  LEU LEU G . n 
G 1 8  GLY 8  8  8  GLY GLY G . n 
G 1 9  GLY 9  9  9  GLY GLY G . n 
G 1 10 GLY 10 10 10 GLY GLY G . n 
G 1 11 SER 11 11 11 SER SER G . n 
G 1 12 VAL 12 12 12 VAL VAL G . n 
G 1 13 GLN 13 13 13 GLN GLN G . n 
G 1 14 ILE 14 14 14 ILE ILE G . n 
G 1 15 VAL 15 15 15 VAL VAL G . n 
G 1 16 TYR 16 16 16 TYR TYR G . n 
G 1 17 LYS 17 17 17 LYS LYS G . n 
G 1 18 PRO 18 18 ?  ?   ?   G . n 
G 1 19 VAL 19 19 ?  ?   ?   G . n 
H 1 1  ASP 1  1  ?  ?   ?   H . n 
H 1 2  ASN 2  2  ?  ?   ?   H . n 
H 1 3  ILE 3  3  3  ILE ILE H . n 
H 1 4  LYS 4  4  4  LYS LYS H . n 
H 1 5  HIS 5  5  5  HIS HIS H . n 
H 1 6  VAL 6  6  6  VAL VAL H . n 
H 1 7  LEU 7  7  7  LEU LEU H . n 
H 1 8  GLY 8  8  8  GLY GLY H . n 
H 1 9  GLY 9  9  9  GLY GLY H . n 
H 1 10 GLY 10 10 10 GLY GLY H . n 
H 1 11 SER 11 11 11 SER SER H . n 
H 1 12 VAL 12 12 12 VAL VAL H . n 
H 1 13 GLN 13 13 13 GLN GLN H . n 
H 1 14 ILE 14 14 14 ILE ILE H . n 
H 1 15 VAL 15 15 15 VAL VAL H . n 
H 1 16 TYR 16 16 16 TYR TYR H . n 
H 1 17 LYS 17 17 17 LYS LYS H . n 
H 1 18 PRO 18 18 ?  ?   ?   H . n 
H 1 19 VAL 19 19 ?  ?   ?   H . n 
I 1 1  ASP 1  1  1  ASP ASP I . n 
I 1 2  ASN 2  2  2  ASN ASN I . n 
I 1 3  ILE 3  3  3  ILE ILE I . n 
I 1 4  LYS 4  4  4  LYS LYS I . n 
I 1 5  HIS 5  5  5  HIS HIS I . n 
I 1 6  VAL 6  6  6  VAL VAL I . n 
I 1 7  LEU 7  7  7  LEU LEU I . n 
I 1 8  GLY 8  8  8  GLY GLY I . n 
I 1 9  GLY 9  9  9  GLY GLY I . n 
I 1 10 GLY 10 10 10 GLY GLY I . n 
I 1 11 SER 11 11 11 SER SER I . n 
I 1 12 VAL 12 12 12 VAL VAL I . n 
I 1 13 GLN 13 13 13 GLN GLN I . n 
I 1 14 ILE 14 14 14 ILE ILE I . n 
I 1 15 VAL 15 15 15 VAL VAL I . n 
I 1 16 TYR 16 16 16 TYR TYR I . n 
I 1 17 LYS 17 17 17 LYS LYS I . n 
I 1 18 PRO 18 18 ?  ?   ?   I . n 
I 1 19 VAL 19 19 ?  ?   ?   I . n 
J 1 1  ASP 1  1  ?  ?   ?   J . n 
J 1 2  ASN 2  2  ?  ?   ?   J . n 
J 1 3  ILE 3  3  3  ILE ILE J . n 
J 1 4  LYS 4  4  4  LYS LYS J . n 
J 1 5  HIS 5  5  5  HIS HIS J . n 
J 1 6  VAL 6  6  6  VAL VAL J . n 
J 1 7  LEU 7  7  7  LEU LEU J . n 
J 1 8  GLY 8  8  8  GLY GLY J . n 
J 1 9  GLY 9  9  9  GLY GLY J . n 
J 1 10 GLY 10 10 10 GLY GLY J . n 
J 1 11 SER 11 11 11 SER SER J . n 
J 1 12 VAL 12 12 12 VAL VAL J . n 
J 1 13 GLN 13 13 13 GLN GLN J . n 
J 1 14 ILE 14 14 14 ILE ILE J . n 
J 1 15 VAL 15 15 15 VAL VAL J . n 
J 1 16 TYR 16 16 16 TYR TYR J . n 
J 1 17 LYS 17 17 17 LYS LYS J . n 
J 1 18 PRO 18 18 ?  ?   ?   J . n 
J 1 19 VAL 19 19 ?  ?   ?   J . n 
K 1 1  ASP 1  1  1  ASP ASP K . n 
K 1 2  ASN 2  2  2  ASN ASN K . n 
K 1 3  ILE 3  3  3  ILE ILE K . n 
K 1 4  LYS 4  4  4  LYS LYS K . n 
K 1 5  HIS 5  5  5  HIS HIS K . n 
K 1 6  VAL 6  6  6  VAL VAL K . n 
K 1 7  LEU 7  7  7  LEU LEU K . n 
K 1 8  GLY 8  8  8  GLY GLY K . n 
K 1 9  GLY 9  9  9  GLY GLY K . n 
K 1 10 GLY 10 10 10 GLY GLY K . n 
K 1 11 SER 11 11 11 SER SER K . n 
K 1 12 VAL 12 12 12 VAL VAL K . n 
K 1 13 GLN 13 13 13 GLN GLN K . n 
K 1 14 ILE 14 14 14 ILE ILE K . n 
K 1 15 VAL 15 15 15 VAL VAL K . n 
K 1 16 TYR 16 16 16 TYR TYR K . n 
K 1 17 LYS 17 17 17 LYS LYS K . n 
K 1 18 PRO 18 18 ?  ?   ?   K . n 
K 1 19 VAL 19 19 ?  ?   ?   K . n 
L 1 1  ASP 1  1  ?  ?   ?   L . n 
L 1 2  ASN 2  2  ?  ?   ?   L . n 
L 1 3  ILE 3  3  3  ILE ILE L . n 
L 1 4  LYS 4  4  4  LYS LYS L . n 
L 1 5  HIS 5  5  5  HIS HIS L . n 
L 1 6  VAL 6  6  6  VAL VAL L . n 
L 1 7  LEU 7  7  7  LEU LEU L . n 
L 1 8  GLY 8  8  8  GLY GLY L . n 
L 1 9  GLY 9  9  9  GLY GLY L . n 
L 1 10 GLY 10 10 10 GLY GLY L . n 
L 1 11 SER 11 11 11 SER SER L . n 
L 1 12 VAL 12 12 12 VAL VAL L . n 
L 1 13 GLN 13 13 13 GLN GLN L . n 
L 1 14 ILE 14 14 14 ILE ILE L . n 
L 1 15 VAL 15 15 15 VAL VAL L . n 
L 1 16 TYR 16 16 16 TYR TYR L . n 
L 1 17 LYS 17 17 17 LYS LYS L . n 
L 1 18 PRO 18 18 ?  ?   ?   L . n 
L 1 19 VAL 19 19 ?  ?   ?   L . n 
# 
_cell.angle_alpha                  90.00 
_cell.angle_alpha_esd              ? 
_cell.angle_beta                   90.00 
_cell.angle_beta_esd               ? 
_cell.angle_gamma                  90.00 
_cell.angle_gamma_esd              ? 
_cell.entry_id                     8V1N 
_cell.details                      ? 
_cell.formula_units_Z              ? 
_cell.length_a                     1.00 
_cell.length_a_esd                 ? 
_cell.length_b                     1.00 
_cell.length_b_esd                 ? 
_cell.length_c                     1.00 
_cell.length_c_esd                 ? 
_cell.volume                       ? 
_cell.volume_esd                   ? 
_cell.Z_PDB                        ? 
_cell.reciprocal_angle_alpha       ? 
_cell.reciprocal_angle_beta        ? 
_cell.reciprocal_angle_gamma       ? 
_cell.reciprocal_angle_alpha_esd   ? 
_cell.reciprocal_angle_beta_esd    ? 
_cell.reciprocal_angle_gamma_esd   ? 
_cell.reciprocal_length_a          ? 
_cell.reciprocal_length_b          ? 
_cell.reciprocal_length_c          ? 
_cell.reciprocal_length_a_esd      ? 
_cell.reciprocal_length_b_esd      ? 
_cell.reciprocal_length_c_esd      ? 
_cell.pdbx_unique_axis             ? 
_cell.pdbx_esd_method              ? 
# 
_symmetry.entry_id                         8V1N 
_symmetry.cell_setting                     ? 
_symmetry.Int_Tables_number                1 
_symmetry.space_group_name_Hall            ? 
_symmetry.space_group_name_H-M             'P 1' 
_symmetry.pdbx_full_space_group_name_H-M   ? 
# 
_exptl.absorpt_coefficient_mu     ? 
_exptl.absorpt_correction_T_max   ? 
_exptl.absorpt_correction_T_min   ? 
_exptl.absorpt_correction_type    ? 
_exptl.absorpt_process_details    ? 
_exptl.entry_id                   8V1N 
_exptl.crystals_number            ? 
_exptl.details                    ? 
_exptl.method                     'ELECTRON MICROSCOPY' 
_exptl.method_details             ? 
# 
_refine.aniso_B[1][1]                            ? 
_refine.aniso_B[1][2]                            ? 
_refine.aniso_B[1][3]                            ? 
_refine.aniso_B[2][2]                            ? 
_refine.aniso_B[2][3]                            ? 
_refine.aniso_B[3][3]                            ? 
_refine.B_iso_max                                ? 
_refine.B_iso_mean                               ? 
_refine.B_iso_min                                ? 
_refine.correlation_coeff_Fo_to_Fc               ? 
_refine.correlation_coeff_Fo_to_Fc_free          ? 
_refine.details                                  ? 
_refine.diff_density_max                         ? 
_refine.diff_density_max_esd                     ? 
_refine.diff_density_min                         ? 
_refine.diff_density_min_esd                     ? 
_refine.diff_density_rms                         ? 
_refine.diff_density_rms_esd                     ? 
_refine.entry_id                                 8V1N 
_refine.pdbx_refine_id                           'ELECTRON MICROSCOPY' 
_refine.ls_abs_structure_details                 ? 
_refine.ls_abs_structure_Flack                   ? 
_refine.ls_abs_structure_Flack_esd               ? 
_refine.ls_abs_structure_Rogers                  ? 
_refine.ls_abs_structure_Rogers_esd              ? 
_refine.ls_d_res_high                            . 
_refine.ls_d_res_low                             ? 
_refine.ls_extinction_coef                       ? 
_refine.ls_extinction_coef_esd                   ? 
_refine.ls_extinction_expression                 ? 
_refine.ls_extinction_method                     ? 
_refine.ls_goodness_of_fit_all                   ? 
_refine.ls_goodness_of_fit_all_esd               ? 
_refine.ls_goodness_of_fit_obs                   ? 
_refine.ls_goodness_of_fit_obs_esd               ? 
_refine.ls_hydrogen_treatment                    ? 
_refine.ls_matrix_type                           ? 
_refine.ls_number_constraints                    ? 
_refine.ls_number_parameters                     ? 
_refine.ls_number_reflns_all                     ? 
_refine.ls_number_reflns_obs                     ? 
_refine.ls_number_reflns_R_free                  ? 
_refine.ls_number_reflns_R_work                  ? 
_refine.ls_number_restraints                     ? 
_refine.ls_percent_reflns_obs                    ? 
_refine.ls_percent_reflns_R_free                 ? 
_refine.ls_R_factor_all                          ? 
_refine.ls_R_factor_obs                          ? 
_refine.ls_R_factor_R_free                       ? 
_refine.ls_R_factor_R_free_error                 ? 
_refine.ls_R_factor_R_free_error_details         ? 
_refine.ls_R_factor_R_work                       ? 
_refine.ls_R_Fsqd_factor_obs                     ? 
_refine.ls_R_I_factor_obs                        ? 
_refine.ls_redundancy_reflns_all                 ? 
_refine.ls_redundancy_reflns_obs                 ? 
_refine.ls_restrained_S_all                      ? 
_refine.ls_restrained_S_obs                      ? 
_refine.ls_shift_over_esd_max                    ? 
_refine.ls_shift_over_esd_mean                   ? 
_refine.ls_structure_factor_coef                 ? 
_refine.ls_weighting_details                     ? 
_refine.ls_weighting_scheme                      ? 
_refine.ls_wR_factor_all                         ? 
_refine.ls_wR_factor_obs                         ? 
_refine.ls_wR_factor_R_free                      ? 
_refine.ls_wR_factor_R_work                      ? 
_refine.occupancy_max                            ? 
_refine.occupancy_min                            ? 
_refine.solvent_model_details                    ? 
_refine.solvent_model_param_bsol                 ? 
_refine.solvent_model_param_ksol                 ? 
_refine.pdbx_R_complete                          ? 
_refine.ls_R_factor_gt                           ? 
_refine.ls_goodness_of_fit_gt                    ? 
_refine.ls_goodness_of_fit_ref                   ? 
_refine.ls_shift_over_su_max                     ? 
_refine.ls_shift_over_su_max_lt                  ? 
_refine.ls_shift_over_su_mean                    ? 
_refine.ls_shift_over_su_mean_lt                 ? 
_refine.pdbx_ls_sigma_I                          ? 
_refine.pdbx_ls_sigma_F                          ? 
_refine.pdbx_ls_sigma_Fsqd                       ? 
_refine.pdbx_data_cutoff_high_absF               ? 
_refine.pdbx_data_cutoff_high_rms_absF           ? 
_refine.pdbx_data_cutoff_low_absF                ? 
_refine.pdbx_isotropic_thermal_model             ? 
_refine.pdbx_ls_cross_valid_method               NONE 
_refine.pdbx_method_to_determine_struct          ? 
_refine.pdbx_starting_model                      ? 
_refine.pdbx_stereochemistry_target_values       ? 
_refine.pdbx_R_Free_selection_details            ? 
_refine.pdbx_stereochem_target_val_spec_case     ? 
_refine.pdbx_overall_ESU_R                       ? 
_refine.pdbx_overall_ESU_R_Free                  ? 
_refine.pdbx_solvent_vdw_probe_radii             ? 
_refine.pdbx_solvent_ion_probe_radii             ? 
_refine.pdbx_solvent_shrinkage_radii             ? 
_refine.pdbx_real_space_R                        ? 
_refine.pdbx_density_correlation                 ? 
_refine.pdbx_pd_number_of_powder_patterns        ? 
_refine.pdbx_pd_number_of_points                 ? 
_refine.pdbx_pd_meas_number_of_points            ? 
_refine.pdbx_pd_proc_ls_prof_R_factor            ? 
_refine.pdbx_pd_proc_ls_prof_wR_factor           ? 
_refine.pdbx_pd_Marquardt_correlation_coeff      ? 
_refine.pdbx_pd_Fsqrd_R_factor                   ? 
_refine.pdbx_pd_ls_matrix_band_width             ? 
_refine.pdbx_overall_phase_error                 ? 
_refine.pdbx_overall_SU_R_free_Cruickshank_DPI   ? 
_refine.pdbx_overall_SU_R_free_Blow_DPI          ? 
_refine.pdbx_overall_SU_R_Blow_DPI               ? 
_refine.pdbx_TLS_residual_ADP_flag               ? 
_refine.pdbx_diffrn_id                           ? 
_refine.overall_SU_B                             ? 
_refine.overall_SU_ML                            ? 
_refine.overall_SU_R_Cruickshank_DPI             ? 
_refine.overall_SU_R_free                        ? 
_refine.overall_FOM_free_R_set                   ? 
_refine.overall_FOM_work_R_set                   ? 
_refine.pdbx_average_fsc_overall                 ? 
_refine.pdbx_average_fsc_work                    ? 
_refine.pdbx_average_fsc_free                    ? 
# 
_struct.entry_id                     8V1N 
_struct.title                        'Cryo-EM structure of tau filaments made from jR2R3-P301L peptides induced with heparin' 
_struct.pdbx_model_details           ? 
_struct.pdbx_formula_weight          ? 
_struct.pdbx_formula_weight_method   ? 
_struct.pdbx_model_type_details      ? 
_struct.pdbx_CASP_flag               N 
# 
_struct_keywords.entry_id        8V1N 
_struct_keywords.text            'tau, amyloid, filament, P301L, PROTEIN FIBRIL' 
_struct_keywords.pdbx_keywords   'PROTEIN FIBRIL' 
# 
loop_
_struct_asym.id 
_struct_asym.pdbx_blank_PDB_chainid_flag 
_struct_asym.pdbx_modified 
_struct_asym.entity_id 
_struct_asym.details 
A N N 1 ? 
B N N 1 ? 
C N N 1 ? 
D N N 1 ? 
E N N 1 ? 
F N N 1 ? 
G N N 1 ? 
H N N 1 ? 
I N N 1 ? 
J N N 1 ? 
K N N 1 ? 
L N N 1 ? 
# 
_struct_ref.id                         1 
_struct_ref.db_name                    UNP 
_struct_ref.db_code                    TAU_HUMAN 
_struct_ref.pdbx_db_accession          P10636 
_struct_ref.pdbx_db_isoform            ? 
_struct_ref.entity_id                  1 
_struct_ref.pdbx_seq_one_letter_code   DNIKHVPGGGSVQIVYKPV 
_struct_ref.pdbx_align_begin           612 
# 
loop_
_struct_ref_seq.align_id 
_struct_ref_seq.ref_id 
_struct_ref_seq.pdbx_PDB_id_code 
_struct_ref_seq.pdbx_strand_id 
_struct_ref_seq.seq_align_beg 
_struct_ref_seq.pdbx_seq_align_beg_ins_code 
_struct_ref_seq.seq_align_end 
_struct_ref_seq.pdbx_seq_align_end_ins_code 
_struct_ref_seq.pdbx_db_accession 
_struct_ref_seq.db_align_beg 
_struct_ref_seq.pdbx_db_align_beg_ins_code 
_struct_ref_seq.db_align_end 
_struct_ref_seq.pdbx_db_align_end_ins_code 
_struct_ref_seq.pdbx_auth_seq_align_beg 
_struct_ref_seq.pdbx_auth_seq_align_end 
1  1 8V1N A 1 ? 19 ? P10636 612 ? 630 ? 1 19 
2  1 8V1N B 1 ? 19 ? P10636 612 ? 630 ? 1 19 
3  1 8V1N C 1 ? 19 ? P10636 612 ? 630 ? 1 19 
4  1 8V1N D 1 ? 19 ? P10636 612 ? 630 ? 1 19 
5  1 8V1N E 1 ? 19 ? P10636 612 ? 630 ? 1 19 
6  1 8V1N F 1 ? 19 ? P10636 612 ? 630 ? 1 19 
7  1 8V1N G 1 ? 19 ? P10636 612 ? 630 ? 1 19 
8  1 8V1N H 1 ? 19 ? P10636 612 ? 630 ? 1 19 
9  1 8V1N I 1 ? 19 ? P10636 612 ? 630 ? 1 19 
10 1 8V1N J 1 ? 19 ? P10636 612 ? 630 ? 1 19 
11 1 8V1N K 1 ? 19 ? P10636 612 ? 630 ? 1 19 
12 1 8V1N L 1 ? 19 ? P10636 612 ? 630 ? 1 19 
# 
loop_
_struct_ref_seq_dif.align_id 
_struct_ref_seq_dif.pdbx_pdb_id_code 
_struct_ref_seq_dif.mon_id 
_struct_ref_seq_dif.pdbx_pdb_strand_id 
_struct_ref_seq_dif.seq_num 
_struct_ref_seq_dif.pdbx_pdb_ins_code 
_struct_ref_seq_dif.pdbx_seq_db_name 
_struct_ref_seq_dif.pdbx_seq_db_accession_code 
_struct_ref_seq_dif.db_mon_id 
_struct_ref_seq_dif.pdbx_seq_db_seq_num 
_struct_ref_seq_dif.details 
_struct_ref_seq_dif.pdbx_auth_seq_num 
_struct_ref_seq_dif.pdbx_ordinal 
1  8V1N LEU A 7 ? UNP P10636 PRO 618 'engineered mutation' 7 1  
2  8V1N LEU B 7 ? UNP P10636 PRO 618 'engineered mutation' 7 2  
3  8V1N LEU C 7 ? UNP P10636 PRO 618 'engineered mutation' 7 3  
4  8V1N LEU D 7 ? UNP P10636 PRO 618 'engineered mutation' 7 4  
5  8V1N LEU E 7 ? UNP P10636 PRO 618 'engineered mutation' 7 5  
6  8V1N LEU F 7 ? UNP P10636 PRO 618 'engineered mutation' 7 6  
7  8V1N LEU G 7 ? UNP P10636 PRO 618 'engineered mutation' 7 7  
8  8V1N LEU H 7 ? UNP P10636 PRO 618 'engineered mutation' 7 8  
9  8V1N LEU I 7 ? UNP P10636 PRO 618 'engineered mutation' 7 9  
10 8V1N LEU J 7 ? UNP P10636 PRO 618 'engineered mutation' 7 10 
11 8V1N LEU K 7 ? UNP P10636 PRO 618 'engineered mutation' 7 11 
12 8V1N LEU L 7 ? UNP P10636 PRO 618 'engineered mutation' 7 12 
# 
_pdbx_struct_assembly.id                   1 
_pdbx_struct_assembly.details              author_defined_assembly 
_pdbx_struct_assembly.method_details       ? 
_pdbx_struct_assembly.oligomeric_details   dodecameric 
_pdbx_struct_assembly.oligomeric_count     12 
# 
_pdbx_struct_assembly_gen.assembly_id       1 
_pdbx_struct_assembly_gen.oper_expression   1 
_pdbx_struct_assembly_gen.asym_id_list      A,B,C,D,E,F,G,H,I,J,K,L 
# 
_pdbx_struct_assembly_auth_evidence.id                     1 
_pdbx_struct_assembly_auth_evidence.assembly_id            1 
_pdbx_struct_assembly_auth_evidence.experimental_support   'electron microscopy' 
_pdbx_struct_assembly_auth_evidence.details                'not applicable' 
# 
_pdbx_struct_oper_list.id                   1 
_pdbx_struct_oper_list.type                 'identity operation' 
_pdbx_struct_oper_list.name                 1_555 
_pdbx_struct_oper_list.symmetry_operation   ? 
_pdbx_struct_oper_list.matrix[1][1]         1.0000000000 
_pdbx_struct_oper_list.matrix[1][2]         0.0000000000 
_pdbx_struct_oper_list.matrix[1][3]         0.0000000000 
_pdbx_struct_oper_list.vector[1]            0.0000000000 
_pdbx_struct_oper_list.matrix[2][1]         0.0000000000 
_pdbx_struct_oper_list.matrix[2][2]         1.0000000000 
_pdbx_struct_oper_list.matrix[2][3]         0.0000000000 
_pdbx_struct_oper_list.vector[2]            0.0000000000 
_pdbx_struct_oper_list.matrix[3][1]         0.0000000000 
_pdbx_struct_oper_list.matrix[3][2]         0.0000000000 
_pdbx_struct_oper_list.matrix[3][3]         1.0000000000 
_pdbx_struct_oper_list.vector[3]            0.0000000000 
# 
loop_
_struct_sheet.id 
_struct_sheet.type 
_struct_sheet.number_strands 
_struct_sheet.details 
AA1 ? 3 ? 
AA2 ? 3 ? 
AA3 ? 3 ? 
AA4 ? 3 ? 
AA5 ? 3 ? 
AA6 ? 3 ? 
AA7 ? 3 ? 
AA8 ? 3 ? 
# 
loop_
_struct_sheet_order.sheet_id 
_struct_sheet_order.range_id_1 
_struct_sheet_order.range_id_2 
_struct_sheet_order.offset 
_struct_sheet_order.sense 
AA1 1 2 ? parallel 
AA1 2 3 ? parallel 
AA2 1 2 ? parallel 
AA2 2 3 ? parallel 
AA3 1 2 ? parallel 
AA3 2 3 ? parallel 
AA4 1 2 ? parallel 
AA4 2 3 ? parallel 
AA5 1 2 ? parallel 
AA5 2 3 ? parallel 
AA6 1 2 ? parallel 
AA6 2 3 ? parallel 
AA7 1 2 ? parallel 
AA7 2 3 ? parallel 
AA8 1 2 ? parallel 
AA8 2 3 ? parallel 
# 
loop_
_struct_sheet_range.sheet_id 
_struct_sheet_range.id 
_struct_sheet_range.beg_label_comp_id 
_struct_sheet_range.beg_label_asym_id 
_struct_sheet_range.beg_label_seq_id 
_struct_sheet_range.pdbx_beg_PDB_ins_code 
_struct_sheet_range.end_label_comp_id 
_struct_sheet_range.end_label_asym_id 
_struct_sheet_range.end_label_seq_id 
_struct_sheet_range.pdbx_end_PDB_ins_code 
_struct_sheet_range.beg_auth_comp_id 
_struct_sheet_range.beg_auth_asym_id 
_struct_sheet_range.beg_auth_seq_id 
_struct_sheet_range.end_auth_comp_id 
_struct_sheet_range.end_auth_asym_id 
_struct_sheet_range.end_auth_seq_id 
AA1 1 ILE E 3  ? VAL E 6  ? ILE E 3  VAL E 6  
AA1 2 ILE A 3  ? VAL A 6  ? ILE A 3  VAL A 6  
AA1 3 ILE I 3  ? VAL I 6  ? ILE I 3  VAL I 6  
AA2 1 SER E 11 ? VAL E 12 ? SER E 11 VAL E 12 
AA2 2 SER A 11 ? VAL A 12 ? SER A 11 VAL A 12 
AA2 3 SER I 11 ? VAL I 12 ? SER I 11 VAL I 12 
AA3 1 LEU F 7  ? GLY F 8  ? LEU F 7  GLY F 8  
AA3 2 LEU B 7  ? GLY B 8  ? LEU B 7  GLY B 8  
AA3 3 LEU J 7  ? GLY J 8  ? LEU J 7  GLY J 8  
AA4 1 VAL F 12 ? VAL F 15 ? VAL F 12 VAL F 15 
AA4 2 VAL B 12 ? VAL B 15 ? VAL B 12 VAL B 15 
AA4 3 VAL J 12 ? VAL J 15 ? VAL J 12 VAL J 15 
AA5 1 ILE G 3  ? VAL G 6  ? ILE G 3  VAL G 6  
AA5 2 ILE C 3  ? VAL C 6  ? ILE C 3  VAL C 6  
AA5 3 ILE K 3  ? VAL K 6  ? ILE K 3  VAL K 6  
AA6 1 SER G 11 ? VAL G 12 ? SER G 11 VAL G 12 
AA6 2 SER C 11 ? VAL C 12 ? SER C 11 VAL C 12 
AA6 3 SER K 11 ? VAL K 12 ? SER K 11 VAL K 12 
AA7 1 LEU H 7  ? GLY H 8  ? LEU H 7  GLY H 8  
AA7 2 LEU D 7  ? GLY D 8  ? LEU D 7  GLY D 8  
AA7 3 LEU L 7  ? GLY L 8  ? LEU L 7  GLY L 8  
AA8 1 VAL H 12 ? TYR H 16 ? VAL H 12 TYR H 16 
AA8 2 VAL D 12 ? TYR D 16 ? VAL D 12 TYR D 16 
AA8 3 VAL L 12 ? TYR L 16 ? VAL L 12 TYR L 16 
# 
loop_
_pdbx_struct_sheet_hbond.sheet_id 
_pdbx_struct_sheet_hbond.range_id_1 
_pdbx_struct_sheet_hbond.range_id_2 
_pdbx_struct_sheet_hbond.range_1_label_atom_id 
_pdbx_struct_sheet_hbond.range_1_label_comp_id 
_pdbx_struct_sheet_hbond.range_1_label_asym_id 
_pdbx_struct_sheet_hbond.range_1_label_seq_id 
_pdbx_struct_sheet_hbond.range_1_PDB_ins_code 
_pdbx_struct_sheet_hbond.range_1_auth_atom_id 
_pdbx_struct_sheet_hbond.range_1_auth_comp_id 
_pdbx_struct_sheet_hbond.range_1_auth_asym_id 
_pdbx_struct_sheet_hbond.range_1_auth_seq_id 
_pdbx_struct_sheet_hbond.range_2_label_atom_id 
_pdbx_struct_sheet_hbond.range_2_label_comp_id 
_pdbx_struct_sheet_hbond.range_2_label_asym_id 
_pdbx_struct_sheet_hbond.range_2_label_seq_id 
_pdbx_struct_sheet_hbond.range_2_PDB_ins_code 
_pdbx_struct_sheet_hbond.range_2_auth_atom_id 
_pdbx_struct_sheet_hbond.range_2_auth_comp_id 
_pdbx_struct_sheet_hbond.range_2_auth_asym_id 
_pdbx_struct_sheet_hbond.range_2_auth_seq_id 
AA1 1 2 O VAL E 6  ? O VAL E 6  N HIS A 5  ? N HIS A 5  
AA1 2 3 N VAL A 6  ? N VAL A 6  O HIS I 5  ? O HIS I 5  
AA2 1 2 O VAL E 12 ? O VAL E 12 N SER A 11 ? N SER A 11 
AA2 2 3 N VAL A 12 ? N VAL A 12 O SER I 11 ? O SER I 11 
AA3 1 2 O GLY F 8  ? O GLY F 8  N LEU B 7  ? N LEU B 7  
AA3 2 3 N GLY B 8  ? N GLY B 8  O LEU J 7  ? O LEU J 7  
AA4 1 2 O VAL F 15 ? O VAL F 15 N ILE B 14 ? N ILE B 14 
AA4 2 3 N GLN B 13 ? N GLN B 13 O ILE J 14 ? O ILE J 14 
AA5 1 2 O ILE G 3  ? O ILE G 3  N LYS C 4  ? N LYS C 4  
AA5 2 3 N ILE C 3  ? N ILE C 3  O LYS K 4  ? O LYS K 4  
AA6 1 2 O VAL G 12 ? O VAL G 12 N SER C 11 ? N SER C 11 
AA6 2 3 N VAL C 12 ? N VAL C 12 O SER K 11 ? O SER K 11 
AA7 1 2 O GLY H 8  ? O GLY H 8  N LEU D 7  ? N LEU D 7  
AA7 2 3 N GLY D 8  ? N GLY D 8  O LEU L 7  ? O LEU L 7  
AA8 1 2 O VAL H 15 ? O VAL H 15 N TYR D 16 ? N TYR D 16 
AA8 2 3 N VAL D 15 ? N VAL D 15 O TYR L 16 ? O TYR L 16 
# 
_pdbx_entry_details.entry_id                   8V1N 
_pdbx_entry_details.compound_details           ? 
_pdbx_entry_details.source_details             ? 
_pdbx_entry_details.nonpolymer_details         ? 
_pdbx_entry_details.sequence_details           ? 
_pdbx_entry_details.has_ligand_of_interest     ? 
_pdbx_entry_details.has_protein_modification   N 
# 
_space_group_symop.id              1 
_space_group_symop.operation_xyz   x,y,z 
# 
_em_3d_fitting.id                1 
_em_3d_fitting.entry_id          8V1N 
_em_3d_fitting.method            ? 
_em_3d_fitting.target_criteria   ? 
_em_3d_fitting.details           ? 
_em_3d_fitting.overall_b_value   ? 
_em_3d_fitting.ref_space         ? 
_em_3d_fitting.ref_protocol      ? 
# 
_em_3d_reconstruction.entry_id                    8V1N 
_em_3d_reconstruction.id                          1 
_em_3d_reconstruction.method                      ? 
_em_3d_reconstruction.algorithm                   'FOURIER SPACE' 
_em_3d_reconstruction.citation_id                 ? 
_em_3d_reconstruction.details                     ? 
_em_3d_reconstruction.resolution                  3.0 
_em_3d_reconstruction.resolution_method           'FSC 0.143 CUT-OFF' 
_em_3d_reconstruction.magnification_calibration   ? 
_em_3d_reconstruction.nominal_pixel_size          ? 
_em_3d_reconstruction.actual_pixel_size           ? 
_em_3d_reconstruction.num_particles               85235 
_em_3d_reconstruction.euler_angles_details        ? 
_em_3d_reconstruction.num_class_averages          ? 
_em_3d_reconstruction.refinement_type             ? 
_em_3d_reconstruction.image_processing_id         1 
_em_3d_reconstruction.symmetry_type               HELICAL 
# 
_em_buffer.id            1 
_em_buffer.specimen_id   1 
_em_buffer.name          ? 
_em_buffer.details       '20mM ammoniium acetate, 50mM NaCl' 
_em_buffer.pH            7.4 
# 
_em_entity_assembly.id                   1 
_em_entity_assembly.parent_id            0 
_em_entity_assembly.source               RECOMBINANT 
_em_entity_assembly.type                 CELL 
_em_entity_assembly.name                 'Filament of tau jR2R3-P301L peptide indued with heparin' 
_em_entity_assembly.details              ? 
_em_entity_assembly.synonym              ? 
_em_entity_assembly.oligomeric_details   ? 
_em_entity_assembly.entity_id_list       1 
# 
_em_imaging.entry_id                        8V1N 
_em_imaging.id                              1 
_em_imaging.astigmatism                     ? 
_em_imaging.electron_beam_tilt_params       ? 
_em_imaging.residual_tilt                   ? 
_em_imaging.microscope_model                'FEI TITAN KRIOS' 
_em_imaging.specimen_holder_type            ? 
_em_imaging.specimen_holder_model           'FEI TITAN KRIOS AUTOGRID HOLDER' 
_em_imaging.details                         ? 
_em_imaging.date                            ? 
_em_imaging.accelerating_voltage            300 
_em_imaging.illumination_mode               'FLOOD BEAM' 
_em_imaging.mode                            'BRIGHT FIELD' 
_em_imaging.nominal_cs                      ? 
_em_imaging.nominal_defocus_min             1000 
_em_imaging.nominal_defocus_max             2000 
_em_imaging.calibrated_defocus_min          ? 
_em_imaging.calibrated_defocus_max          ? 
_em_imaging.tilt_angle_min                  ? 
_em_imaging.tilt_angle_max                  ? 
_em_imaging.nominal_magnification           ? 
_em_imaging.calibrated_magnification        ? 
_em_imaging.electron_source                 'FIELD EMISSION GUN' 
_em_imaging.citation_id                     ? 
_em_imaging.temperature                     ? 
_em_imaging.detector_distance               ? 
_em_imaging.recording_temperature_minimum   ? 
_em_imaging.recording_temperature_maximum   ? 
_em_imaging.alignment_procedure             ? 
_em_imaging.c2_aperture_diameter            ? 
_em_imaging.specimen_id                     1 
_em_imaging.cryogen                         NITROGEN 
# 
_em_sample_support.id               1 
_em_sample_support.film_material    ? 
_em_sample_support.method           ? 
_em_sample_support.grid_material    ? 
_em_sample_support.grid_mesh_size   ? 
_em_sample_support.grid_type        ? 
_em_sample_support.details          ? 
_em_sample_support.specimen_id      1 
_em_sample_support.citation_id      ? 
# 
_em_vitrification.entry_id              8V1N 
_em_vitrification.id                    1 
_em_vitrification.specimen_id           1 
_em_vitrification.cryogen_name          ETHANE 
_em_vitrification.humidity              100 
_em_vitrification.temp                  ? 
_em_vitrification.chamber_temperature   277 
_em_vitrification.instrument            'FEI VITROBOT MARK IV' 
_em_vitrification.method                ? 
_em_vitrification.time_resolved_state   ? 
_em_vitrification.citation_id           ? 
_em_vitrification.details               ? 
# 
_em_experiment.entry_id                8V1N 
_em_experiment.id                      1 
_em_experiment.reconstruction_method   HELICAL 
_em_experiment.aggregation_state       FILAMENT 
_em_experiment.entity_assembly_id      1 
# 
loop_
_pdbx_unobs_or_zero_occ_residues.id 
_pdbx_unobs_or_zero_occ_residues.PDB_model_num 
_pdbx_unobs_or_zero_occ_residues.polymer_flag 
_pdbx_unobs_or_zero_occ_residues.occupancy_flag 
_pdbx_unobs_or_zero_occ_residues.auth_asym_id 
_pdbx_unobs_or_zero_occ_residues.auth_comp_id 
_pdbx_unobs_or_zero_occ_residues.auth_seq_id 
_pdbx_unobs_or_zero_occ_residues.PDB_ins_code 
_pdbx_unobs_or_zero_occ_residues.label_asym_id 
_pdbx_unobs_or_zero_occ_residues.label_comp_id 
_pdbx_unobs_or_zero_occ_residues.label_seq_id 
1  1 Y 1 A PRO 18 ? A PRO 18 
2  1 Y 1 A VAL 19 ? A VAL 19 
3  1 Y 1 B ASP 1  ? B ASP 1  
4  1 Y 1 B ASN 2  ? B ASN 2  
5  1 Y 1 B PRO 18 ? B PRO 18 
6  1 Y 1 B VAL 19 ? B VAL 19 
7  1 Y 1 C PRO 18 ? C PRO 18 
8  1 Y 1 C VAL 19 ? C VAL 19 
9  1 Y 1 D ASP 1  ? D ASP 1  
10 1 Y 1 D ASN 2  ? D ASN 2  
11 1 Y 1 D PRO 18 ? D PRO 18 
12 1 Y 1 D VAL 19 ? D VAL 19 
13 1 Y 1 E PRO 18 ? E PRO 18 
14 1 Y 1 E VAL 19 ? E VAL 19 
15 1 Y 1 F ASP 1  ? F ASP 1  
16 1 Y 1 F ASN 2  ? F ASN 2  
17 1 Y 1 F PRO 18 ? F PRO 18 
18 1 Y 1 F VAL 19 ? F VAL 19 
19 1 Y 1 G PRO 18 ? G PRO 18 
20 1 Y 1 G VAL 19 ? G VAL 19 
21 1 Y 1 H ASP 1  ? H ASP 1  
22 1 Y 1 H ASN 2  ? H ASN 2  
23 1 Y 1 H PRO 18 ? H PRO 18 
24 1 Y 1 H VAL 19 ? H VAL 19 
25 1 Y 1 I PRO 18 ? I PRO 18 
26 1 Y 1 I VAL 19 ? I VAL 19 
27 1 Y 1 J ASP 1  ? J ASP 1  
28 1 Y 1 J ASN 2  ? J ASN 2  
29 1 Y 1 J PRO 18 ? J PRO 18 
30 1 Y 1 J VAL 19 ? J VAL 19 
31 1 Y 1 K PRO 18 ? K PRO 18 
32 1 Y 1 K VAL 19 ? K VAL 19 
33 1 Y 1 L ASP 1  ? L ASP 1  
34 1 Y 1 L ASN 2  ? L ASN 2  
35 1 Y 1 L PRO 18 ? L PRO 18 
36 1 Y 1 L VAL 19 ? L VAL 19 
# 
loop_
_chem_comp_atom.comp_id 
_chem_comp_atom.atom_id 
_chem_comp_atom.type_symbol 
_chem_comp_atom.pdbx_aromatic_flag 
_chem_comp_atom.pdbx_stereo_config 
_chem_comp_atom.pdbx_ordinal 
ASN N    N N N 1   
ASN CA   C N S 2   
ASN C    C N N 3   
ASN O    O N N 4   
ASN CB   C N N 5   
ASN CG   C N N 6   
ASN OD1  O N N 7   
ASN ND2  N N N 8   
ASN OXT  O N N 9   
ASN H    H N N 10  
ASN H2   H N N 11  
ASN HA   H N N 12  
ASN HB2  H N N 13  
ASN HB3  H N N 14  
ASN HD21 H N N 15  
ASN HD22 H N N 16  
ASN HXT  H N N 17  
ASP N    N N N 18  
ASP CA   C N S 19  
ASP C    C N N 20  
ASP O    O N N 21  
ASP CB   C N N 22  
ASP CG   C N N 23  
ASP OD1  O N N 24  
ASP OD2  O N N 25  
ASP OXT  O N N 26  
ASP H    H N N 27  
ASP H2   H N N 28  
ASP HA   H N N 29  
ASP HB2  H N N 30  
ASP HB3  H N N 31  
ASP HD2  H N N 32  
ASP HXT  H N N 33  
GLN N    N N N 34  
GLN CA   C N S 35  
GLN C    C N N 36  
GLN O    O N N 37  
GLN CB   C N N 38  
GLN CG   C N N 39  
GLN CD   C N N 40  
GLN OE1  O N N 41  
GLN NE2  N N N 42  
GLN OXT  O N N 43  
GLN H    H N N 44  
GLN H2   H N N 45  
GLN HA   H N N 46  
GLN HB2  H N N 47  
GLN HB3  H N N 48  
GLN HG2  H N N 49  
GLN HG3  H N N 50  
GLN HE21 H N N 51  
GLN HE22 H N N 52  
GLN HXT  H N N 53  
GLY N    N N N 54  
GLY CA   C N N 55  
GLY C    C N N 56  
GLY O    O N N 57  
GLY OXT  O N N 58  
GLY H    H N N 59  
GLY H2   H N N 60  
GLY HA2  H N N 61  
GLY HA3  H N N 62  
GLY HXT  H N N 63  
HIS N    N N N 64  
HIS CA   C N S 65  
HIS C    C N N 66  
HIS O    O N N 67  
HIS CB   C N N 68  
HIS CG   C Y N 69  
HIS ND1  N Y N 70  
HIS CD2  C Y N 71  
HIS CE1  C Y N 72  
HIS NE2  N Y N 73  
HIS OXT  O N N 74  
HIS H    H N N 75  
HIS H2   H N N 76  
HIS HA   H N N 77  
HIS HB2  H N N 78  
HIS HB3  H N N 79  
HIS HD1  H N N 80  
HIS HD2  H N N 81  
HIS HE1  H N N 82  
HIS HE2  H N N 83  
HIS HXT  H N N 84  
ILE N    N N N 85  
ILE CA   C N S 86  
ILE C    C N N 87  
ILE O    O N N 88  
ILE CB   C N S 89  
ILE CG1  C N N 90  
ILE CG2  C N N 91  
ILE CD1  C N N 92  
ILE OXT  O N N 93  
ILE H    H N N 94  
ILE H2   H N N 95  
ILE HA   H N N 96  
ILE HB   H N N 97  
ILE HG12 H N N 98  
ILE HG13 H N N 99  
ILE HG21 H N N 100 
ILE HG22 H N N 101 
ILE HG23 H N N 102 
ILE HD11 H N N 103 
ILE HD12 H N N 104 
ILE HD13 H N N 105 
ILE HXT  H N N 106 
LEU N    N N N 107 
LEU CA   C N S 108 
LEU C    C N N 109 
LEU O    O N N 110 
LEU CB   C N N 111 
LEU CG   C N N 112 
LEU CD1  C N N 113 
LEU CD2  C N N 114 
LEU OXT  O N N 115 
LEU H    H N N 116 
LEU H2   H N N 117 
LEU HA   H N N 118 
LEU HB2  H N N 119 
LEU HB3  H N N 120 
LEU HG   H N N 121 
LEU HD11 H N N 122 
LEU HD12 H N N 123 
LEU HD13 H N N 124 
LEU HD21 H N N 125 
LEU HD22 H N N 126 
LEU HD23 H N N 127 
LEU HXT  H N N 128 
LYS N    N N N 129 
LYS CA   C N S 130 
LYS C    C N N 131 
LYS O    O N N 132 
LYS CB   C N N 133 
LYS CG   C N N 134 
LYS CD   C N N 135 
LYS CE   C N N 136 
LYS NZ   N N N 137 
LYS OXT  O N N 138 
LYS H    H N N 139 
LYS H2   H N N 140 
LYS HA   H N N 141 
LYS HB2  H N N 142 
LYS HB3  H N N 143 
LYS HG2  H N N 144 
LYS HG3  H N N 145 
LYS HD2  H N N 146 
LYS HD3  H N N 147 
LYS HE2  H N N 148 
LYS HE3  H N N 149 
LYS HZ1  H N N 150 
LYS HZ2  H N N 151 
LYS HZ3  H N N 152 
LYS HXT  H N N 153 
PRO N    N N N 154 
PRO CA   C N S 155 
PRO C    C N N 156 
PRO O    O N N 157 
PRO CB   C N N 158 
PRO CG   C N N 159 
PRO CD   C N N 160 
PRO OXT  O N N 161 
PRO H    H N N 162 
PRO HA   H N N 163 
PRO HB2  H N N 164 
PRO HB3  H N N 165 
PRO HG2  H N N 166 
PRO HG3  H N N 167 
PRO HD2  H N N 168 
PRO HD3  H N N 169 
PRO HXT  H N N 170 
SER N    N N N 171 
SER CA   C N S 172 
SER C    C N N 173 
SER O    O N N 174 
SER CB   C N N 175 
SER OG   O N N 176 
SER OXT  O N N 177 
SER H    H N N 178 
SER H2   H N N 179 
SER HA   H N N 180 
SER HB2  H N N 181 
SER HB3  H N N 182 
SER HG   H N N 183 
SER HXT  H N N 184 
TYR N    N N N 185 
TYR CA   C N S 186 
TYR C    C N N 187 
TYR O    O N N 188 
TYR CB   C N N 189 
TYR CG   C Y N 190 
TYR CD1  C Y N 191 
TYR CD2  C Y N 192 
TYR CE1  C Y N 193 
TYR CE2  C Y N 194 
TYR CZ   C Y N 195 
TYR OH   O N N 196 
TYR OXT  O N N 197 
TYR H    H N N 198 
TYR H2   H N N 199 
TYR HA   H N N 200 
TYR HB2  H N N 201 
TYR HB3  H N N 202 
TYR HD1  H N N 203 
TYR HD2  H N N 204 
TYR HE1  H N N 205 
TYR HE2  H N N 206 
TYR HH   H N N 207 
TYR HXT  H N N 208 
VAL N    N N N 209 
VAL CA   C N S 210 
VAL C    C N N 211 
VAL O    O N N 212 
VAL CB   C N N 213 
VAL CG1  C N N 214 
VAL CG2  C N N 215 
VAL OXT  O N N 216 
VAL H    H N N 217 
VAL H2   H N N 218 
VAL HA   H N N 219 
VAL HB   H N N 220 
VAL HG11 H N N 221 
VAL HG12 H N N 222 
VAL HG13 H N N 223 
VAL HG21 H N N 224 
VAL HG22 H N N 225 
VAL HG23 H N N 226 
VAL HXT  H N N 227 
# 
loop_
_chem_comp_bond.comp_id 
_chem_comp_bond.atom_id_1 
_chem_comp_bond.atom_id_2 
_chem_comp_bond.value_order 
_chem_comp_bond.pdbx_aromatic_flag 
_chem_comp_bond.pdbx_stereo_config 
_chem_comp_bond.pdbx_ordinal 
ASN N   CA   sing N N 1   
ASN N   H    sing N N 2   
ASN N   H2   sing N N 3   
ASN CA  C    sing N N 4   
ASN CA  CB   sing N N 5   
ASN CA  HA   sing N N 6   
ASN C   O    doub N N 7   
ASN C   OXT  sing N N 8   
ASN CB  CG   sing N N 9   
ASN CB  HB2  sing N N 10  
ASN CB  HB3  sing N N 11  
ASN CG  OD1  doub N N 12  
ASN CG  ND2  sing N N 13  
ASN ND2 HD21 sing N N 14  
ASN ND2 HD22 sing N N 15  
ASN OXT HXT  sing N N 16  
ASP N   CA   sing N N 17  
ASP N   H    sing N N 18  
ASP N   H2   sing N N 19  
ASP CA  C    sing N N 20  
ASP CA  CB   sing N N 21  
ASP CA  HA   sing N N 22  
ASP C   O    doub N N 23  
ASP C   OXT  sing N N 24  
ASP CB  CG   sing N N 25  
ASP CB  HB2  sing N N 26  
ASP CB  HB3  sing N N 27  
ASP CG  OD1  doub N N 28  
ASP CG  OD2  sing N N 29  
ASP OD2 HD2  sing N N 30  
ASP OXT HXT  sing N N 31  
GLN N   CA   sing N N 32  
GLN N   H    sing N N 33  
GLN N   H2   sing N N 34  
GLN CA  C    sing N N 35  
GLN CA  CB   sing N N 36  
GLN CA  HA   sing N N 37  
GLN C   O    doub N N 38  
GLN C   OXT  sing N N 39  
GLN CB  CG   sing N N 40  
GLN CB  HB2  sing N N 41  
GLN CB  HB3  sing N N 42  
GLN CG  CD   sing N N 43  
GLN CG  HG2  sing N N 44  
GLN CG  HG3  sing N N 45  
GLN CD  OE1  doub N N 46  
GLN CD  NE2  sing N N 47  
GLN NE2 HE21 sing N N 48  
GLN NE2 HE22 sing N N 49  
GLN OXT HXT  sing N N 50  
GLY N   CA   sing N N 51  
GLY N   H    sing N N 52  
GLY N   H2   sing N N 53  
GLY CA  C    sing N N 54  
GLY CA  HA2  sing N N 55  
GLY CA  HA3  sing N N 56  
GLY C   O    doub N N 57  
GLY C   OXT  sing N N 58  
GLY OXT HXT  sing N N 59  
HIS N   CA   sing N N 60  
HIS N   H    sing N N 61  
HIS N   H2   sing N N 62  
HIS CA  C    sing N N 63  
HIS CA  CB   sing N N 64  
HIS CA  HA   sing N N 65  
HIS C   O    doub N N 66  
HIS C   OXT  sing N N 67  
HIS CB  CG   sing N N 68  
HIS CB  HB2  sing N N 69  
HIS CB  HB3  sing N N 70  
HIS CG  ND1  sing Y N 71  
HIS CG  CD2  doub Y N 72  
HIS ND1 CE1  doub Y N 73  
HIS ND1 HD1  sing N N 74  
HIS CD2 NE2  sing Y N 75  
HIS CD2 HD2  sing N N 76  
HIS CE1 NE2  sing Y N 77  
HIS CE1 HE1  sing N N 78  
HIS NE2 HE2  sing N N 79  
HIS OXT HXT  sing N N 80  
ILE N   CA   sing N N 81  
ILE N   H    sing N N 82  
ILE N   H2   sing N N 83  
ILE CA  C    sing N N 84  
ILE CA  CB   sing N N 85  
ILE CA  HA   sing N N 86  
ILE C   O    doub N N 87  
ILE C   OXT  sing N N 88  
ILE CB  CG1  sing N N 89  
ILE CB  CG2  sing N N 90  
ILE CB  HB   sing N N 91  
ILE CG1 CD1  sing N N 92  
ILE CG1 HG12 sing N N 93  
ILE CG1 HG13 sing N N 94  
ILE CG2 HG21 sing N N 95  
ILE CG2 HG22 sing N N 96  
ILE CG2 HG23 sing N N 97  
ILE CD1 HD11 sing N N 98  
ILE CD1 HD12 sing N N 99  
ILE CD1 HD13 sing N N 100 
ILE OXT HXT  sing N N 101 
LEU N   CA   sing N N 102 
LEU N   H    sing N N 103 
LEU N   H2   sing N N 104 
LEU CA  C    sing N N 105 
LEU CA  CB   sing N N 106 
LEU CA  HA   sing N N 107 
LEU C   O    doub N N 108 
LEU C   OXT  sing N N 109 
LEU CB  CG   sing N N 110 
LEU CB  HB2  sing N N 111 
LEU CB  HB3  sing N N 112 
LEU CG  CD1  sing N N 113 
LEU CG  CD2  sing N N 114 
LEU CG  HG   sing N N 115 
LEU CD1 HD11 sing N N 116 
LEU CD1 HD12 sing N N 117 
LEU CD1 HD13 sing N N 118 
LEU CD2 HD21 sing N N 119 
LEU CD2 HD22 sing N N 120 
LEU CD2 HD23 sing N N 121 
LEU OXT HXT  sing N N 122 
LYS N   CA   sing N N 123 
LYS N   H    sing N N 124 
LYS N   H2   sing N N 125 
LYS CA  C    sing N N 126 
LYS CA  CB   sing N N 127 
LYS CA  HA   sing N N 128 
LYS C   O    doub N N 129 
LYS C   OXT  sing N N 130 
LYS CB  CG   sing N N 131 
LYS CB  HB2  sing N N 132 
LYS CB  HB3  sing N N 133 
LYS CG  CD   sing N N 134 
LYS CG  HG2  sing N N 135 
LYS CG  HG3  sing N N 136 
LYS CD  CE   sing N N 137 
LYS CD  HD2  sing N N 138 
LYS CD  HD3  sing N N 139 
LYS CE  NZ   sing N N 140 
LYS CE  HE2  sing N N 141 
LYS CE  HE3  sing N N 142 
LYS NZ  HZ1  sing N N 143 
LYS NZ  HZ2  sing N N 144 
LYS NZ  HZ3  sing N N 145 
LYS OXT HXT  sing N N 146 
PRO N   CA   sing N N 147 
PRO N   CD   sing N N 148 
PRO N   H    sing N N 149 
PRO CA  C    sing N N 150 
PRO CA  CB   sing N N 151 
PRO CA  HA   sing N N 152 
PRO C   O    doub N N 153 
PRO C   OXT  sing N N 154 
PRO CB  CG   sing N N 155 
PRO CB  HB2  sing N N 156 
PRO CB  HB3  sing N N 157 
PRO CG  CD   sing N N 158 
PRO CG  HG2  sing N N 159 
PRO CG  HG3  sing N N 160 
PRO CD  HD2  sing N N 161 
PRO CD  HD3  sing N N 162 
PRO OXT HXT  sing N N 163 
SER N   CA   sing N N 164 
SER N   H    sing N N 165 
SER N   H2   sing N N 166 
SER CA  C    sing N N 167 
SER CA  CB   sing N N 168 
SER CA  HA   sing N N 169 
SER C   O    doub N N 170 
SER C   OXT  sing N N 171 
SER CB  OG   sing N N 172 
SER CB  HB2  sing N N 173 
SER CB  HB3  sing N N 174 
SER OG  HG   sing N N 175 
SER OXT HXT  sing N N 176 
TYR N   CA   sing N N 177 
TYR N   H    sing N N 178 
TYR N   H2   sing N N 179 
TYR CA  C    sing N N 180 
TYR CA  CB   sing N N 181 
TYR CA  HA   sing N N 182 
TYR C   O    doub N N 183 
TYR C   OXT  sing N N 184 
TYR CB  CG   sing N N 185 
TYR CB  HB2  sing N N 186 
TYR CB  HB3  sing N N 187 
TYR CG  CD1  doub Y N 188 
TYR CG  CD2  sing Y N 189 
TYR CD1 CE1  sing Y N 190 
TYR CD1 HD1  sing N N 191 
TYR CD2 CE2  doub Y N 192 
TYR CD2 HD2  sing N N 193 
TYR CE1 CZ   doub Y N 194 
TYR CE1 HE1  sing N N 195 
TYR CE2 CZ   sing Y N 196 
TYR CE2 HE2  sing N N 197 
TYR CZ  OH   sing N N 198 
TYR OH  HH   sing N N 199 
TYR OXT HXT  sing N N 200 
VAL N   CA   sing N N 201 
VAL N   H    sing N N 202 
VAL N   H2   sing N N 203 
VAL CA  C    sing N N 204 
VAL CA  CB   sing N N 205 
VAL CA  HA   sing N N 206 
VAL C   O    doub N N 207 
VAL C   OXT  sing N N 208 
VAL CB  CG1  sing N N 209 
VAL CB  CG2  sing N N 210 
VAL CB  HB   sing N N 211 
VAL CG1 HG11 sing N N 212 
VAL CG1 HG12 sing N N 213 
VAL CG1 HG13 sing N N 214 
VAL CG2 HG21 sing N N 215 
VAL CG2 HG22 sing N N 216 
VAL CG2 HG23 sing N N 217 
VAL OXT HXT  sing N N 218 
# 
_em_admin.current_status     REL 
_em_admin.deposition_date    2023-11-20 
_em_admin.deposition_site    RCSB 
_em_admin.entry_id           8V1N 
_em_admin.last_update        2025-06-25 
_em_admin.map_release_date   2024-12-11 
_em_admin.title              'Cryo-EM structure of tau filaments made from jR2R3-P301L peptides induced with heparin' 
# 
loop_
_em_buffer_component.buffer_id 
_em_buffer_component.concentration 
_em_buffer_component.concentration_units 
_em_buffer_component.formula 
_em_buffer_component.id 
_em_buffer_component.name 
1 50 mM NaCl    1 'sodium chloride'  
1 20 mM NH4COOH 2 'ammonium acetate' 
# 
_em_ctf_correction.details                  ? 
_em_ctf_correction.em_image_processing_id   1 
_em_ctf_correction.id                       1 
_em_ctf_correction.type                     'PHASE FLIPPING AND AMPLITUDE CORRECTION' 
# 
_em_entity_assembly_naturalsource.cell                 ? 
_em_entity_assembly_naturalsource.cellular_location    ? 
_em_entity_assembly_naturalsource.entity_assembly_id   1 
_em_entity_assembly_naturalsource.id                   2 
_em_entity_assembly_naturalsource.ncbi_tax_id          9606 
_em_entity_assembly_naturalsource.organism             'Homo sapiens' 
_em_entity_assembly_naturalsource.organelle            ? 
_em_entity_assembly_naturalsource.organ                ? 
_em_entity_assembly_naturalsource.strain               ? 
_em_entity_assembly_naturalsource.tissue               ? 
_em_entity_assembly_naturalsource.details              ? 
# 
_em_entity_assembly_recombinant.cell                 ? 
_em_entity_assembly_recombinant.entity_assembly_id   1 
_em_entity_assembly_recombinant.id                   2 
_em_entity_assembly_recombinant.ncbi_tax_id          32630 
_em_entity_assembly_recombinant.organism             'synthetic construct' 
_em_entity_assembly_recombinant.plasmid              ? 
_em_entity_assembly_recombinant.strain               ? 
# 
_em_helical_entity.id                             1 
_em_helical_entity.image_processing_id            1 
_em_helical_entity.details                        ? 
_em_helical_entity.axial_symmetry                 C1 
_em_helical_entity.angular_rotation_per_subunit   179.43 
_em_helical_entity.axial_rise_per_subunit         2.39 
# 
_em_image_processing.details              ? 
_em_image_processing.id                   1 
_em_image_processing.image_recording_id   1 
# 
_em_image_recording.average_exposure_time               3.129 
_em_image_recording.avg_electron_dose_per_subtomogram   ? 
_em_image_recording.avg_electron_dose_per_image         50.0 
_em_image_recording.details                             ? 
_em_image_recording.detector_mode                       SUPER-RESOLUTION 
_em_image_recording.film_or_detector_model              'FEI FALCON III (4k x 4k)' 
_em_image_recording.id                                  1 
_em_image_recording.imaging_id                          1 
_em_image_recording.num_diffraction_images              ? 
_em_image_recording.num_grids_imaged                    1 
_em_image_recording.num_real_images                     ? 
# 
loop_
_em_software.category 
_em_software.details 
_em_software.id 
_em_software.image_processing_id 
_em_software.fitting_id 
_em_software.imaging_id 
_em_software.name 
_em_software.version 
'PARTICLE SELECTION'       'filaments were selected manually' 1  1 ? ? RELION   4.0 
'IMAGE ACQUISITION'        ?                                  2  ? ? 1 SerialEM ?   
MASKING                    ?                                  3  ? ? ? ?        ?   
'CTF CORRECTION'           ?                                  4  1 ? ? CTFFIND  4.1 
'LAYERLINE INDEXING'       ?                                  5  ? ? ? ?        ?   
'DIFFRACTION INDEXING'     ?                                  6  ? ? ? ?        ?   
'MODEL FITTING'            ?                                  7  ? ? ? ?        ?   
'MODEL REFINEMENT'         ?                                  8  ? ? ? ?        ?   
OTHER                      ?                                  9  ? ? ? ?        ?   
'INITIAL EULER ASSIGNMENT' ?                                  10 1 ? ? ?        ?   
'FINAL EULER ASSIGNMENT'   ?                                  11 1 ? ? ?        ?   
CLASSIFICATION             ?                                  12 1 ? ? ?        ?   
RECONSTRUCTION             ?                                  13 1 ? ? RELION   4.0 
# 
_em_specimen.concentration           ? 
_em_specimen.details                 ? 
_em_specimen.embedding_applied       NO 
_em_specimen.experiment_id           1 
_em_specimen.id                      1 
_em_specimen.shadowing_applied       NO 
_em_specimen.staining_applied        NO 
_em_specimen.vitrification_applied   YES 
# 
loop_
_pdbx_audit_support.funding_organization 
_pdbx_audit_support.country 
_pdbx_audit_support.grant_number 
_pdbx_audit_support.ordinal 
'National Institutes of Health/National Institute of General Medical Sciences (NIH/NIGMS)' 'United States' R35GM136411 1 
'National Institutes of Health/Office of the Director'                                     'United States' U24GM129547 2 
# 
_space_group.crystal_system   triclinic 
_space_group.name_H-M_alt     'P 1' 
_space_group.IT_number        1 
_space_group.name_Hall        'P 1' 
_space_group.id               1 
# 
_atom_sites.entry_id                    8V1N 
_atom_sites.Cartn_transf_matrix[1][1]   ? 
_atom_sites.Cartn_transf_matrix[1][2]   ? 
_atom_sites.Cartn_transf_matrix[1][3]   ? 
_atom_sites.Cartn_transf_matrix[2][1]   ? 
_atom_sites.Cartn_transf_matrix[2][2]   ? 
_atom_sites.Cartn_transf_matrix[2][3]   ? 
_atom_sites.Cartn_transf_matrix[3][1]   ? 
_atom_sites.Cartn_transf_matrix[3][2]   ? 
_atom_sites.Cartn_transf_matrix[3][3]   ? 
_atom_sites.Cartn_transf_vector[1]      ? 
_atom_sites.Cartn_transf_vector[2]      ? 
_atom_sites.Cartn_transf_vector[3]      ? 
_atom_sites.Cartn_transform_axes        ? 
_atom_sites.fract_transf_matrix[1][1]   1.000000 
_atom_sites.fract_transf_matrix[1][2]   0.000000 
_atom_sites.fract_transf_matrix[1][3]   0.000000 
_atom_sites.fract_transf_matrix[2][1]   0.000000 
_atom_sites.fract_transf_matrix[2][2]   1.000000 
_atom_sites.fract_transf_matrix[2][3]   0.000000 
_atom_sites.fract_transf_matrix[3][1]   0.000000 
_atom_sites.fract_transf_matrix[3][2]   0.000000 
_atom_sites.fract_transf_matrix[3][3]   1.000000 
_atom_sites.fract_transf_vector[1]      0.00000 
_atom_sites.fract_transf_vector[2]      0.00000 
_atom_sites.fract_transf_vector[3]      0.00000 
_atom_sites.solution_primary            ? 
_atom_sites.solution_secondary          ? 
_atom_sites.solution_hydrogens          ? 
_atom_sites.special_details             ? 
# 
loop_
_atom_type.symbol 
C 
N 
O 
# 
loop_
_atom_site.group_PDB 
_atom_site.id 
_atom_site.type_symbol 
_atom_site.label_atom_id 
_atom_site.label_alt_id 
_atom_site.label_comp_id 
_atom_site.label_asym_id 
_atom_site.label_entity_id 
_atom_site.label_seq_id 
_atom_site.pdbx_PDB_ins_code 
_atom_site.Cartn_x 
_atom_site.Cartn_y 
_atom_site.Cartn_z 
_atom_site.occupancy 
_atom_site.B_iso_or_equiv 
_atom_site.pdbx_formal_charge 
_atom_site.auth_seq_id 
_atom_site.auth_comp_id 
_atom_site.auth_asym_id 
_atom_site.auth_atom_id 
_atom_site.pdbx_PDB_model_num 
ATOM 1    N N   . ASP A 1 1  ? 0.97175   4.43465   -27.40507 1.000 124.99000 ? 1  ASP A N   1 
ATOM 2    C CA  . ASP A 1 1  ? -0.18746  4.88543   -26.64533 1.000 124.59000 ? 1  ASP A CA  1 
ATOM 3    C C   . ASP A 1 1  ? -0.70447  3.77315   -25.74011 1.000 124.05000 ? 1  ASP A C   1 
ATOM 4    O O   . ASP A 1 1  ? -1.73691  3.91878   -25.08713 1.000 124.16000 ? 1  ASP A O   1 
ATOM 5    C CB  . ASP A 1 1  ? -1.29491  5.36056   -27.58700 1.000 124.46000 ? 1  ASP A CB  1 
ATOM 6    C CG  . ASP A 1 1  ? -1.44505  6.86740   -27.59746 1.000 124.13000 ? 1  ASP A CG  1 
ATOM 7    O OD1 . ASP A 1 1  ? -1.02346  7.51270   -26.61489 1.000 123.10000 ? 1  ASP A OD1 1 
ATOM 8    O OD2 . ASP A 1 1  ? -1.98140  7.40700   -28.58730 1.000 123.38000 ? 1  ASP A OD2 1 
ATOM 9    N N   . ASN A 1 2  ? 0.02161   2.66221   -25.70599 1.000 118.90000 ? 2  ASN A N   1 
ATOM 10   C CA  . ASN A 1 2  ? -0.35620  1.50313   -24.91435 1.000 117.56000 ? 2  ASN A CA  1 
ATOM 11   C C   . ASN A 1 2  ? 0.37598   1.50534   -23.57702 1.000 118.88000 ? 2  ASN A C   1 
ATOM 12   O O   . ASN A 1 2  ? 1.31828   2.26448   -23.35568 1.000 119.23000 ? 2  ASN A O   1 
ATOM 13   C CB  . ASN A 1 2  ? -0.07258  0.21138   -25.69057 1.000 117.47000 ? 2  ASN A CB  1 
ATOM 14   C CG  . ASN A 1 2  ? 1.39651   0.03055   -26.02265 1.000 118.02000 ? 2  ASN A CG  1 
ATOM 15   O OD1 . ASN A 1 2  ? 2.23717   -0.10793  -25.13560 1.000 120.19000 ? 2  ASN A OD1 1 
ATOM 16   N ND2 . ASN A 1 2  ? 1.71066   0.02811   -27.31174 1.000 117.06000 ? 2  ASN A ND2 1 
ATOM 17   N N   . ILE A 1 3  ? -0.08905  0.65540   -22.66511 1.000 119.04000 ? 3  ILE A N   1 
ATOM 18   C CA  . ILE A 1 3  ? 0.58320   0.42874   -21.39034 1.000 118.21000 ? 3  ILE A CA  1 
ATOM 19   C C   . ILE A 1 3  ? 0.64035   -1.07329  -21.14730 1.000 117.87000 ? 3  ILE A C   1 
ATOM 20   O O   . ILE A 1 3  ? -0.27267  -1.81156  -21.53236 1.000 119.38000 ? 3  ILE A O   1 
ATOM 21   C CB  . ILE A 1 3  ? -0.11181  1.15487   -20.21543 1.000 116.40000 ? 3  ILE A CB  1 
ATOM 22   C CG1 . ILE A 1 3  ? -1.35764  0.39714   -19.76348 1.000 118.02000 ? 3  ILE A CG1 1 
ATOM 23   C CG2 . ILE A 1 3  ? -0.46188  2.59443   -20.58166 1.000 116.51000 ? 3  ILE A CG2 1 
ATOM 24   C CD1 . ILE A 1 3  ? -2.22086  1.17142   -18.81530 1.000 118.55000 ? 3  ILE A CD1 1 
ATOM 25   N N   . LYS A 1 4  ? 1.73315   -1.53174  -20.54255 1.000 112.31000 ? 4  LYS A N   1 
ATOM 26   C CA  . LYS A 1 4  ? 1.92569   -2.94960  -20.28293 1.000 112.37000 ? 4  LYS A CA  1 
ATOM 27   C C   . LYS A 1 4  ? 2.51762   -3.14380  -18.89557 1.000 111.96000 ? 4  LYS A C   1 
ATOM 28   O O   . LYS A 1 4  ? 3.27604   -2.30440  -18.40510 1.000 115.56000 ? 4  LYS A O   1 
ATOM 29   C CB  . LYS A 1 4  ? 2.84404   -3.60445  -21.32951 1.000 112.76000 ? 4  LYS A CB  1 
ATOM 30   C CG  . LYS A 1 4  ? 2.73434   -3.03218  -22.73488 1.000 112.09000 ? 4  LYS A CG  1 
ATOM 31   C CD  . LYS A 1 4  ? 3.42112   -3.92394  -23.75784 1.000 112.42000 ? 4  LYS A CD  1 
ATOM 32   C CE  . LYS A 1 4  ? 3.04074   -5.38419  -23.57435 1.000 111.86000 ? 4  LYS A CE  1 
ATOM 33   N NZ  . LYS A 1 4  ? 3.57570   -6.23605  -24.67336 1.000 111.66000 ? 4  LYS A NZ  1 
ATOM 34   N N   . HIS A 1 5  ? 2.15561   -4.26287  -18.27117 1.000 106.48000 ? 5  HIS A N   1 
ATOM 35   C CA  . HIS A 1 5  ? 2.76428   -4.72834  -17.02509 1.000 104.70000 ? 5  HIS A CA  1 
ATOM 36   C C   . HIS A 1 5  ? 2.66216   -3.68289  -15.91351 1.000 105.82000 ? 5  HIS A C   1 
ATOM 37   O O   . HIS A 1 5  ? 3.65879   -3.13909  -15.43611 1.000 112.15000 ? 5  HIS A O   1 
ATOM 38   C CB  . HIS A 1 5  ? 4.22097   -5.14087  -17.25189 1.000 107.90000 ? 5  HIS A CB  1 
ATOM 39   C CG  . HIS A 1 5  ? 4.39255   -6.24141  -18.25237 1.000 108.26000 ? 5  HIS A CG  1 
ATOM 40   N ND1 . HIS A 1 5  ? 4.13627   -6.07284  -19.59555 1.000 110.55000 ? 5  HIS A ND1 1 
ATOM 41   C CD2 . HIS A 1 5  ? 4.80261   -7.52259  -18.10534 1.000 107.99000 ? 5  HIS A CD2 1 
ATOM 42   C CE1 . HIS A 1 5  ? 4.37778   -7.20436  -20.23365 1.000 109.80000 ? 5  HIS A CE1 1 
ATOM 43   N NE2 . HIS A 1 5  ? 4.78380   -8.10055  -19.35171 1.000 110.18000 ? 5  HIS A NE2 1 
ATOM 44   N N   . VAL A 1 6  ? 1.42739   -3.40826  -15.50242 1.000 101.99000 ? 6  VAL A N   1 
ATOM 45   C CA  . VAL A 1 6  ? 1.16770   -2.54388  -14.34919 1.000 103.21000 ? 6  VAL A CA  1 
ATOM 46   C C   . VAL A 1 6  ? 0.82800   -3.47539  -13.18834 1.000 103.77000 ? 6  VAL A C   1 
ATOM 47   O O   . VAL A 1 6  ? -0.31133  -3.91075  -13.02412 1.000 108.38000 ? 6  VAL A O   1 
ATOM 48   C CB  . VAL A 1 6  ? 0.06210   -1.53059  -14.62789 1.000 104.98000 ? 6  VAL A CB  1 
ATOM 49   C CG1 . VAL A 1 6  ? -0.04893  -0.54178  -13.48097 1.000 105.11000 ? 6  VAL A CG1 1 
ATOM 50   C CG2 . VAL A 1 6  ? 0.32637   -0.80868  -15.93858 1.000 103.53000 ? 6  VAL A CG2 1 
ATOM 51   N N   . LEU A 1 7  ? 1.83154   -3.78497  -12.37203 1.000 101.00000 ? 7  LEU A N   1 
ATOM 52   C CA  . LEU A 1 7  ? 1.68117   -4.75729  -11.29650 1.000 102.09000 ? 7  LEU A CA  1 
ATOM 53   C C   . LEU A 1 7  ? 2.38690   -4.23045  -10.05288 1.000 105.17000 ? 7  LEU A C   1 
ATOM 54   O O   . LEU A 1 7  ? 2.77615   -3.06127  -9.98374  1.000 109.16000 ? 7  LEU A O   1 
ATOM 55   C CB  . LEU A 1 7  ? 2.22581   -6.12798  -11.72062 1.000 104.38000 ? 7  LEU A CB  1 
ATOM 56   C CG  . LEU A 1 7  ? 3.66331   -6.16478  -12.24359 1.000 103.53000 ? 7  LEU A CG  1 
ATOM 57   C CD1 . LEU A 1 7  ? 4.34517   -7.43367  -11.80012 1.000 103.64000 ? 7  LEU A CD1 1 
ATOM 58   C CD2 . LEU A 1 7  ? 3.68596   -6.07454  -13.75337 1.000 102.06000 ? 7  LEU A CD2 1 
ATOM 59   N N   . GLY A 1 8  ? 2.53026   -5.10127  -9.05463  1.000 109.46000 ? 8  GLY A N   1 
ATOM 60   C CA  . GLY A 1 8  ? 3.28419   -4.79585  -7.85264  1.000 108.29000 ? 8  GLY A CA  1 
ATOM 61   C C   . GLY A 1 8  ? 2.78621   -3.58893  -7.09092  1.000 108.55000 ? 8  GLY A C   1 
ATOM 62   O O   . GLY A 1 8  ? 3.58374   -2.75800  -6.64403  1.000 105.21000 ? 8  GLY A O   1 
ATOM 63   N N   . GLY A 1 9  ? 1.47099   -3.48212  -6.92782  1.000 113.52000 ? 9  GLY A N   1 
ATOM 64   C CA  . GLY A 1 9  ? 0.90342   -2.27900  -6.34809  1.000 113.46000 ? 9  GLY A CA  1 
ATOM 65   C C   . GLY A 1 9  ? 1.13973   -1.04799  -7.19130  1.000 113.81000 ? 9  GLY A C   1 
ATOM 66   O O   . GLY A 1 9  ? 1.22669   0.06149   -6.65446  1.000 111.12000 ? 9  GLY A O   1 
ATOM 67   N N   . GLY A 1 10 ? 1.24689   -1.21705  -8.50634  1.000 113.87000 ? 10 GLY A N   1 
ATOM 68   C CA  . GLY A 1 10 ? 1.51315   -0.10433  -9.39483  1.000 110.94000 ? 10 GLY A CA  1 
ATOM 69   C C   . GLY A 1 10 ? 0.23398   0.63445   -9.74804  1.000 110.22000 ? 10 GLY A C   1 
ATOM 70   O O   . GLY A 1 10 ? -0.83859  0.04339   -9.83288  1.000 107.07000 ? 10 GLY A O   1 
ATOM 71   N N   . SER A 1 11 ? 0.37967   1.95146   -9.90151  1.000 104.11000 ? 11 SER A N   1 
ATOM 72   C CA  . SER A 1 11 ? -0.79183  2.80331   -10.21010 1.000 105.16000 ? 11 SER A CA  1 
ATOM 73   C C   . SER A 1 11 ? -0.35782  3.90027   -11.17992 1.000 103.10000 ? 11 SER A C   1 
ATOM 74   O O   . SER A 1 11 ? 0.74330   4.44484   -10.99436 1.000 102.33000 ? 11 SER A O   1 
ATOM 75   C CB  . SER A 1 11 ? -1.36342  3.36909   -8.95295  1.000 104.11000 ? 11 SER A CB  1 
ATOM 76   O OG  . SER A 1 11 ? -0.31860  3.85812   -8.13079  1.000 101.42000 ? 11 SER A OG  1 
ATOM 77   N N   . VAL A 1 12 ? -1.19739  4.22116   -12.15822 1.000 96.81000  ? 12 VAL A N   1 
ATOM 78   C CA  . VAL A 1 12 ? -0.86876  5.18736   -13.19924 1.000 95.95000  ? 12 VAL A CA  1 
ATOM 79   C C   . VAL A 1 12 ? -2.12697  5.98629   -13.53186 1.000 96.46000  ? 12 VAL A C   1 
ATOM 80   O O   . VAL A 1 12 ? -3.23936  5.45426   -13.46917 1.000 100.01000 ? 12 VAL A O   1 
ATOM 81   C CB  . VAL A 1 12 ? -0.28372  4.45947   -14.42538 1.000 98.27000  ? 12 VAL A CB  1 
ATOM 82   C CG1 . VAL A 1 12 ? -0.55159  5.21154   -15.68284 1.000 97.51000  ? 12 VAL A CG1 1 
ATOM 83   C CG2 . VAL A 1 12 ? 1.21099   4.23992   -14.25008 1.000 98.63000  ? 12 VAL A CG2 1 
ATOM 84   N N   . GLN A 1 13 ? -1.97086  7.26923   -13.87560 1.000 92.87000  ? 13 GLN A N   1 
ATOM 85   C CA  . GLN A 1 13 ? -3.13034  8.15371   -13.97847 1.000 94.91000  ? 13 GLN A CA  1 
ATOM 86   C C   . GLN A 1 13 ? -3.42810  8.65584   -15.39076 1.000 93.75000  ? 13 GLN A C   1 
ATOM 87   O O   . GLN A 1 13 ? -4.52769  8.43677   -15.90788 1.000 99.34000  ? 13 GLN A O   1 
ATOM 88   C CB  . GLN A 1 13 ? -2.93108  9.35666   -13.05462 1.000 96.45000  ? 13 GLN A CB  1 
ATOM 89   C CG  . GLN A 1 13 ? -4.17126  9.78503   -12.30110 1.000 96.43000  ? 13 GLN A CG  1 
ATOM 90   C CD  . GLN A 1 13 ? -4.36584  9.00848   -11.02015 1.000 97.00000  ? 13 GLN A CD  1 
ATOM 91   O OE1 . GLN A 1 13 ? -3.58043  8.11753   -10.69503 1.000 94.70000  ? 13 GLN A OE1 1 
ATOM 92   N NE2 . GLN A 1 13 ? -5.41331  9.34538   -10.27761 1.000 97.56000  ? 13 GLN A NE2 1 
ATOM 93   N N   . ILE A 1 14 ? -2.45686  9.31973   -16.01807 1.000 90.53000  ? 14 ILE A N   1 
ATOM 94   C CA  . ILE A 1 14 ? -2.62375  10.03682  -17.28518 1.000 93.03000  ? 14 ILE A CA  1 
ATOM 95   C C   . ILE A 1 14 ? -3.91548  10.84739  -17.29827 1.000 94.52000  ? 14 ILE A C   1 
ATOM 96   O O   . ILE A 1 14 ? -4.82510  10.56363  -18.08570 1.000 97.48000  ? 14 ILE A O   1 
ATOM 97   C CB  . ILE A 1 14 ? -2.60109  9.11001   -18.51497 1.000 93.48000  ? 14 ILE A CB  1 
ATOM 98   C CG1 . ILE A 1 14 ? -1.51443  8.05251   -18.42047 1.000 93.22000  ? 14 ILE A CG1 1 
ATOM 99   C CG2 . ILE A 1 14 ? -2.34259  9.92186   -19.76804 1.000 94.74000  ? 14 ILE A CG2 1 
ATOM 100  C CD1 . ILE A 1 14 ? -2.08319  6.69074   -18.23060 1.000 93.22000  ? 14 ILE A CD1 1 
ATOM 101  N N   . VAL A 1 15 ? -4.02983  11.84007  -16.42270 1.000 97.66000  ? 15 VAL A N   1 
ATOM 102  C CA  . VAL A 1 15 ? -5.16313  12.75579  -16.50373 1.000 99.34000  ? 15 VAL A CA  1 
ATOM 103  C C   . VAL A 1 15 ? -4.91035  13.74767  -17.63209 1.000 100.42000 ? 15 VAL A C   1 
ATOM 104  O O   . VAL A 1 15 ? -3.76564  14.14994  -17.86854 1.000 99.18000  ? 15 VAL A O   1 
ATOM 105  C CB  . VAL A 1 15 ? -5.39836  13.48227  -15.16720 1.000 99.01000  ? 15 VAL A CB  1 
ATOM 106  C CG1 . VAL A 1 15 ? -6.61374  14.38976  -15.25605 1.000 100.26000 ? 15 VAL A CG1 1 
ATOM 107  C CG2 . VAL A 1 15 ? -5.57651  12.47717  -14.05662 1.000 97.47000  ? 15 VAL A CG2 1 
ATOM 108  N N   . TYR A 1 16 ? -5.96990  14.13289  -18.34300 1.000 104.96000 ? 16 TYR A N   1 
ATOM 109  C CA  . TYR A 1 16 ? -5.90474  15.17046  -19.37394 1.000 106.79000 ? 16 TYR A CA  1 
ATOM 110  C C   . TYR A 1 16 ? -4.99700  14.75050  -20.52716 1.000 107.11000 ? 16 TYR A C   1 
ATOM 111  O O   . TYR A 1 16 ? -4.05907  15.45343  -20.90852 1.000 103.99000 ? 16 TYR A O   1 
ATOM 112  C CB  . TYR A 1 16 ? -5.44787  16.50148  -18.77473 1.000 106.33000 ? 16 TYR A CB  1 
ATOM 113  C CG  . TYR A 1 16 ? -6.19317  17.71363  -19.28166 1.000 107.13000 ? 16 TYR A CG  1 
ATOM 114  C CD1 . TYR A 1 16 ? -6.36375  17.93209  -20.64078 1.000 106.56000 ? 16 TYR A CD1 1 
ATOM 115  C CD2 . TYR A 1 16 ? -6.71893  18.64566  -18.39624 1.000 105.98000 ? 16 TYR A CD2 1 
ATOM 116  C CE1 . TYR A 1 16 ? -7.04118  19.04389  -21.10633 1.000 105.42000 ? 16 TYR A CE1 1 
ATOM 117  C CE2 . TYR A 1 16 ? -7.39862  19.75964  -18.85144 1.000 106.92000 ? 16 TYR A CE2 1 
ATOM 118  C CZ  . TYR A 1 16 ? -7.55652  19.95365  -20.20679 1.000 106.39000 ? 16 TYR A CZ  1 
ATOM 119  O OH  . TYR A 1 16 ? -8.23289  21.06145  -20.66286 1.000 104.78000 ? 16 TYR A OH  1 
ATOM 120  N N   . LYS A 1 17 ? -5.28687  13.58186  -21.09078 1.000 109.23000 ? 17 LYS A N   1 
ATOM 121  C CA  . LYS A 1 17 ? -4.52028  13.07882  -22.22690 1.000 109.12000 ? 17 LYS A CA  1 
ATOM 122  C C   . LYS A 1 17 ? -5.03401  13.65986  -23.54127 1.000 109.51000 ? 17 LYS A C   1 
ATOM 123  O O   . LYS A 1 17 ? -6.11421  13.30320  -24.01223 1.000 106.32000 ? 17 LYS A O   1 
ATOM 124  C CB  . LYS A 1 17 ? -4.56400  11.54968  -22.27532 1.000 108.90000 ? 17 LYS A CB  1 
ATOM 125  C CG  . LYS A 1 17 ? -4.00132  10.95453  -23.55914 1.000 108.70000 ? 17 LYS A CG  1 
ATOM 126  C CD  . LYS A 1 17 ? -2.94557  9.90420   -23.26487 1.000 107.24000 ? 17 LYS A CD  1 
ATOM 127  C CE  . LYS A 1 17 ? -3.00599  8.75588   -24.25404 1.000 106.67000 ? 17 LYS A CE  1 
ATOM 128  N NZ  . LYS A 1 17 ? -2.38592  7.52138   -23.69830 1.000 105.03000 ? 17 LYS A NZ  1 
ATOM 129  N N   . ILE B 1 3  ? 9.06699   -12.18076 -14.92330 1.000 99.24000  ? 3  ILE B N   1 
ATOM 130  C CA  . ILE B 1 3  ? 8.60281   -11.42572 -13.76805 1.000 100.95000 ? 3  ILE B CA  1 
ATOM 131  C C   . ILE B 1 3  ? 8.12290   -12.42036 -12.71161 1.000 99.97000  ? 3  ILE B C   1 
ATOM 132  O O   . ILE B 1 3  ? 7.28220   -13.27262 -12.99290 1.000 100.33000 ? 3  ILE B O   1 
ATOM 133  C CB  . ILE B 1 3  ? 7.50214   -10.42004 -14.16978 1.000 100.45000 ? 3  ILE B CB  1 
ATOM 134  C CG1 . ILE B 1 3  ? 6.76434   -9.89770  -12.93984 1.000 98.05000  ? 3  ILE B CG1 1 
ATOM 135  C CG2 . ILE B 1 3  ? 6.54009   -11.04307 -15.16711 1.000 98.55000  ? 3  ILE B CG2 1 
ATOM 136  C CD1 . ILE B 1 3  ? 7.66174   -9.13689  -11.99620 1.000 100.47000 ? 3  ILE B CD1 1 
ATOM 137  N N   . LYS B 1 4  ? 8.65798   -12.31611 -11.49608 1.000 96.80000  ? 4  LYS B N   1 
ATOM 138  C CA  . LYS B 1 4  ? 8.45437   -13.37674 -10.51975 1.000 96.84000  ? 4  LYS B CA  1 
ATOM 139  C C   . LYS B 1 4  ? 8.64631   -12.82531 -9.11286  1.000 94.64000  ? 4  LYS B C   1 
ATOM 140  O O   . LYS B 1 4  ? 9.51452   -11.98040 -8.88720  1.000 96.27000  ? 4  LYS B O   1 
ATOM 141  C CB  . LYS B 1 4  ? 9.41837   -14.54123 -10.80173 1.000 98.38000  ? 4  LYS B CB  1 
ATOM 142  C CG  . LYS B 1 4  ? 9.39636   -15.71075 -9.82382  1.000 99.65000  ? 4  LYS B CG  1 
ATOM 143  C CD  . LYS B 1 4  ? 10.45702  -15.57718 -8.74171  1.000 98.11000  ? 4  LYS B CD  1 
ATOM 144  C CE  . LYS B 1 4  ? 10.47909  -16.79795 -7.83513  1.000 97.91000  ? 4  LYS B CE  1 
ATOM 145  N NZ  . LYS B 1 4  ? 9.60794   -16.64489 -6.63975  1.000 97.16000  ? 4  LYS B NZ  1 
ATOM 146  N N   . HIS B 1 5  ? 7.81198   -13.29992 -8.18577  1.000 94.83000  ? 5  HIS B N   1 
ATOM 147  C CA  . HIS B 1 5  ? 7.89839   -12.99806 -6.75882  1.000 95.30000  ? 5  HIS B CA  1 
ATOM 148  C C   . HIS B 1 5  ? 7.68593   -11.52387 -6.44042  1.000 95.20000  ? 5  HIS B C   1 
ATOM 149  O O   . HIS B 1 5  ? 8.01264   -11.07330 -5.33814  1.000 94.40000  ? 5  HIS B O   1 
ATOM 150  C CB  . HIS B 1 5  ? 9.24185   -13.45126 -6.18856  1.000 96.92000  ? 5  HIS B CB  1 
ATOM 151  C CG  . HIS B 1 5  ? 9.18247   -13.83126 -4.74301  1.000 98.30000  ? 5  HIS B CG  1 
ATOM 152  N ND1 . HIS B 1 5  ? 8.63243   -15.01774 -4.30661  1.000 96.96000  ? 5  HIS B ND1 1 
ATOM 153  C CD2 . HIS B 1 5  ? 9.59669   -13.17792 -3.63253  1.000 98.93000  ? 5  HIS B CD2 1 
ATOM 154  C CE1 . HIS B 1 5  ? 8.71542   -15.08085 -2.98942  1.000 98.92000  ? 5  HIS B CE1 1 
ATOM 155  N NE2 . HIS B 1 5  ? 9.29631   -13.97620 -2.55606  1.000 100.09000 ? 5  HIS B NE2 1 
ATOM 156  N N   . VAL B 1 6  ? 7.14411   -10.76304 -7.38504  1.000 96.36000  ? 6  VAL B N   1 
ATOM 157  C CA  . VAL B 1 6  ? 6.84023   -9.35747  -7.14674  1.000 96.29000  ? 6  VAL B CA  1 
ATOM 158  C C   . VAL B 1 6  ? 5.75383   -9.25763  -6.08521  1.000 98.00000  ? 6  VAL B C   1 
ATOM 159  O O   . VAL B 1 6  ? 4.69842   -9.88814  -6.20367  1.000 101.67000 ? 6  VAL B O   1 
ATOM 160  C CB  . VAL B 1 6  ? 6.41246   -8.66096  -8.44765  1.000 97.16000  ? 6  VAL B CB  1 
ATOM 161  C CG1 . VAL B 1 6  ? 5.55252   -9.59648  -9.26481  1.000 97.58000  ? 6  VAL B CG1 1 
ATOM 162  C CG2 . VAL B 1 6  ? 5.67208   -7.37707  -8.14302  1.000 96.56000  ? 6  VAL B CG2 1 
ATOM 163  N N   . LEU B 1 7  ? 5.99783   -8.47247  -5.03857  1.000 95.38000  ? 7  LEU B N   1 
ATOM 164  C CA  . LEU B 1 7  ? 5.00780   -8.31174  -3.97857  1.000 95.87000  ? 7  LEU B CA  1 
ATOM 165  C C   . LEU B 1 7  ? 5.14040   -6.92402  -3.37080  1.000 96.58000  ? 7  LEU B C   1 
ATOM 166  O O   . LEU B 1 7  ? 6.23461   -6.52067  -2.97148  1.000 99.22000  ? 7  LEU B O   1 
ATOM 167  C CB  . LEU B 1 7  ? 5.15981   -9.40984  -2.91814  1.000 97.15000  ? 7  LEU B CB  1 
ATOM 168  C CG  . LEU B 1 7  ? 6.30174   -9.40141  -1.90130  1.000 96.36000  ? 7  LEU B CG  1 
ATOM 169  C CD1 . LEU B 1 7  ? 5.82287   -8.85668  -0.57129  1.000 98.04000  ? 7  LEU B CD1 1 
ATOM 170  C CD2 . LEU B 1 7  ? 6.87237   -10.79901 -1.73348  1.000 95.67000  ? 7  LEU B CD2 1 
ATOM 171  N N   . GLY B 1 8  ? 4.02980   -6.19100  -3.30767  1.000 99.96000  ? 8  GLY B N   1 
ATOM 172  C CA  . GLY B 1 8  ? 4.06415   -4.82014  -2.84655  1.000 103.23000 ? 8  GLY B CA  1 
ATOM 173  C C   . GLY B 1 8  ? 2.77107   -4.42085  -2.16920  1.000 102.73000 ? 8  GLY B C   1 
ATOM 174  O O   . GLY B 1 8  ? 1.81716   -5.19824  -2.09121  1.000 100.25000 ? 8  GLY B O   1 
ATOM 175  N N   . GLY B 1 9  ? 2.75168   -3.18734  -1.67276  1.000 108.79000 ? 9  GLY B N   1 
ATOM 176  C CA  . GLY B 1 9  ? 1.62309   -2.64670  -0.95207  1.000 109.95000 ? 9  GLY B CA  1 
ATOM 177  C C   . GLY B 1 9  ? 0.71145   -1.81129  -1.82669  1.000 110.28000 ? 9  GLY B C   1 
ATOM 178  O O   . GLY B 1 9  ? 0.63355   -1.99028  -3.04736  1.000 109.72000 ? 9  GLY B O   1 
ATOM 179  N N   . GLY B 1 10 ? 0.01164   -0.87828  -1.18849  1.000 112.72000 ? 10 GLY B N   1 
ATOM 180  C CA  . GLY B 1 10 ? -0.94873  -0.03893  -1.86830  1.000 111.97000 ? 10 GLY B CA  1 
ATOM 181  C C   . GLY B 1 10 ? -0.29991  1.12999   -2.58569  1.000 112.24000 ? 10 GLY B C   1 
ATOM 182  O O   . GLY B 1 10 ? 0.91089   1.18467   -2.80093  1.000 112.73000 ? 10 GLY B O   1 
ATOM 183  N N   . SER B 1 11 ? -1.14673  2.07633   -2.98166  1.000 107.82000 ? 11 SER B N   1 
ATOM 184  C CA  . SER B 1 11 ? -0.69820  3.29694   -3.63534  1.000 107.56000 ? 11 SER B CA  1 
ATOM 185  C C   . SER B 1 11 ? -1.78781  4.34880   -3.49303  1.000 106.26000 ? 11 SER B C   1 
ATOM 186  O O   . SER B 1 11 ? -2.97707  4.02411   -3.53087  1.000 106.51000 ? 11 SER B O   1 
ATOM 187  C CB  . SER B 1 11 ? -0.37512  3.06090   -5.11636  1.000 108.17000 ? 11 SER B CB  1 
ATOM 188  O OG  . SER B 1 11 ? 0.56979   2.01640   -5.27730  1.000 109.10000 ? 11 SER B OG  1 
ATOM 189  N N   . VAL B 1 12 ? -1.37635  5.60277   -3.32619  1.000 103.61000 ? 12 VAL B N   1 
ATOM 190  C CA  . VAL B 1 12 ? -2.29571  6.71750   -3.14714  1.000 103.52000 ? 12 VAL B CA  1 
ATOM 191  C C   . VAL B 1 12 ? -1.87047  7.85166   -4.06973  1.000 105.73000 ? 12 VAL B C   1 
ATOM 192  O O   . VAL B 1 12 ? -0.69521  8.23203   -4.09049  1.000 107.38000 ? 12 VAL B O   1 
ATOM 193  C CB  . VAL B 1 12 ? -2.33142  7.18930   -1.68116  1.000 104.24000 ? 12 VAL B CB  1 
ATOM 194  C CG1 . VAL B 1 12 ? -2.93567  8.57042   -1.58316  1.000 104.88000 ? 12 VAL B CG1 1 
ATOM 195  C CG2 . VAL B 1 12 ? -3.11238  6.20492   -0.83067  1.000 104.20000 ? 12 VAL B CG2 1 
ATOM 196  N N   . GLN B 1 13 ? -2.82416  8.39050   -4.83041  1.000 100.76000 ? 13 GLN B N   1 
ATOM 197  C CA  . GLN B 1 13 ? -2.56524  9.50767   -5.72685  1.000 100.72000 ? 13 GLN B CA  1 
ATOM 198  C C   . GLN B 1 13 ? -3.83779  10.31405  -5.91944  1.000 100.67000 ? 13 GLN B C   1 
ATOM 199  O O   . GLN B 1 13 ? -4.88998  9.75861   -6.24380  1.000 102.41000 ? 13 GLN B O   1 
ATOM 200  C CB  . GLN B 1 13 ? -2.04301  9.02502   -7.07972  1.000 101.23000 ? 13 GLN B CB  1 
ATOM 201  C CG  . GLN B 1 13 ? -2.76510  7.81151   -7.60660  1.000 101.12000 ? 13 GLN B CG  1 
ATOM 202  C CD  . GLN B 1 13 ? -1.81320  6.80192   -8.19191  1.000 101.22000 ? 13 GLN B CD  1 
ATOM 203  O OE1 . GLN B 1 13 ? -1.15337  6.06643   -7.46057  1.000 100.38000 ? 13 GLN B OE1 1 
ATOM 204  N NE2 . GLN B 1 13 ? -1.73543  6.75581   -9.51588  1.000 101.50000 ? 13 GLN B NE2 1 
ATOM 205  N N   . ILE B 1 14 ? -3.73884  11.62545  -5.72142  1.000 98.69000  ? 14 ILE B N   1 
ATOM 206  C CA  . ILE B 1 14 ? -4.89038  12.51444  -5.80862  1.000 99.47000  ? 14 ILE B CA  1 
ATOM 207  C C   . ILE B 1 14 ? -4.51632  13.71748  -6.66294  1.000 98.95000  ? 14 ILE B C   1 
ATOM 208  O O   . ILE B 1 14 ? -3.41045  14.25558  -6.54570  1.000 103.31000 ? 14 ILE B O   1 
ATOM 209  C CB  . ILE B 1 14 ? -5.37292  12.97428  -4.41790  1.000 98.57000  ? 14 ILE B CB  1 
ATOM 210  C CG1 . ILE B 1 14 ? -5.47140  11.79731  -3.44916  1.000 98.94000  ? 14 ILE B CG1 1 
ATOM 211  C CG2 . ILE B 1 14 ? -6.73147  13.60089  -4.52880  1.000 102.06000 ? 14 ILE B CG2 1 
ATOM 212  C CD1 . ILE B 1 14 ? -4.31017  11.70273  -2.50045  1.000 97.83000  ? 14 ILE B CD1 1 
ATOM 213  N N   . VAL B 1 15 ? -5.43787  14.13694  -7.52771  1.000 98.58000  ? 15 VAL B N   1 
ATOM 214  C CA  . VAL B 1 15 ? -5.25724  15.31154  -8.37235  1.000 97.70000  ? 15 VAL B CA  1 
ATOM 215  C C   . VAL B 1 15 ? -6.54155  16.12740  -8.34860  1.000 100.86000 ? 15 VAL B C   1 
ATOM 216  O O   . VAL B 1 15 ? -7.62158  15.59733  -8.62606  1.000 105.45000 ? 15 VAL B O   1 
ATOM 217  C CB  . VAL B 1 15 ? -4.89409  14.92480  -9.81904  1.000 99.03000  ? 15 VAL B CB  1 
ATOM 218  C CG1 . VAL B 1 15 ? -5.06378  16.11696  -10.74686 1.000 100.12000 ? 15 VAL B CG1 1 
ATOM 219  C CG2 . VAL B 1 15 ? -3.47542  14.39113  -9.88691  1.000 101.20000 ? 15 VAL B CG2 1 
ATOM 220  N N   . TYR B 1 16 ? -6.42666  17.41028  -8.01864  1.000 103.01000 ? 16 TYR B N   1 
ATOM 221  C CA  . TYR B 1 16 ? -7.53915  18.34342  -8.10962  1.000 104.57000 ? 16 TYR B CA  1 
ATOM 222  C C   . TYR B 1 16 ? -7.38874  19.21180  -9.34949  1.000 104.46000 ? 16 TYR B C   1 
ATOM 223  O O   . TYR B 1 16 ? -6.27986  19.42413  -9.84548  1.000 104.17000 ? 16 TYR B O   1 
ATOM 224  C CB  . TYR B 1 16 ? -7.63497  19.24813  -6.87561  1.000 105.90000 ? 16 TYR B CB  1 
ATOM 225  C CG  . TYR B 1 16 ? -7.52591  18.54662  -5.54319  1.000 105.30000 ? 16 TYR B CG  1 
ATOM 226  C CD1 . TYR B 1 16 ? -6.93122  19.17260  -4.45749  1.000 104.40000 ? 16 TYR B CD1 1 
ATOM 227  C CD2 . TYR B 1 16 ? -8.04362  17.27618  -5.35911  1.000 105.21000 ? 16 TYR B CD2 1 
ATOM 228  C CE1 . TYR B 1 16 ? -6.84105  18.54244  -3.23337  1.000 104.51000 ? 16 TYR B CE1 1 
ATOM 229  C CE2 . TYR B 1 16 ? -7.96078  16.64427  -4.13913  1.000 105.47000 ? 16 TYR B CE2 1 
ATOM 230  C CZ  . TYR B 1 16 ? -7.35495  17.27602  -3.08071  1.000 104.61000 ? 16 TYR B CZ  1 
ATOM 231  O OH  . TYR B 1 16 ? -7.27001  16.63929  -1.86437  1.000 103.13000 ? 16 TYR B OH  1 
ATOM 232  N N   . LYS B 1 17 ? -8.51590  19.70593  -9.85005  1.000 107.50000 ? 17 LYS B N   1 
ATOM 233  C CA  . LYS B 1 17 ? -8.51458  20.65404  -10.96061 1.000 107.92000 ? 17 LYS B CA  1 
ATOM 234  C C   . LYS B 1 17 ? -9.57179  21.73285  -10.74790 1.000 107.88000 ? 17 LYS B C   1 
ATOM 235  O O   . LYS B 1 17 ? -10.09488 22.30028  -11.70651 1.000 108.07000 ? 17 LYS B O   1 
ATOM 236  C CB  . LYS B 1 17 ? -8.75434  19.94492  -12.29711 1.000 108.76000 ? 17 LYS B CB  1 
ATOM 237  C CG  . LYS B 1 17 ? -7.82062  18.77700  -12.58412 1.000 107.70000 ? 17 LYS B CG  1 
ATOM 238  C CD  . LYS B 1 17 ? -6.46197  19.26147  -13.06023 1.000 106.73000 ? 17 LYS B CD  1 
ATOM 239  C CE  . LYS B 1 17 ? -6.51979  19.75721  -14.49394 1.000 107.73000 ? 17 LYS B CE  1 
ATOM 240  N NZ  . LYS B 1 17 ? -7.59328  19.08512  -15.27405 1.000 106.23000 ? 17 LYS B NZ  1 
ATOM 241  N N   . ASP C 1 1  ? -3.61395  -5.51426  27.20661  1.000 120.61000 ? 1  ASP C N   1 
ATOM 242  C CA  . ASP C 1 1  ? -3.37623  -6.49790  26.15648  1.000 121.19000 ? 1  ASP C CA  1 
ATOM 243  C C   . ASP C 1 1  ? -4.15936  -6.14061  24.89807  1.000 120.66000 ? 1  ASP C C   1 
ATOM 244  O O   . ASP C 1 1  ? -4.34974  -6.97487  24.01491  1.000 120.71000 ? 1  ASP C O   1 
ATOM 245  C CB  . ASP C 1 1  ? -3.75898  -7.89926  26.63797  1.000 121.06000 ? 1  ASP C CB  1 
ATOM 246  C CG  . ASP C 1 1  ? -2.69222  -8.93177  26.33341  1.000 120.75000 ? 1  ASP C CG  1 
ATOM 247  O OD1 . ASP C 1 1  ? -2.09903  -8.86782  25.23640  1.000 120.52000 ? 1  ASP C OD1 1 
ATOM 248  O OD2 . ASP C 1 1  ? -2.45034  -9.80811  27.18895  1.000 119.79000 ? 1  ASP C OD2 1 
ATOM 249  N N   . ASN C 1 2  ? -4.60864  -4.89322  24.82448  1.000 116.28000 ? 2  ASN C N   1 
ATOM 250  C CA  . ASN C 1 2  ? -5.42258  -4.41767  23.71804  1.000 115.04000 ? 2  ASN C CA  1 
ATOM 251  C C   . ASN C 1 2  ? -4.56860  -3.66533  22.70247  1.000 116.30000 ? 2  ASN C C   1 
ATOM 252  O O   . ASN C 1 2  ? -3.38486  -3.40711  22.91645  1.000 116.05000 ? 2  ASN C O   1 
ATOM 253  C CB  . ASN C 1 2  ? -6.55994  -3.52767  24.23797  1.000 114.86000 ? 2  ASN C CB  1 
ATOM 254  C CG  . ASN C 1 2  ? -6.06017  -2.27106  24.92664  1.000 116.15000 ? 2  ASN C CG  1 
ATOM 255  O OD1 . ASN C 1 2  ? -5.44904  -1.40335  24.30386  1.000 117.90000 ? 2  ASN C OD1 1 
ATOM 256  N ND2 . ASN C 1 2  ? -6.32577  -2.16667  26.22270  1.000 115.40000 ? 2  ASN C ND2 1 
ATOM 257  N N   . ILE C 1 3  ? -5.18338  -3.33470  21.56982  1.000 115.62000 ? 3  ILE C N   1 
ATOM 258  C CA  . ILE C 1 3  ? -4.57694  -2.47647  20.55801  1.000 114.91000 ? 3  ILE C CA  1 
ATOM 259  C C   . ILE C 1 3  ? -5.62891  -1.47883  20.09432  1.000 113.93000 ? 3  ILE C C   1 
ATOM 260  O O   . ILE C 1 3  ? -6.82306  -1.79802  20.05048  1.000 115.01000 ? 3  ILE C O   1 
ATOM 261  C CB  . ILE C 1 3  ? -4.00886  -3.27678  19.36230  1.000 113.28000 ? 3  ILE C CB  1 
ATOM 262  C CG1 . ILE C 1 3  ? -5.12570  -3.72224  18.42056  1.000 114.95000 ? 3  ILE C CG1 1 
ATOM 263  C CG2 . ILE C 1 3  ? -3.18369  -4.47235  19.83198  1.000 113.79000 ? 3  ILE C CG2 1 
ATOM 264  C CD1 . ILE C 1 3  ? -4.68865  -4.74026  17.41041  1.000 115.64000 ? 3  ILE C CD1 1 
ATOM 265  N N   . LYS C 1 4  ? -5.19513  -0.25863  19.78538  1.000 108.94000 ? 4  LYS C N   1 
ATOM 266  C CA  . LYS C 1 4  ? -6.11257  0.80166   19.39626  1.000 108.73000 ? 4  LYS C CA  1 
ATOM 267  C C   . LYS C 1 4  ? -5.49712  1.64065   18.28496  1.000 108.51000 ? 4  LYS C C   1 
ATOM 268  O O   . LYS C 1 4  ? -4.27462  1.76779   18.18618  1.000 113.14000 ? 4  LYS C O   1 
ATOM 269  C CB  . LYS C 1 4  ? -6.47272  1.71405   20.58366  1.000 109.50000 ? 4  LYS C CB  1 
ATOM 270  C CG  . LYS C 1 4  ? -6.53057  1.02592   21.94253  1.000 108.73000 ? 4  LYS C CG  1 
ATOM 271  C CD  . LYS C 1 4  ? -7.22638  1.88930   22.98333  1.000 108.83000 ? 4  LYS C CD  1 
ATOM 272  C CE  . LYS C 1 4  ? -8.53839  2.44892   22.46105  1.000 108.65000 ? 4  LYS C CE  1 
ATOM 273  N NZ  . LYS C 1 4  ? -9.30352  3.14711   23.53181  1.000 108.47000 ? 4  LYS C NZ  1 
ATOM 274  N N   . HIS C 1 5  ? -6.36697  2.21042   17.45193  1.000 103.31000 ? 5  HIS C N   1 
ATOM 275  C CA  . HIS C 1 5  ? -6.00644  3.22988   16.46482  1.000 102.56000 ? 5  HIS C CA  1 
ATOM 276  C C   . HIS C 1 5  ? -4.88810  2.75945   15.53272  1.000 103.36000 ? 5  HIS C C   1 
ATOM 277  O O   . HIS C 1 5  ? -3.82820  3.37622   15.42586  1.000 109.44000 ? 5  HIS C O   1 
ATOM 278  C CB  . HIS C 1 5  ? -5.61893  4.54094   17.15414  1.000 105.80000 ? 5  HIS C CB  1 
ATOM 279  C CG  . HIS C 1 5  ? -6.71116  5.13744   17.98501  1.000 105.44000 ? 5  HIS C CG  1 
ATOM 280  N ND1 . HIS C 1 5  ? -7.20666  4.52669   19.11648  1.000 107.81000 ? 5  HIS C ND1 1 
ATOM 281  C CD2 . HIS C 1 5  ? -7.39559  6.29886   17.85426  1.000 104.61000 ? 5  HIS C CD2 1 
ATOM 282  C CE1 . HIS C 1 5  ? -8.15337  5.28268   19.64411  1.000 106.71000 ? 5  HIS C CE1 1 
ATOM 283  N NE2 . HIS C 1 5  ? -8.28745  6.36352   18.89690  1.000 106.75000 ? 5  HIS C NE2 1 
ATOM 284  N N   . VAL C 1 6  ? -5.14294  1.64670   14.84881  1.000 99.39000  ? 6  VAL C N   1 
ATOM 285  C CA  . VAL C 1 6  ? -4.22632  1.14156   13.82385  1.000 101.68000 ? 6  VAL C CA  1 
ATOM 286  C C   . VAL C 1 6  ? -4.73999  1.67301   12.48847  1.000 102.28000 ? 6  VAL C C   1 
ATOM 287  O O   . VAL C 1 6  ? -5.57433  1.05604   11.82801  1.000 107.02000 ? 6  VAL C O   1 
ATOM 288  C CB  . VAL C 1 6  ? -4.12580  -0.38058  13.84562  1.000 103.47000 ? 6  VAL C CB  1 
ATOM 289  C CG1 . VAL C 1 6  ? -3.06417  -0.85393  12.86694  1.000 102.85000 ? 6  VAL C CG1 1 
ATOM 290  C CG2 . VAL C 1 6  ? -3.81667  -0.86839  15.25129  1.000 100.64000 ? 6  VAL C CG2 1 
ATOM 291  N N   . LEU C 1 7  ? -4.23108  2.83470   12.08281  1.000 102.20000 ? 7  LEU C N   1 
ATOM 292  C CA  . LEU C 1 7  ? -4.68913  3.49742   10.86657  1.000 103.34000 ? 7  LEU C CA  1 
ATOM 293  C C   . LEU C 1 7  ? -3.47330  3.90331   10.03991  1.000 105.97000 ? 7  LEU C C   1 
ATOM 294  O O   . LEU C 1 7  ? -2.34107  3.50652   10.32697  1.000 110.12000 ? 7  LEU C O   1 
ATOM 295  C CB  . LEU C 1 7  ? -5.57222  4.70912   11.19107  1.000 106.48000 ? 7  LEU C CB  1 
ATOM 296  C CG  . LEU C 1 7  ? -5.03339  5.74468   12.18150  1.000 104.42000 ? 7  LEU C CG  1 
ATOM 297  C CD1 . LEU C 1 7  ? -5.44167  7.14027   11.75577  1.000 103.53000 ? 7  LEU C CD1 1 
ATOM 298  C CD2 . LEU C 1 7  ? -5.54546  5.45924   13.57718  1.000 103.19000 ? 7  LEU C CD2 1 
ATOM 299  N N   . GLY C 1 8  ? -3.72573  4.68847   8.99230   1.000 109.01000 ? 8  GLY C N   1 
ATOM 300  C CA  . GLY C 1 8  ? -2.68359  5.30760   8.19428   1.000 108.20000 ? 8  GLY C CA  1 
ATOM 301  C C   . GLY C 1 8  ? -1.62605  4.36698   7.66033   1.000 108.68000 ? 8  GLY C C   1 
ATOM 302  O O   . GLY C 1 8  ? -0.42939  4.59932   7.85459   1.000 106.67000 ? 8  GLY C O   1 
ATOM 303  N N   . GLY C 1 9  ? -2.05097  3.30742   6.97792   1.000 110.86000 ? 9  GLY C N   1 
ATOM 304  C CA  . GLY C 1 9  ? -1.10905  2.30918   6.50418   1.000 110.88000 ? 9  GLY C CA  1 
ATOM 305  C C   . GLY C 1 9  ? -0.38185  1.58985   7.61521   1.000 111.70000 ? 9  GLY C C   1 
ATOM 306  O O   . GLY C 1 9  ? 0.78443   1.21799   7.45077   1.000 108.99000 ? 9  GLY C O   1 
ATOM 307  N N   . GLY C 1 10 ? -1.04515  1.38085   8.75129   1.000 112.75000 ? 10 GLY C N   1 
ATOM 308  C CA  . GLY C 1 10 ? -0.43522  0.72717   9.89081   1.000 110.46000 ? 10 GLY C CA  1 
ATOM 309  C C   . GLY C 1 10 ? -0.67187  -0.77313  9.83766   1.000 109.65000 ? 10 GLY C C   1 
ATOM 310  O O   . GLY C 1 10 ? -1.74615  -1.22832  9.44611   1.000 105.68000 ? 10 GLY C O   1 
ATOM 311  N N   . SER C 1 11 ? 0.34919   -1.52635  10.23347  1.000 104.81000 ? 11 SER C N   1 
ATOM 312  C CA  . SER C 1 11 ? 0.28001   -2.98397  10.22931  1.000 105.03000 ? 11 SER C CA  1 
ATOM 313  C C   . SER C 1 11 ? 0.99668   -3.50103  11.46683  1.000 102.53000 ? 11 SER C C   1 
ATOM 314  O O   . SER C 1 11 ? 2.11709   -3.07616  11.76104  1.000 101.41000 ? 11 SER C O   1 
ATOM 315  C CB  . SER C 1 11 ? 0.89643   -3.56401  8.95716   1.000 103.08000 ? 11 SER C CB  1 
ATOM 316  O OG  . SER C 1 11 ? 2.24020   -3.14517  8.80010   1.000 102.68000 ? 11 SER C OG  1 
ATOM 317  N N   . VAL C 1 12 ? 0.34759   -4.40564  12.19018  1.000 97.12000  ? 12 VAL C N   1 
ATOM 318  C CA  . VAL C 1 12 ? 0.92099   -5.04089  13.36980  1.000 95.34000  ? 12 VAL C CA  1 
ATOM 319  C C   . VAL C 1 12 ? 1.00073   -6.53563  13.09897  1.000 95.76000  ? 12 VAL C C   1 
ATOM 320  O O   . VAL C 1 12 ? 0.04493   -7.13333  12.59146  1.000 98.86000  ? 12 VAL C O   1 
ATOM 321  C CB  . VAL C 1 12 ? 0.08986   -4.74553  14.62660  1.000 98.28000  ? 12 VAL C CB  1 
ATOM 322  C CG1 . VAL C 1 12 ? 0.87228   -5.10837  15.86999  1.000 95.70000  ? 12 VAL C CG1 1 
ATOM 323  C CG2 . VAL C 1 12 ? -0.31491  -3.28301  14.65453  1.000 98.28000  ? 12 VAL C CG2 1 
ATOM 324  N N   . GLN C 1 13 ? 2.13884   -7.14045  13.42712  1.000 92.74000  ? 13 GLN C N   1 
ATOM 325  C CA  . GLN C 1 13 ? 2.41010   -8.53747  13.09513  1.000 95.96000  ? 13 GLN C CA  1 
ATOM 326  C C   . GLN C 1 13 ? 2.84257   -9.35077  14.30665  1.000 96.33000  ? 13 GLN C C   1 
ATOM 327  O O   . GLN C 1 13 ? 3.84868   -10.06061 14.25471  1.000 98.11000  ? 13 GLN C O   1 
ATOM 328  C CB  . GLN C 1 13 ? 3.46218   -8.61297  11.99379  1.000 96.02000  ? 13 GLN C CB  1 
ATOM 329  C CG  . GLN C 1 13 ? 2.94336   -9.17577  10.69025  1.000 97.53000  ? 13 GLN C CG  1 
ATOM 330  C CD  . GLN C 1 13 ? 3.04274   -10.67953 10.63426  1.000 99.14000  ? 13 GLN C CD  1 
ATOM 331  O OE1 . GLN C 1 13 ? 3.51576   -11.31181 11.57512  1.000 97.29000  ? 13 GLN C OE1 1 
ATOM 332  N NE2 . GLN C 1 13 ? 2.59253   -11.26263 9.53092   1.000 99.22000  ? 13 GLN C NE2 1 
ATOM 333  N N   . ILE C 1 14 ? 2.10695   -9.26359  15.41245  1.000 94.18000  ? 14 ILE C N   1 
ATOM 334  C CA  . ILE C 1 14 ? 2.42824   -10.01796 16.61986  1.000 93.91000  ? 14 ILE C CA  1 
ATOM 335  C C   . ILE C 1 14 ? 2.32209   -11.51057 16.34259  1.000 92.79000  ? 14 ILE C C   1 
ATOM 336  O O   . ILE C 1 14 ? 1.26886   -12.00001 15.92404  1.000 95.87000  ? 14 ILE C O   1 
ATOM 337  C CB  . ILE C 1 14 ? 1.50824   -9.61268  17.78460  1.000 94.72000  ? 14 ILE C CB  1 
ATOM 338  C CG1 . ILE C 1 14 ? 1.20051   -8.11814  17.71945  1.000 94.30000  ? 14 ILE C CG1 1 
ATOM 339  C CG2 . ILE C 1 14 ? 2.14281   -9.97280  19.11122  1.000 96.67000  ? 14 ILE C CG2 1 
ATOM 340  C CD1 . ILE C 1 14 ? 0.41685   -7.59911  18.90112  1.000 95.28000  ? 14 ILE C CD1 1 
ATOM 341  N N   . VAL C 1 15 ? 3.41262   -12.24321 16.56923  1.000 99.02000  ? 15 VAL C N   1 
ATOM 342  C CA  . VAL C 1 15 ? 3.41994   -13.69618 16.42110  1.000 101.72000 ? 15 VAL C CA  1 
ATOM 343  C C   . VAL C 1 15 ? 3.96138   -14.30996 17.70592  1.000 102.69000 ? 15 VAL C C   1 
ATOM 344  O O   . VAL C 1 15 ? 4.67372   -13.64721 18.46656  1.000 100.93000 ? 15 VAL C O   1 
ATOM 345  C CB  . VAL C 1 15 ? 4.25603   -14.14341 15.20510  1.000 101.03000 ? 15 VAL C CB  1 
ATOM 346  C CG1 . VAL C 1 15 ? 3.91493   -15.57330 14.80876  1.000 102.79000 ? 15 VAL C CG1 1 
ATOM 347  C CG2 . VAL C 1 15 ? 4.03909   -13.21335 14.03290  1.000 100.35000 ? 15 VAL C CG2 1 
ATOM 348  N N   . TYR C 1 16 ? 3.62460   -15.57929 17.95245  1.000 108.29000 ? 16 TYR C N   1 
ATOM 349  C CA  . TYR C 1 16 ? 4.11678   -16.32112 19.10793  1.000 109.45000 ? 16 TYR C CA  1 
ATOM 350  C C   . TYR C 1 16 ? 3.78351   -15.60551 20.41167  1.000 109.65000 ? 16 TYR C C   1 
ATOM 351  O O   . TYR C 1 16 ? 4.60096   -15.57499 21.33699  1.000 107.62000 ? 16 TYR C O   1 
ATOM 352  C CB  . TYR C 1 16 ? 5.62655   -16.54447 18.99289  1.000 109.40000 ? 16 TYR C CB  1 
ATOM 353  C CG  . TYR C 1 16 ? 6.07400   -17.95697 19.29123  1.000 110.59000 ? 16 TYR C CG  1 
ATOM 354  C CD1 . TYR C 1 16 ? 5.71569   -18.58492 20.47694  1.000 108.79000 ? 16 TYR C CD1 1 
ATOM 355  C CD2 . TYR C 1 16 ? 6.85764   -18.66139 18.38779  1.000 109.84000 ? 16 TYR C CD2 1 
ATOM 356  C CE1 . TYR C 1 16 ? 6.12719   -19.87621 20.75359  1.000 107.67000 ? 16 TYR C CE1 1 
ATOM 357  C CE2 . TYR C 1 16 ? 7.27136   -19.95243 18.65385  1.000 109.75000 ? 16 TYR C CE2 1 
ATOM 358  C CZ  . TYR C 1 16 ? 6.90371   -20.55444 19.83793  1.000 108.85000 ? 16 TYR C CZ  1 
ATOM 359  O OH  . TYR C 1 16 ? 7.31378   -21.83985 20.10762  1.000 106.67000 ? 16 TYR C OH  1 
ATOM 360  N N   . LYS C 1 17 ? 2.58947   -15.02890 20.49180  1.000 108.25000 ? 17 LYS C N   1 
ATOM 361  C CA  . LYS C 1 17 ? 2.17296   -14.29143 21.67820  1.000 107.83000 ? 17 LYS C CA  1 
ATOM 362  C C   . LYS C 1 17 ? 0.96443   -14.94465 22.34119  1.000 106.15000 ? 17 LYS C C   1 
ATOM 363  O O   . LYS C 1 17 ? 1.05354   -15.44225 23.46364  1.000 106.47000 ? 17 LYS C O   1 
ATOM 364  C CB  . LYS C 1 17 ? 1.85813   -12.83875 21.31885  1.000 106.72000 ? 17 LYS C CB  1 
ATOM 365  C CG  . LYS C 1 17 ? 1.06719   -12.08637 22.37725  1.000 107.74000 ? 17 LYS C CG  1 
ATOM 366  C CD  . LYS C 1 17 ? -0.33727  -11.76805 21.89499  1.000 105.96000 ? 17 LYS C CD  1 
ATOM 367  C CE  . LYS C 1 17 ? -0.94192  -10.61871 22.68166  1.000 105.13000 ? 17 LYS C CE  1 
ATOM 368  N NZ  . LYS C 1 17 ? -0.35580  -9.30812  22.28869  1.000 104.38000 ? 17 LYS C NZ  1 
ATOM 369  N N   . ILE D 1 3  ? -5.43743  10.91788  13.48261  1.000 103.35000 ? 3  ILE D N   1 
ATOM 370  C CA  . ILE D 1 3  ? -6.84666  10.58819  13.33545  1.000 102.01000 ? 3  ILE D CA  1 
ATOM 371  C C   . ILE D 1 3  ? -7.55654  11.62768  12.47637  1.000 103.90000 ? 3  ILE D C   1 
ATOM 372  O O   . ILE D 1 3  ? -8.77174  11.56889  12.29425  1.000 107.63000 ? 3  ILE D O   1 
ATOM 373  C CB  . ILE D 1 3  ? -7.52577  10.43328  14.71755  1.000 103.29000 ? 3  ILE D CB  1 
ATOM 374  C CG1 . ILE D 1 3  ? -7.17661  11.59847  15.65445  1.000 102.92000 ? 3  ILE D CG1 1 
ATOM 375  C CG2 . ILE D 1 3  ? -7.13593  9.10838   15.35313  1.000 101.84000 ? 3  ILE D CG2 1 
ATOM 376  C CD1 . ILE D 1 3  ? -7.96793  12.87642  15.43084  1.000 101.87000 ? 3  ILE D CD1 1 
ATOM 377  N N   . LYS D 1 4  ? -6.79621  12.58853  11.95721  1.000 98.24000  ? 4  LYS D N   1 
ATOM 378  C CA  . LYS D 1 4  ? -7.32575  13.61810  11.07543  1.000 99.50000  ? 4  LYS D CA  1 
ATOM 379  C C   . LYS D 1 4  ? -6.38886  13.78311  9.88812   1.000 98.36000  ? 4  LYS D C   1 
ATOM 380  O O   . LYS D 1 4  ? -5.17548  13.92396  10.06642  1.000 98.44000  ? 4  LYS D O   1 
ATOM 381  C CB  . LYS D 1 4  ? -7.49654  14.94646  11.82097  1.000 99.82000  ? 4  LYS D CB  1 
ATOM 382  C CG  . LYS D 1 4  ? -8.32692  15.98854  11.08175  1.000 100.49000 ? 4  LYS D CG  1 
ATOM 383  C CD  . LYS D 1 4  ? -7.47361  16.88551  10.19734  1.000 100.34000 ? 4  LYS D CD  1 
ATOM 384  C CE  . LYS D 1 4  ? -8.33892  17.77937  9.32563   1.000 100.47000 ? 4  LYS D CE  1 
ATOM 385  N NZ  . LYS D 1 4  ? -7.70428  18.04000  8.00559   1.000 98.78000  ? 4  LYS D NZ  1 
ATOM 386  N N   . HIS D 1 5  ? -6.95758  13.76131  8.68250   1.000 99.14000  ? 5  HIS D N   1 
ATOM 387  C CA  . HIS D 1 5  ? -6.21165  13.92849  7.43438   1.000 99.11000  ? 5  HIS D CA  1 
ATOM 388  C C   . HIS D 1 5  ? -5.07421  12.92434  7.30241   1.000 99.58000  ? 5  HIS D C   1 
ATOM 389  O O   . HIS D 1 5  ? -4.05526  13.21051  6.66764   1.000 97.71000  ? 5  HIS D O   1 
ATOM 390  C CB  . HIS D 1 5  ? -5.67477  15.35567  7.29039   1.000 99.58000  ? 5  HIS D CB  1 
ATOM 391  C CG  . HIS D 1 5  ? -5.67761  15.86045  5.88179   1.000 100.86000 ? 5  HIS D CG  1 
ATOM 392  N ND1 . HIS D 1 5  ? -6.45471  16.92280  5.47347   1.000 101.54000 ? 5  HIS D ND1 1 
ATOM 393  C CD2 . HIS D 1 5  ? -5.00305  15.44329  4.78421   1.000 100.02000 ? 5  HIS D CD2 1 
ATOM 394  C CE1 . HIS D 1 5  ? -6.25575  17.14054  4.18581   1.000 102.42000 ? 5  HIS D CE1 1 
ATOM 395  N NE2 . HIS D 1 5  ? -5.37941  16.25790  3.74384   1.000 102.06000 ? 5  HIS D NE2 1 
ATOM 396  N N   . VAL D 1 6  ? -5.22825  11.74033  7.89472   1.000 103.57000 ? 6  VAL D N   1 
ATOM 397  C CA  . VAL D 1 6  ? -4.19849  10.71800  7.77965   1.000 101.38000 ? 6  VAL D CA  1 
ATOM 398  C C   . VAL D 1 6  ? -4.29346  10.06089  6.41360   1.000 103.20000 ? 6  VAL D C   1 
ATOM 399  O O   . VAL D 1 6  ? -5.35835  9.57577   6.01198   1.000 106.08000 ? 6  VAL D O   1 
ATOM 400  C CB  . VAL D 1 6  ? -4.34162  9.68806   8.90749   1.000 101.03000 ? 6  VAL D CB  1 
ATOM 401  C CG1 . VAL D 1 6  ? -3.14323  8.76338   8.92687   1.000 101.04000 ? 6  VAL D CG1 1 
ATOM 402  C CG2 . VAL D 1 6  ? -4.50407  10.39063  10.24344  1.000 103.19000 ? 6  VAL D CG2 1 
ATOM 403  N N   . LEU D 1 7  ? -3.17781  10.03699  5.69001   1.000 98.46000  ? 7  LEU D N   1 
ATOM 404  C CA  . LEU D 1 7  ? -3.16015  9.44553   4.35659   1.000 100.21000 ? 7  LEU D CA  1 
ATOM 405  C C   . LEU D 1 7  ? -1.81176  8.78107   4.12142   1.000 100.58000 ? 7  LEU D C   1 
ATOM 406  O O   . LEU D 1 7  ? -0.77468  9.44563   4.15746   1.000 101.78000 ? 7  LEU D O   1 
ATOM 407  C CB  . LEU D 1 7  ? -3.47251  10.49941  3.28548   1.000 101.08000 ? 7  LEU D CB  1 
ATOM 408  C CG  . LEU D 1 7  ? -2.49626  11.61879  2.92464   1.000 99.07000  ? 7  LEU D CG  1 
ATOM 409  C CD1 . LEU D 1 7  ? -1.82492  11.32792  1.60033   1.000 100.43000 ? 7  LEU D CD1 1 
ATOM 410  C CD2 . LEU D 1 7  ? -3.21423  12.95563  2.87946   1.000 98.44000  ? 7  LEU D CD2 1 
ATOM 411  N N   . GLY D 1 8  ? -1.82568  7.46753   3.89531   1.000 104.16000 ? 8  GLY D N   1 
ATOM 412  C CA  . GLY D 1 8  ? -0.59082  6.71962   3.78000   1.000 106.10000 ? 8  GLY D CA  1 
ATOM 413  C C   . GLY D 1 8  ? -0.69232  5.61532   2.75205   1.000 105.81000 ? 8  GLY D C   1 
ATOM 414  O O   . GLY D 1 8  ? -1.75734  5.34744   2.19058   1.000 104.42000 ? 8  GLY D O   1 
ATOM 415  N N   . GLY D 1 9  ? 0.44593   4.97148   2.51061   1.000 107.41000 ? 9  GLY D N   1 
ATOM 416  C CA  . GLY D 1 9  ? 0.55891   3.91292   1.53424   1.000 108.34000 ? 9  GLY D CA  1 
ATOM 417  C C   . GLY D 1 9  ? 0.44086   2.53339   2.14761   1.000 108.91000 ? 9  GLY D C   1 
ATOM 418  O O   . GLY D 1 9  ? -0.10618  2.34840   3.24067   1.000 108.24000 ? 9  GLY D O   1 
ATOM 419  N N   . GLY D 1 10 ? 0.97113   1.54785   1.43055   1.000 111.39000 ? 10 GLY D N   1 
ATOM 420  C CA  . GLY D 1 10 ? 0.89329   0.16546   1.84905   1.000 110.36000 ? 10 GLY D CA  1 
ATOM 421  C C   . GLY D 1 10 ? 1.94624   -0.18988  2.88133   1.000 110.64000 ? 10 GLY D C   1 
ATOM 422  O O   . GLY D 1 10 ? 2.58900   0.66527   3.49129   1.000 111.46000 ? 10 GLY D O   1 
ATOM 423  N N   . SER D 1 11 ? 2.10396   -1.49527  3.08783   1.000 107.26000 ? 11 SER D N   1 
ATOM 424  C CA  . SER D 1 11 ? 3.10294   -2.01625  4.01013   1.000 107.43000 ? 11 SER D CA  1 
ATOM 425  C C   . SER D 1 11 ? 3.34750   -3.48244  3.68845   1.000 105.82000 ? 11 SER D C   1 
ATOM 426  O O   . SER D 1 11 ? 2.41496   -4.20969  3.34037   1.000 105.67000 ? 11 SER D O   1 
ATOM 427  C CB  . SER D 1 11 ? 2.66333   -1.86190  5.47149   1.000 108.10000 ? 11 SER D CB  1 
ATOM 428  O OG  . SER D 1 11 ? 2.34941   -0.51428  5.77887   1.000 109.12000 ? 11 SER D OG  1 
ATOM 429  N N   . VAL D 1 12 ? 4.60326   -3.90629  3.80525   1.000 101.83000 ? 12 VAL D N   1 
ATOM 430  C CA  . VAL D 1 12 ? 4.99287   -5.29146  3.57696   1.000 101.14000 ? 12 VAL D CA  1 
ATOM 431  C C   . VAL D 1 12 ? 5.81806   -5.75804  4.76649   1.000 103.85000 ? 12 VAL D C   1 
ATOM 432  O O   . VAL D 1 12 ? 6.75412   -5.06870  5.18500   1.000 106.03000 ? 12 VAL D O   1 
ATOM 433  C CB  . VAL D 1 12 ? 5.78665   -5.45281  2.26532   1.000 103.34000 ? 12 VAL D CB  1 
ATOM 434  C CG1 . VAL D 1 12 ? 6.55218   -6.76416  2.26469   1.000 103.78000 ? 12 VAL D CG1 1 
ATOM 435  C CG2 . VAL D 1 12 ? 4.85159   -5.37718  1.07229   1.000 102.52000 ? 12 VAL D CG2 1 
ATOM 436  N N   . GLN D 1 13 ? 5.46862   -6.92032  5.31454   1.000 99.23000  ? 13 GLN D N   1 
ATOM 437  C CA  . GLN D 1 13 ? 6.20396   -7.50281  6.42686   1.000 99.92000  ? 13 GLN D CA  1 
ATOM 438  C C   . GLN D 1 13 ? 6.06035   -9.01727  6.39860   1.000 99.33000  ? 13 GLN D C   1 
ATOM 439  O O   . GLN D 1 13 ? 4.96004   -9.54265  6.21197   1.000 100.77000 ? 13 GLN D O   1 
ATOM 440  C CB  . GLN D 1 13 ? 5.72827   -6.92522  7.76541   1.000 100.91000 ? 13 GLN D CB  1 
ATOM 441  C CG  . GLN D 1 13 ? 4.29569   -7.24281  8.11201   1.000 100.21000 ? 13 GLN D CG  1 
ATOM 442  C CD  . GLN D 1 13 ? 3.51033   -6.01009  8.49384   1.000 100.06000 ? 13 GLN D CD  1 
ATOM 443  O OE1 . GLN D 1 13 ? 3.28476   -5.12522  7.66886   1.000 98.97000  ? 13 GLN D OE1 1 
ATOM 444  N NE2 . GLN D 1 13 ? 3.08382   -5.94427  9.74834   1.000 100.41000 ? 13 GLN D NE2 1 
ATOM 445  N N   . ILE D 1 14 ? 7.18114   -9.71683  6.56294   1.000 98.41000  ? 14 ILE D N   1 
ATOM 446  C CA  . ILE D 1 14 ? 7.23952   -11.16429 6.40384   1.000 99.46000  ? 14 ILE D CA  1 
ATOM 447  C C   . ILE D 1 14 ? 7.99393   -11.76599 7.58208   1.000 99.78000  ? 14 ILE D C   1 
ATOM 448  O O   . ILE D 1 14 ? 8.92105   -11.14882 8.11776   1.000 102.30000 ? 14 ILE D O   1 
ATOM 449  C CB  . ILE D 1 14 ? 7.91598   -11.56258 5.07493   1.000 98.96000  ? 14 ILE D CB  1 
ATOM 450  C CG1 . ILE D 1 14 ? 7.41097   -10.69306 3.92292   1.000 98.75000  ? 14 ILE D CG1 1 
ATOM 451  C CG2 . ILE D 1 14 ? 7.64871   -13.01974 4.75810   1.000 102.02000 ? 14 ILE D CG2 1 
ATOM 452  C CD1 . ILE D 1 14 ? 8.10084   -10.96660 2.60943   1.000 99.84000  ? 14 ILE D CD1 1 
ATOM 453  N N   . VAL D 1 15 ? 7.59421   -12.97050 7.98474   1.000 103.03000 ? 15 VAL D N   1 
ATOM 454  C CA  . VAL D 1 15 ? 8.30324   -13.75437 8.99034   1.000 101.78000 ? 15 VAL D CA  1 
ATOM 455  C C   . VAL D 1 15 ? 8.37743   -15.19619 8.51095   1.000 102.49000 ? 15 VAL D C   1 
ATOM 456  O O   . VAL D 1 15 ? 7.35809   -15.77899 8.12679   1.000 105.89000 ? 15 VAL D O   1 
ATOM 457  C CB  . VAL D 1 15 ? 7.62090   -13.67999 10.36871  1.000 102.75000 ? 15 VAL D CB  1 
ATOM 458  C CG1 . VAL D 1 15 ? 8.03383   -14.85824 11.22951  1.000 103.30000 ? 15 VAL D CG1 1 
ATOM 459  C CG2 . VAL D 1 15 ? 7.99116   -12.39714 11.06621  1.000 103.24000 ? 15 VAL D CG2 1 
ATOM 460  N N   . TYR D 1 16 ? 9.57706   -15.76682 8.53080   1.000 106.42000 ? 16 TYR D N   1 
ATOM 461  C CA  . TYR D 1 16 ? 9.79487   -17.16673 8.19913   1.000 107.69000 ? 16 TYR D CA  1 
ATOM 462  C C   . TYR D 1 16 ? 10.19815  -17.92583 9.45456   1.000 108.17000 ? 16 TYR D C   1 
ATOM 463  O O   . TYR D 1 16 ? 11.12061  -17.51842 10.16486  1.000 109.75000 ? 16 TYR D O   1 
ATOM 464  C CB  . TYR D 1 16 ? 10.88611  -17.32526 7.13637   1.000 109.76000 ? 16 TYR D CB  1 
ATOM 465  C CG  . TYR D 1 16 ? 10.63575  -16.56892 5.85208   1.000 108.73000 ? 16 TYR D CG  1 
ATOM 466  C CD1 . TYR D 1 16 ? 10.05928  -17.19511 4.75688   1.000 109.78000 ? 16 TYR D CD1 1 
ATOM 467  C CD2 . TYR D 1 16 ? 10.98553  -15.23187 5.73208   1.000 107.84000 ? 16 TYR D CD2 1 
ATOM 468  C CE1 . TYR D 1 16 ? 9.83364   -16.50765 3.57991   1.000 109.69000 ? 16 TYR D CE1 1 
ATOM 469  C CE2 . TYR D 1 16 ? 10.76271  -14.53749 4.56267   1.000 107.55000 ? 16 TYR D CE2 1 
ATOM 470  C CZ  . TYR D 1 16 ? 10.18635  -15.17800 3.48927   1.000 108.33000 ? 16 TYR D CZ  1 
ATOM 471  O OH  . TYR D 1 16 ? 9.96294   -14.48725 2.32049   1.000 107.91000 ? 16 TYR D OH  1 
ATOM 472  N N   . LYS D 1 17 ? 9.50411   -19.02552 9.72950   1.000 108.94000 ? 17 LYS D N   1 
ATOM 473  C CA  . LYS D 1 17 ? 9.86784   -19.89025 10.84823  1.000 110.64000 ? 17 LYS D CA  1 
ATOM 474  C C   . LYS D 1 17 ? 9.94046   -21.34675 10.40417  1.000 110.80000 ? 17 LYS D C   1 
ATOM 475  O O   . LYS D 1 17 ? 10.14750  -22.24511 11.21983  1.000 109.91000 ? 17 LYS D O   1 
ATOM 476  C CB  . LYS D 1 17 ? 8.87412   -19.74416 12.00435  1.000 111.29000 ? 17 LYS D CB  1 
ATOM 477  C CG  . LYS D 1 17 ? 8.44073   -18.31633 12.29135  1.000 109.87000 ? 17 LYS D CG  1 
ATOM 478  C CD  . LYS D 1 17 ? 9.43165   -17.61195 13.19973  1.000 109.50000 ? 17 LYS D CD  1 
ATOM 479  C CE  . LYS D 1 17 ? 9.29727   -18.09116 14.63281  1.000 111.37000 ? 17 LYS D CE  1 
ATOM 480  N NZ  . LYS D 1 17 ? 7.87565   -18.32763 15.00236  1.000 109.68000 ? 17 LYS D NZ  1 
ATOM 481  N N   . ASP E 1 1  ? 5.07093   7.07022   -26.24838 1.000 127.34000 ? 1  ASP E N   1 
ATOM 482  C CA  . ASP E 1 1  ? 3.86298   7.44445   -25.52170 1.000 126.35000 ? 1  ASP E CA  1 
ATOM 483  C C   . ASP E 1 1  ? 3.35881   6.28112   -24.67622 1.000 125.40000 ? 1  ASP E C   1 
ATOM 484  O O   . ASP E 1 1  ? 2.25123   6.32442   -24.14099 1.000 125.46000 ? 1  ASP E O   1 
ATOM 485  C CB  . ASP E 1 1  ? 2.77468   7.90424   -26.49400 1.000 126.24000 ? 1  ASP E CB  1 
ATOM 486  C CG  . ASP E 1 1  ? 2.54426   9.40183   -26.44615 1.000 125.66000 ? 1  ASP E CG  1 
ATOM 487  O OD1 . ASP E 1 1  ? 2.83074   10.01365  -25.39641 1.000 124.96000 ? 1  ASP E OD1 1 
ATOM 488  O OD2 . ASP E 1 1  ? 2.07842   9.96545   -27.45830 1.000 124.69000 ? 1  ASP E OD2 1 
ATOM 489  N N   . ASN E 1 2  ? 4.17774   5.24296   -24.55734 1.000 120.94000 ? 2  ASN E N   1 
ATOM 490  C CA  . ASN E 1 2  ? 3.81429   4.04216   -23.82264 1.000 120.05000 ? 2  ASN E CA  1 
ATOM 491  C C   . ASN E 1 2  ? 4.59156   3.95209   -22.51403 1.000 122.20000 ? 2  ASN E C   1 
ATOM 492  O O   . ASN E 1 2  ? 5.63145   4.58452   -22.33018 1.000 122.70000 ? 2  ASN E O   1 
ATOM 493  C CB  . ASN E 1 2  ? 4.04665   2.79600   -24.68794 1.000 119.51000 ? 2  ASN E CB  1 
ATOM 494  C CG  . ASN E 1 2  ? 5.50641   2.58629   -25.04591 1.000 120.91000 ? 2  ASN E CG  1 
ATOM 495  O OD1 . ASN E 1 2  ? 6.35239   2.37069   -24.17687 1.000 123.64000 ? 2  ASN E OD1 1 
ATOM 496  N ND2 . ASN E 1 2  ? 5.80734   2.64007   -26.33673 1.000 119.56000 ? 2  ASN E ND2 1 
ATOM 497  N N   . ILE E 1 3  ? 4.06131   3.15878   -21.58670 1.000 118.85000 ? 3  ILE E N   1 
ATOM 498  C CA  . ILE E 1 3  ? 4.71384   2.89903   -20.30722 1.000 117.83000 ? 3  ILE E CA  1 
ATOM 499  C C   . ILE E 1 3  ? 4.71591   1.39594   -20.06587 1.000 116.89000 ? 3  ILE E C   1 
ATOM 500  O O   . ILE E 1 3  ? 3.75456   0.69864   -20.40909 1.000 117.63000 ? 3  ILE E O   1 
ATOM 501  C CB  . ILE E 1 3  ? 4.03674   3.65832   -19.14449 1.000 116.62000 ? 3  ILE E CB  1 
ATOM 502  C CG1 . ILE E 1 3  ? 2.70970   3.00582   -18.76211 1.000 117.52000 ? 3  ILE E CG1 1 
ATOM 503  C CG2 . ILE E 1 3  ? 3.83361   5.13009   -19.49464 1.000 116.78000 ? 3  ILE E CG2 1 
ATOM 504  C CD1 . ILE E 1 3  ? 1.85486   3.85537   -17.86877 1.000 117.89000 ? 3  ILE E CD1 1 
ATOM 505  N N   . LYS E 1 4  ? 5.81428   0.88905   -19.50959 1.000 112.90000 ? 4  LYS E N   1 
ATOM 506  C CA  . LYS E 1 4  ? 5.98106   -0.54112  -19.30132 1.000 113.15000 ? 4  LYS E CA  1 
ATOM 507  C C   . LYS E 1 4  ? 6.60713   -0.79449  -17.93795 1.000 112.60000 ? 4  LYS E C   1 
ATOM 508  O O   . LYS E 1 4  ? 7.37265   0.02646   -17.42715 1.000 117.03000 ? 4  LYS E O   1 
ATOM 509  C CB  . LYS E 1 4  ? 6.85457   -1.17842  -20.39688 1.000 113.72000 ? 4  LYS E CB  1 
ATOM 510  C CG  . LYS E 1 4  ? 6.70468   -0.55495  -21.77916 1.000 112.32000 ? 4  LYS E CG  1 
ATOM 511  C CD  . LYS E 1 4  ? 7.38634   -1.38624  -22.85505 1.000 112.30000 ? 4  LYS E CD  1 
ATOM 512  C CE  . LYS E 1 4  ? 7.03728   -2.85917  -22.73218 1.000 112.52000 ? 4  LYS E CE  1 
ATOM 513  N NZ  . LYS E 1 4  ? 7.55942   -3.64661  -23.88423 1.000 111.97000 ? 4  LYS E NZ  1 
ATOM 514  N N   . HIS E 1 5  ? 6.27108   -1.94638  -17.36075 1.000 106.44000 ? 5  HIS E N   1 
ATOM 515  C CA  . HIS E 1 5  ? 6.88230   -2.45272  -16.13070 1.000 105.37000 ? 5  HIS E CA  1 
ATOM 516  C C   . HIS E 1 5  ? 6.80405   -1.43089  -14.99566 1.000 106.05000 ? 5  HIS E C   1 
ATOM 517  O O   . HIS E 1 5  ? 7.81338   -0.94105  -14.48853 1.000 112.34000 ? 5  HIS E O   1 
ATOM 518  C CB  . HIS E 1 5  ? 8.33072   -2.87807  -16.37854 1.000 108.83000 ? 5  HIS E CB  1 
ATOM 519  C CG  . HIS E 1 5  ? 8.48215   -3.94070  -17.42091 1.000 108.60000 ? 5  HIS E CG  1 
ATOM 520  N ND1 . HIS E 1 5  ? 8.23369   -3.71391  -18.75709 1.000 110.19000 ? 5  HIS E ND1 1 
ATOM 521  C CD2 . HIS E 1 5  ? 8.86406   -5.23628  -17.32522 1.000 108.46000 ? 5  HIS E CD2 1 
ATOM 522  C CE1 . HIS E 1 5  ? 8.45237   -4.82412  -19.43861 1.000 109.73000 ? 5  HIS E CE1 1 
ATOM 523  N NE2 . HIS E 1 5  ? 8.83640   -5.76267  -18.59263 1.000 110.42000 ? 5  HIS E NE2 1 
ATOM 524  N N   . VAL E 1 6  ? 5.57346   -1.11323  -14.59855 1.000 99.68000  ? 6  VAL E N   1 
ATOM 525  C CA  . VAL E 1 6  ? 5.33192   -0.23032  -13.45609 1.000 102.16000 ? 6  VAL E CA  1 
ATOM 526  C C   . VAL E 1 6  ? 4.97271   -1.13761  -12.28317 1.000 102.43000 ? 6  VAL E C   1 
ATOM 527  O O   . VAL E 1 6  ? 3.81540   -1.50091  -12.07878 1.000 106.67000 ? 6  VAL E O   1 
ATOM 528  C CB  . VAL E 1 6  ? 4.24650   0.80156   -13.74966 1.000 103.17000 ? 6  VAL E CB  1 
ATOM 529  C CG1 . VAL E 1 6  ? 4.14284   1.79823   -12.60753 1.000 103.75000 ? 6  VAL E CG1 1 
ATOM 530  C CG2 . VAL E 1 6  ? 4.53624   1.51366   -15.06005 1.000 101.78000 ? 6  VAL E CG2 1 
ATOM 531  N N   . LEU E 1 7  ? 5.98240   -1.50666  -11.49788 1.000 101.37000 ? 7  LEU E N   1 
ATOM 532  C CA  . LEU E 1 7  ? 5.80328   -2.45620  -10.40660 1.000 101.99000 ? 7  LEU E CA  1 
ATOM 533  C C   . LEU E 1 7  ? 6.56451   -1.94960  -9.18666  1.000 105.62000 ? 7  LEU E C   1 
ATOM 534  O O   . LEU E 1 7  ? 6.99418   -0.79445  -9.13373  1.000 108.81000 ? 7  LEU E O   1 
ATOM 535  C CB  . LEU E 1 7  ? 6.27005   -3.86260  -10.80514 1.000 104.41000 ? 7  LEU E CB  1 
ATOM 536  C CG  . LEU E 1 7  ? 7.73755   -4.04310  -11.19764 1.000 103.33000 ? 7  LEU E CG  1 
ATOM 537  C CD1 . LEU E 1 7  ? 8.16087   -5.46065  -10.89231 1.000 104.24000 ? 7  LEU E CD1 1 
ATOM 538  C CD2 . LEU E 1 7  ? 7.96532   -3.73658  -12.66793 1.000 102.05000 ? 7  LEU E CD2 1 
ATOM 539  N N   . GLY E 1 8  ? 6.71019   -2.82356  -8.19168  1.000 109.72000 ? 8  GLY E N   1 
ATOM 540  C CA  . GLY E 1 8  ? 7.50198   -2.53603  -7.01136  1.000 107.81000 ? 8  GLY E CA  1 
ATOM 541  C C   . GLY E 1 8  ? 7.02141   -1.33624  -6.22431  1.000 107.89000 ? 8  GLY E C   1 
ATOM 542  O O   . GLY E 1 8  ? 7.82929   -0.53362  -5.74927  1.000 105.58000 ? 8  GLY E O   1 
ATOM 543  N N   . GLY E 1 9  ? 5.70589   -1.20764  -6.07352  1.000 113.19000 ? 9  GLY E N   1 
ATOM 544  C CA  . GLY E 1 9  ? 5.15133   -0.02935  -5.43409  1.000 113.12000 ? 9  GLY E CA  1 
ATOM 545  C C   . GLY E 1 9  ? 5.43231   1.24788   -6.18771  1.000 113.45000 ? 9  GLY E C   1 
ATOM 546  O O   . GLY E 1 9  ? 5.60855   2.30340   -5.56988  1.000 110.62000 ? 9  GLY E O   1 
ATOM 547  N N   . GLY E 1 10 ? 5.47807   1.18115   -7.51607  1.000 113.67000 ? 10 GLY E N   1 
ATOM 548  C CA  . GLY E 1 10 ? 5.75814   2.34925   -8.32549  1.000 110.52000 ? 10 GLY E CA  1 
ATOM 549  C C   . GLY E 1 10 ? 4.47657   2.99367   -8.82830  1.000 110.55000 ? 10 GLY E C   1 
ATOM 550  O O   . GLY E 1 10 ? 3.49666   2.31455   -9.12424  1.000 107.79000 ? 10 GLY E O   1 
ATOM 551  N N   . SER E 1 11 ? 4.50140   4.31991   -8.91653  1.000 104.03000 ? 11 SER E N   1 
ATOM 552  C CA  . SER E 1 11 ? 3.34907   5.09477   -9.34681  1.000 103.92000 ? 11 SER E CA  1 
ATOM 553  C C   . SER E 1 11 ? 3.81173   6.24469   -10.22685 1.000 102.34000 ? 11 SER E C   1 
ATOM 554  O O   . SER E 1 11 ? 4.80991   6.90405   -9.92186  1.000 103.65000 ? 11 SER E O   1 
ATOM 555  C CB  . SER E 1 11 ? 2.56976   5.62916   -8.14260  1.000 102.65000 ? 11 SER E CB  1 
ATOM 556  O OG  . SER E 1 11 ? 3.38266   6.48998   -7.36518  1.000 101.84000 ? 11 SER E OG  1 
ATOM 557  N N   . VAL E 1 12 ? 3.08543   6.47980   -11.31888 1.000 94.62000  ? 12 VAL E N   1 
ATOM 558  C CA  . VAL E 1 12 ? 3.42363   7.54424   -12.25661 1.000 94.82000  ? 12 VAL E CA  1 
ATOM 559  C C   . VAL E 1 12 ? 2.14833   8.33829   -12.52178 1.000 94.25000  ? 12 VAL E C   1 
ATOM 560  O O   . VAL E 1 12 ? 1.04172   7.80558   -12.38589 1.000 96.89000  ? 12 VAL E O   1 
ATOM 561  C CB  . VAL E 1 12 ? 4.02922   6.97153   -13.55326 1.000 97.14000  ? 12 VAL E CB  1 
ATOM 562  C CG1 . VAL E 1 12 ? 4.54355   8.08028   -14.44354 1.000 97.97000  ? 12 VAL E CG1 1 
ATOM 563  C CG2 . VAL E 1 12 ? 5.13966   5.97983   -13.24270 1.000 97.98000  ? 12 VAL E CG2 1 
ATOM 564  N N   . GLN E 1 13 ? 2.28155   9.61252   -12.89690 1.000 92.86000  ? 13 GLN E N   1 
ATOM 565  C CA  . GLN E 1 13 ? 1.12900   10.50819  -12.89713 1.000 92.82000  ? 13 GLN E CA  1 
ATOM 566  C C   . GLN E 1 13 ? 0.72808   11.00240  -14.28481 1.000 91.65000  ? 13 GLN E C   1 
ATOM 567  O O   . GLN E 1 13 ? -0.40680  10.78013  -14.71814 1.000 96.20000  ? 13 GLN E O   1 
ATOM 568  C CB  . GLN E 1 13 ? 1.41515   11.70412  -11.98834 1.000 97.00000  ? 13 GLN E CB  1 
ATOM 569  C CG  . GLN E 1 13 ? 0.24607   12.13112  -11.11983 1.000 95.06000  ? 13 GLN E CG  1 
ATOM 570  C CD  . GLN E 1 13 ? -0.00156  11.21239  -9.93960  1.000 95.46000  ? 13 GLN E CD  1 
ATOM 571  O OE1 . GLN E 1 13 ? 0.45087   10.06691  -9.91169  1.000 93.74000  ? 13 GLN E OE1 1 
ATOM 572  N NE2 . GLN E 1 13 ? -0.73975  11.71344  -8.95745  1.000 97.08000  ? 13 GLN E NE2 1 
ATOM 573  N N   . ILE E 1 14 ? 1.65421   11.64843  -14.99234 1.000 91.45000  ? 14 ILE E N   1 
ATOM 574  C CA  . ILE E 1 14 ? 1.41958   12.26068  -16.30198 1.000 93.09000  ? 14 ILE E CA  1 
ATOM 575  C C   . ILE E 1 14 ? 0.11031   13.04557  -16.33185 1.000 93.94000  ? 14 ILE E C   1 
ATOM 576  O O   . ILE E 1 14 ? -0.76970  12.77044  -17.15395 1.000 95.17000  ? 14 ILE E O   1 
ATOM 577  C CB  . ILE E 1 14 ? 1.42167   11.21346  -17.43237 1.000 92.93000  ? 14 ILE E CB  1 
ATOM 578  C CG1 . ILE E 1 14 ? 2.57406   10.22821  -17.28406 1.000 92.64000  ? 14 ILE E CG1 1 
ATOM 579  C CG2 . ILE E 1 14 ? 1.59998   11.88873  -18.77445 1.000 94.00000  ? 14 ILE E CG2 1 
ATOM 580  C CD1 . ILE E 1 14 ? 2.14503   8.91784   -16.68852 1.000 92.12000  ? 14 ILE E CD1 1 
ATOM 581  N N   . VAL E 1 15 ? -0.05131  14.00417  -15.42309 1.000 97.75000  ? 15 VAL E N   1 
ATOM 582  C CA  . VAL E 1 15 ? -1.21896  14.88073  -15.46607 1.000 98.79000  ? 15 VAL E CA  1 
ATOM 583  C C   . VAL E 1 15 ? -0.99763  15.96367  -16.51638 1.000 99.94000  ? 15 VAL E C   1 
ATOM 584  O O   . VAL E 1 15 ? 0.14579   16.32906  -16.81210 1.000 100.11000 ? 15 VAL E O   1 
ATOM 585  C CB  . VAL E 1 15 ? -1.51113  15.49418  -14.08382 1.000 98.15000  ? 15 VAL E CB  1 
ATOM 586  C CG1 . VAL E 1 15 ? -2.85680  16.20438  -14.07804 1.000 98.15000  ? 15 VAL E CG1 1 
ATOM 587  C CG2 . VAL E 1 15 ? -1.49819  14.41730  -13.02690 1.000 95.95000  ? 15 VAL E CG2 1 
ATOM 588  N N   . TYR E 1 16 ? -2.08798  16.47955  -17.08295 1.000 102.80000 ? 16 TYR E N   1 
ATOM 589  C CA  . TYR E 1 16 ? -2.04995  17.57970  -18.04696 1.000 104.28000 ? 16 TYR E CA  1 
ATOM 590  C C   . TYR E 1 16 ? -1.17908  17.23431  -19.25038 1.000 105.32000 ? 16 TYR E C   1 
ATOM 591  O O   . TYR E 1 16 ? -0.37695  18.03923  -19.72591 1.000 104.06000 ? 16 TYR E O   1 
ATOM 592  C CB  . TYR E 1 16 ? -1.57446  18.86808  -17.37794 1.000 104.45000 ? 16 TYR E CB  1 
ATOM 593  C CG  . TYR E 1 16 ? -2.28325  20.11805  -17.84737 1.000 105.47000 ? 16 TYR E CG  1 
ATOM 594  C CD1 . TYR E 1 16 ? -2.94948  20.93794  -16.94852 1.000 104.23000 ? 16 TYR E CD1 1 
ATOM 595  C CD2 . TYR E 1 16 ? -2.27156  20.48904  -19.18636 1.000 105.44000 ? 16 TYR E CD2 1 
ATOM 596  C CE1 . TYR E 1 16 ? -3.59492  22.08654  -17.36933 1.000 105.03000 ? 16 TYR E CE1 1 
ATOM 597  C CE2 . TYR E 1 16 ? -2.91323  21.63710  -19.61773 1.000 104.79000 ? 16 TYR E CE2 1 
ATOM 598  C CZ  . TYR E 1 16 ? -3.57359  22.43223  -18.70435 1.000 105.10000 ? 16 TYR E CZ  1 
ATOM 599  O OH  . TYR E 1 16 ? -4.21354  23.57505  -19.12642 1.000 103.44000 ? 16 TYR E OH  1 
ATOM 600  N N   . LYS E 1 17 ? -1.34530  16.01369  -19.74813 1.000 107.46000 ? 17 LYS E N   1 
ATOM 601  C CA  . LYS E 1 17 ? -0.57695  15.55018  -20.89995 1.000 107.53000 ? 17 LYS E CA  1 
ATOM 602  C C   . LYS E 1 17 ? -1.20395  16.01872  -22.20934 1.000 108.77000 ? 17 LYS E C   1 
ATOM 603  O O   . LYS E 1 17 ? -1.96684  15.28906  -22.84215 1.000 105.24000 ? 17 LYS E O   1 
ATOM 604  C CB  . LYS E 1 17 ? -0.46063  14.02436  -20.88940 1.000 107.06000 ? 17 LYS E CB  1 
ATOM 605  C CG  . LYS E 1 17 ? 0.53381   13.47150  -21.89884 1.000 107.28000 ? 17 LYS E CG  1 
ATOM 606  C CD  . LYS E 1 17 ? 0.26036   12.00903  -22.20151 1.000 106.59000 ? 17 LYS E CD  1 
ATOM 607  C CE  . LYS E 1 17 ? 1.54487   11.27458  -22.53993 1.000 104.88000 ? 17 LYS E CE  1 
ATOM 608  N NZ  . LYS E 1 17 ? 1.56103   9.89954   -21.97506 1.000 103.97000 ? 17 LYS E NZ  1 
ATOM 609  N N   . ILE F 1 3  ? 13.77178  -10.27876 -14.48649 1.000 98.81000  ? 3  ILE F N   1 
ATOM 610  C CA  . ILE F 1 3  ? 13.18295  -9.50036  -13.40453 1.000 99.75000  ? 3  ILE F CA  1 
ATOM 611  C C   . ILE F 1 3  ? 12.56979  -10.44035 -12.37170 1.000 97.99000  ? 3  ILE F C   1 
ATOM 612  O O   . ILE F 1 3  ? 11.72636  -11.27261 -12.69645 1.000 97.49000  ? 3  ILE F O   1 
ATOM 613  C CB  . ILE F 1 3  ? 12.15499  -8.49243  -13.95336 1.000 99.03000  ? 3  ILE F CB  1 
ATOM 614  C CG1 . ILE F 1 3  ? 11.37372  -7.83757  -12.81416 1.000 96.59000  ? 3  ILE F CG1 1 
ATOM 615  C CG2 . ILE F 1 3  ? 11.23224  -9.15315  -14.96968 1.000 96.16000  ? 3  ILE F CG2 1 
ATOM 616  C CD1 . ILE F 1 3  ? 10.27346  -6.93798  -13.29998 1.000 94.33000  ? 3  ILE F CD1 1 
ATOM 617  N N   . LYS F 1 4  ? 13.00994  -10.31017 -11.12222 1.000 96.02000  ? 4  LYS F N   1 
ATOM 618  C CA  . LYS F 1 4  ? 12.65886  -11.28645 -10.10118 1.000 96.25000  ? 4  LYS F CA  1 
ATOM 619  C C   . LYS F 1 4  ? 12.83033  -10.66454 -8.72158  1.000 94.29000  ? 4  LYS F C   1 
ATOM 620  O O   . LYS F 1 4  ? 13.68524  -9.79941  -8.51809  1.000 96.50000  ? 4  LYS F O   1 
ATOM 621  C CB  . LYS F 1 4  ? 13.52233  -12.54905 -10.24731 1.000 97.24000  ? 4  LYS F CB  1 
ATOM 622  C CG  . LYS F 1 4  ? 13.58926  -13.44736 -9.02255  1.000 98.77000  ? 4  LYS F CG  1 
ATOM 623  C CD  . LYS F 1 4  ? 14.67821  -14.49799 -9.16469  1.000 97.10000  ? 4  LYS F CD  1 
ATOM 624  C CE  . LYS F 1 4  ? 14.85372  -15.28604 -7.87762  1.000 97.78000  ? 4  LYS F CE  1 
ATOM 625  N NZ  . LYS F 1 4  ? 14.47969  -14.48470 -6.67821  1.000 96.95000  ? 4  LYS F NZ  1 
ATOM 626  N N   . HIS F 1 5  ? 11.98966  -11.10836 -7.78461  1.000 93.91000  ? 5  HIS F N   1 
ATOM 627  C CA  . HIS F 1 5  ? 12.13442  -10.80300 -6.36089  1.000 93.16000  ? 5  HIS F CA  1 
ATOM 628  C C   . HIS F 1 5  ? 11.99953  -9.31380  -6.06579  1.000 94.08000  ? 5  HIS F C   1 
ATOM 629  O O   . HIS F 1 5  ? 12.67298  -8.78489  -5.18016  1.000 95.52000  ? 5  HIS F O   1 
ATOM 630  C CB  . HIS F 1 5  ? 13.46309  -11.33347 -5.81542  1.000 95.51000  ? 5  HIS F CB  1 
ATOM 631  C CG  . HIS F 1 5  ? 13.39335  -11.77562 -4.38742  1.000 97.09000  ? 5  HIS F CG  1 
ATOM 632  N ND1 . HIS F 1 5  ? 13.12575  -10.90708 -3.35199  1.000 96.85000  ? 5  HIS F ND1 1 
ATOM 633  C CD2 . HIS F 1 5  ? 13.55514  -12.99542 -3.82366  1.000 96.83000  ? 5  HIS F CD2 1 
ATOM 634  C CE1 . HIS F 1 5  ? 13.12703  -11.57332 -2.21121  1.000 96.83000  ? 5  HIS F CE1 1 
ATOM 635  N NE2 . HIS F 1 5  ? 13.38457  -12.84248 -2.46933  1.000 98.15000  ? 5  HIS F NE2 1 
ATOM 636  N N   . VAL F 1 6  ? 11.12945  -8.62460  -6.79964  1.000 96.01000  ? 6  VAL F N   1 
ATOM 637  C CA  . VAL F 1 6  ? 10.82621  -7.23589  -6.48478  1.000 95.37000  ? 6  VAL F CA  1 
ATOM 638  C C   . VAL F 1 6  ? 9.86857   -7.19051  -5.30278  1.000 97.10000  ? 6  VAL F C   1 
ATOM 639  O O   . VAL F 1 6  ? 8.90223   -7.95963  -5.23911  1.000 101.54000 ? 6  VAL F O   1 
ATOM 640  C CB  . VAL F 1 6  ? 10.23299  -6.52432  -7.70787  1.000 95.78000  ? 6  VAL F CB  1 
ATOM 641  C CG1 . VAL F 1 6  ? 10.12491  -5.03576  -7.44967  1.000 96.19000  ? 6  VAL F CG1 1 
ATOM 642  C CG2 . VAL F 1 6  ? 11.07857  -6.79853  -8.93901  1.000 96.81000  ? 6  VAL F CG2 1 
ATOM 643  N N   . LEU F 1 7  ? 10.13309  -6.29636  -4.35498  1.000 95.46000  ? 7  LEU F N   1 
ATOM 644  C CA  . LEU F 1 7  ? 9.25931   -6.15688  -3.19392  1.000 95.99000  ? 7  LEU F CA  1 
ATOM 645  C C   . LEU F 1 7  ? 9.39524   -4.74894  -2.63685  1.000 97.65000  ? 7  LEU F C   1 
ATOM 646  O O   . LEU F 1 7  ? 10.51041  -4.27791  -2.40359  1.000 100.48000 ? 7  LEU F O   1 
ATOM 647  C CB  . LEU F 1 7  ? 9.57918   -7.22180  -2.13653  1.000 95.78000  ? 7  LEU F CB  1 
ATOM 648  C CG  . LEU F 1 7  ? 10.74038  -7.08610  -1.15173  1.000 96.48000  ? 7  LEU F CG  1 
ATOM 649  C CD1 . LEU F 1 7  ? 10.25756  -6.51161  0.16427   1.000 97.90000  ? 7  LEU F CD1 1 
ATOM 650  C CD2 . LEU F 1 7  ? 11.41370  -8.43057  -0.93468  1.000 95.90000  ? 7  LEU F CD2 1 
ATOM 651  N N   . GLY F 1 8  ? 8.26593   -4.07016  -2.44316  1.000 100.33000 ? 8  GLY F N   1 
ATOM 652  C CA  . GLY F 1 8  ? 8.28719   -2.68899  -2.01346  1.000 103.82000 ? 8  GLY F CA  1 
ATOM 653  C C   . GLY F 1 8  ? 7.02629   -2.31229  -1.26496  1.000 103.31000 ? 8  GLY F C   1 
ATOM 654  O O   . GLY F 1 8  ? 6.11197   -3.12006  -1.09545  1.000 100.96000 ? 8  GLY F O   1 
ATOM 655  N N   . GLY F 1 9  ? 6.99242   -1.06268  -0.81200  1.000 109.60000 ? 9  GLY F N   1 
ATOM 656  C CA  . GLY F 1 9  ? 5.88088   -0.52966  -0.05814  1.000 110.62000 ? 9  GLY F CA  1 
ATOM 657  C C   . GLY F 1 9  ? 4.93505   0.29166   -0.91137  1.000 111.34000 ? 9  GLY F C   1 
ATOM 658  O O   . GLY F 1 9  ? 4.82097   0.10310   -2.12740  1.000 110.12000 ? 9  GLY F O   1 
ATOM 659  N N   . GLY F 1 10 ? 4.24372   1.22138   -0.25757  1.000 114.95000 ? 10 GLY F N   1 
ATOM 660  C CA  . GLY F 1 10 ? 3.27094   2.06112   -0.91844  1.000 113.48000 ? 10 GLY F CA  1 
ATOM 661  C C   . GLY F 1 10 ? 3.90277   3.25974   -1.60128  1.000 113.24000 ? 10 GLY F C   1 
ATOM 662  O O   . GLY F 1 10 ? 5.11224   3.33312   -1.82230  1.000 113.90000 ? 10 GLY F O   1 
ATOM 663  N N   . SER F 1 11 ? 3.04443   4.21377   -1.95782  1.000 108.13000 ? 11 SER F N   1 
ATOM 664  C CA  . SER F 1 11 ? 3.48150   5.46118   -2.56961  1.000 108.24000 ? 11 SER F CA  1 
ATOM 665  C C   . SER F 1 11 ? 2.36110   6.48183   -2.44387  1.000 106.98000 ? 11 SER F C   1 
ATOM 666  O O   . SER F 1 11 ? 1.18305   6.12955   -2.53614  1.000 106.94000 ? 11 SER F O   1 
ATOM 667  C CB  . SER F 1 11 ? 3.85993   5.27095   -4.04413  1.000 109.15000 ? 11 SER F CB  1 
ATOM 668  O OG  . SER F 1 11 ? 4.82398   4.24588   -4.20683  1.000 110.40000 ? 11 SER F OG  1 
ATOM 669  N N   . VAL F 1 12 ? 2.73502   7.74104   -2.23320  1.000 103.23000 ? 12 VAL F N   1 
ATOM 670  C CA  . VAL F 1 12 ? 1.78331   8.84024   -2.12512  1.000 102.78000 ? 12 VAL F CA  1 
ATOM 671  C C   . VAL F 1 12 ? 2.25704   9.97985   -3.01611  1.000 105.00000 ? 12 VAL F C   1 
ATOM 672  O O   . VAL F 1 12 ? 3.42797   10.36770  -2.96248  1.000 107.73000 ? 12 VAL F O   1 
ATOM 673  C CB  . VAL F 1 12 ? 1.62590   9.32014   -0.66980  1.000 103.64000 ? 12 VAL F CB  1 
ATOM 674  C CG1 . VAL F 1 12 ? 0.88388   10.64295  -0.62625  1.000 103.26000 ? 12 VAL F CG1 1 
ATOM 675  C CG2 . VAL F 1 12 ? 0.90364   8.27260   0.15808   1.000 103.37000 ? 12 VAL F CG2 1 
ATOM 676  N N   . GLN F 1 13 ? 1.35274   10.50700  -3.83869  1.000 99.75000  ? 13 GLN F N   1 
ATOM 677  C CA  . GLN F 1 13 ? 1.63832   11.67544  -4.65829  1.000 100.70000 ? 13 GLN F CA  1 
ATOM 678  C C   . GLN F 1 13 ? 0.37452   12.50627  -4.80706  1.000 99.75000  ? 13 GLN F C   1 
ATOM 679  O O   . GLN F 1 13 ? -0.70436  11.96880  -5.06772  1.000 100.99000 ? 13 GLN F O   1 
ATOM 680  C CB  . GLN F 1 13 ? 2.18250   11.27638  -6.03290  1.000 101.43000 ? 13 GLN F CB  1 
ATOM 681  C CG  . GLN F 1 13 ? 1.28444   10.34245  -6.80559  1.000 101.76000 ? 13 GLN F CG  1 
ATOM 682  C CD  . GLN F 1 13 ? 2.00311   9.09451   -7.25369  1.000 101.00000 ? 13 GLN F CD  1 
ATOM 683  O OE1 . GLN F 1 13 ? 2.47948   8.31176   -6.43250  1.000 99.60000  ? 13 GLN F OE1 1 
ATOM 684  N NE2 . GLN F 1 13 ? 2.08748   8.89778   -8.56256  1.000 100.69000 ? 13 GLN F NE2 1 
ATOM 685  N N   . ILE F 1 14 ? 0.50789   13.81712  -4.62903  1.000 99.22000  ? 14 ILE F N   1 
ATOM 686  C CA  . ILE F 1 14 ? -0.62994  14.72784  -4.66293  1.000 99.57000  ? 14 ILE F CA  1 
ATOM 687  C C   . ILE F 1 14 ? -0.28498  15.90469  -5.56312  1.000 100.35000 ? 14 ILE F C   1 
ATOM 688  O O   . ILE F 1 14 ? 0.82659   16.43964  -5.50542  1.000 104.55000 ? 14 ILE F O   1 
ATOM 689  C CB  . ILE F 1 14 ? -1.01344  15.22032  -3.25231  1.000 98.96000  ? 14 ILE F CB  1 
ATOM 690  C CG1 . ILE F 1 14 ? -0.91447  14.08498  -2.23341  1.000 98.41000  ? 14 ILE F CG1 1 
ATOM 691  C CG2 . ILE F 1 14 ? -2.42055  15.77948  -3.25852  1.000 101.82000 ? 14 ILE F CG2 1 
ATOM 692  C CD1 . ILE F 1 14 ? -1.32747  14.48201  -0.83778  1.000 100.15000 ? 14 ILE F CD1 1 
ATOM 693  N N   . VAL F 1 15 ? -1.23846  16.30708  -6.39957  1.000 101.18000 ? 15 VAL F N   1 
ATOM 694  C CA  . VAL F 1 15 ? -1.08519  17.46176  -7.27624  1.000 100.85000 ? 15 VAL F CA  1 
ATOM 695  C C   . VAL F 1 15 ? -2.29977  18.36145  -7.10429  1.000 102.15000 ? 15 VAL F C   1 
ATOM 696  O O   . VAL F 1 15 ? -3.43850  17.91205  -7.27055  1.000 105.41000 ? 15 VAL F O   1 
ATOM 697  C CB  . VAL F 1 15 ? -0.92513  17.04575  -8.75018  1.000 102.61000 ? 15 VAL F CB  1 
ATOM 698  C CG1 . VAL F 1 15 ? -1.17248  18.23249  -9.66582  1.000 103.00000 ? 15 VAL F CG1 1 
ATOM 699  C CG2 . VAL F 1 15 ? 0.45620   16.46403  -8.98778  1.000 103.76000 ? 15 VAL F CG2 1 
ATOM 700  N N   . TYR F 1 16 ? -2.05714  19.62495  -6.77542  1.000 106.08000 ? 16 TYR F N   1 
ATOM 701  C CA  . TYR F 1 16 ? -3.10682  20.61857  -6.61844  1.000 107.14000 ? 16 TYR F CA  1 
ATOM 702  C C   . TYR F 1 16 ? -3.11658  21.55407  -7.82009  1.000 107.75000 ? 16 TYR F C   1 
ATOM 703  O O   . TYR F 1 16 ? -2.07177  22.04583  -8.25289  1.000 109.05000 ? 16 TYR F O   1 
ATOM 704  C CB  . TYR F 1 16 ? -2.91273  21.43428  -5.33465  1.000 108.28000 ? 16 TYR F CB  1 
ATOM 705  C CG  . TYR F 1 16 ? -2.94274  20.62662  -4.05498  1.000 107.29000 ? 16 TYR F CG  1 
ATOM 706  C CD1 . TYR F 1 16 ? -4.04747  20.65968  -3.21633  1.000 106.95000 ? 16 TYR F CD1 1 
ATOM 707  C CD2 . TYR F 1 16 ? -1.86621  19.83161  -3.68506  1.000 108.03000 ? 16 TYR F CD2 1 
ATOM 708  C CE1 . TYR F 1 16 ? -4.07655  19.92907  -2.04434  1.000 106.98000 ? 16 TYR F CE1 1 
ATOM 709  C CE2 . TYR F 1 16 ? -1.88906  19.09532  -2.51785  1.000 107.78000 ? 16 TYR F CE2 1 
ATOM 710  C CZ  . TYR F 1 16 ? -2.99749  19.14580  -1.70224  1.000 106.70000 ? 16 TYR F CZ  1 
ATOM 711  O OH  . TYR F 1 16 ? -3.02334  18.41242  -0.53843  1.000 105.31000 ? 16 TYR F OH  1 
ATOM 712  N N   . LYS F 1 17 ? -4.30722  21.79676  -8.35699  1.000 107.15000 ? 17 LYS F N   1 
ATOM 713  C CA  . LYS F 1 17 ? -4.46197  22.74095  -9.46078  1.000 107.96000 ? 17 LYS F CA  1 
ATOM 714  C C   . LYS F 1 17 ? -5.59741  23.72013  -9.18327  1.000 107.86000 ? 17 LYS F C   1 
ATOM 715  O O   . LYS F 1 17 ? -5.90991  24.57357  -10.01339 1.000 107.98000 ? 17 LYS F O   1 
ATOM 716  C CB  . LYS F 1 17 ? -4.71616  22.00435  -10.77772 1.000 109.53000 ? 17 LYS F CB  1 
ATOM 717  C CG  . LYS F 1 17 ? -3.71287  20.90502  -11.09694 1.000 108.71000 ? 17 LYS F CG  1 
ATOM 718  C CD  . LYS F 1 17 ? -2.39108  21.47935  -11.57073 1.000 107.48000 ? 17 LYS F CD  1 
ATOM 719  C CE  . LYS F 1 17 ? -2.50307  22.07012  -12.96679 1.000 108.46000 ? 17 LYS F CE  1 
ATOM 720  N NZ  . LYS F 1 17 ? -3.57737  21.42605  -13.77107 1.000 106.49000 ? 17 LYS F NZ  1 
ATOM 721  N N   . ASP G 1 1  ? 0.99765   -3.98637  27.90691  1.000 123.65000 ? 1  ASP G N   1 
ATOM 722  C CA  . ASP G 1 1  ? 1.07730   -4.94147  26.80891  1.000 123.61000 ? 1  ASP G CA  1 
ATOM 723  C C   . ASP G 1 1  ? 0.23389   -4.47852  25.62737  1.000 122.70000 ? 1  ASP G C   1 
ATOM 724  O O   . ASP G 1 1  ? -0.18993  -5.28523  24.80123  1.000 122.12000 ? 1  ASP G O   1 
ATOM 725  C CB  . ASP G 1 1  ? 0.62221   -6.32871  27.27014  1.000 123.00000 ? 1  ASP G CB  1 
ATOM 726  C CG  . ASP G 1 1  ? 1.77732   -7.29137  27.45245  1.000 122.93000 ? 1  ASP G CG  1 
ATOM 727  O OD1 . ASP G 1 1  ? 2.72304   -7.24915  26.63857  1.000 122.93000 ? 1  ASP G OD1 1 
ATOM 728  O OD2 . ASP G 1 1  ? 1.73987   -8.09188  28.41010  1.000 122.07000 ? 1  ASP G OD2 1 
ATOM 729  N N   . ASN G 1 2  ? -0.00423  -3.17444  25.54908  1.000 117.86000 ? 2  ASN G N   1 
ATOM 730  C CA  . ASN G 1 2  ? -0.86050  -2.60116  24.52366  1.000 117.28000 ? 2  ASN G CA  1 
ATOM 731  C C   . ASN G 1 2  ? -0.04807  -1.76342  23.54164  1.000 118.67000 ? 2  ASN G C   1 
ATOM 732  O O   . ASN G 1 2  ? 1.12867   -1.47089  23.75525  1.000 118.00000 ? 2  ASN G O   1 
ATOM 733  C CB  . ASN G 1 2  ? -1.97289  -1.76154  25.16415  1.000 116.64000 ? 2  ASN G CB  1 
ATOM 734  C CG  . ASN G 1 2  ? -1.44639  -0.54265  25.89554  1.000 117.91000 ? 2  ASN G CG  1 
ATOM 735  O OD1 . ASN G 1 2  ? -0.91239  0.38371   25.28571  1.000 120.00000 ? 2  ASN G OD1 1 
ATOM 736  N ND2 . ASN G 1 2  ? -1.59857  -0.53648  27.21339  1.000 116.80000 ? 2  ASN G ND2 1 
ATOM 737  N N   . ILE G 1 3  ? -0.69095  -1.40348  22.43270  1.000 117.47000 ? 3  ILE G N   1 
ATOM 738  C CA  . ILE G 1 3  ? -0.12438  -0.49734  21.43972  1.000 116.80000 ? 3  ILE G CA  1 
ATOM 739  C C   . ILE G 1 3  ? -1.20208  0.49991   21.03610  1.000 115.21000 ? 3  ILE G C   1 
ATOM 740  O O   . ILE G 1 3  ? -2.38823  0.15813   20.98206  1.000 115.04000 ? 3  ILE G O   1 
ATOM 741  C CB  . ILE G 1 3  ? 0.42415   -1.24843  20.20450  1.000 115.73000 ? 3  ILE G CB  1 
ATOM 742  C CG1 . ILE G 1 3  ? -0.71573  -1.71857  19.30439  1.000 116.69000 ? 3  ILE G CG1 1 
ATOM 743  C CG2 . ILE G 1 3  ? 1.30483   -2.42477  20.61714  1.000 115.60000 ? 3  ILE G CG2 1 
ATOM 744  C CD1 . ILE G 1 3  ? -0.29072  -2.70549  18.25700  1.000 117.08000 ? 3  ILE G CD1 1 
ATOM 745  N N   . LYS G 1 4  ? -0.79660  1.74377   20.79037  1.000 111.83000 ? 4  LYS G N   1 
ATOM 746  C CA  . LYS G 1 4  ? -1.73882  2.79619   20.44320  1.000 111.12000 ? 4  LYS G CA  1 
ATOM 747  C C   . LYS G 1 4  ? -1.16102  3.65790   19.33133  1.000 111.56000 ? 4  LYS G C   1 
ATOM 748  O O   . LYS G 1 4  ? 0.05148   3.87088   19.25687  1.000 116.93000 ? 4  LYS G O   1 
ATOM 749  C CB  . LYS G 1 4  ? -2.07871  3.68047   21.65488  1.000 111.70000 ? 4  LYS G CB  1 
ATOM 750  C CG  . LYS G 1 4  ? -2.05908  2.95815   22.99494  1.000 111.40000 ? 4  LYS G CG  1 
ATOM 751  C CD  . LYS G 1 4  ? -2.74740  3.75931   24.08714  1.000 111.32000 ? 4  LYS G CD  1 
ATOM 752  C CE  . LYS G 1 4  ? -4.09804  4.28103   23.62954  1.000 110.71000 ? 4  LYS G CE  1 
ATOM 753  N NZ  . LYS G 1 4  ? -4.83981  4.92622   24.74676  1.000 110.17000 ? 4  LYS G NZ  1 
ATOM 754  N N   . HIS G 1 5  ? -2.04795  4.15347   18.47168  1.000 103.61000 ? 5  HIS G N   1 
ATOM 755  C CA  . HIS G 1 5  ? -1.72215  5.15134   17.45350  1.000 103.62000 ? 5  HIS G CA  1 
ATOM 756  C C   . HIS G 1 5  ? -0.58343  4.68334   16.54758  1.000 104.17000 ? 5  HIS G C   1 
ATOM 757  O O   . HIS G 1 5  ? 0.49388   5.27742   16.49628  1.000 110.46000 ? 5  HIS G O   1 
ATOM 758  C CB  . HIS G 1 5  ? -1.38149  6.49761   18.09865  1.000 107.14000 ? 5  HIS G CB  1 
ATOM 759  C CG  . HIS G 1 5  ? -2.47768  7.06044   18.94689  1.000 106.68000 ? 5  HIS G CG  1 
ATOM 760  N ND1 . HIS G 1 5  ? -2.90575  6.45657   20.10886  1.000 108.13000 ? 5  HIS G ND1 1 
ATOM 761  C CD2 . HIS G 1 5  ? -3.23101  8.17607   18.80367  1.000 106.14000 ? 5  HIS G CD2 1 
ATOM 762  C CE1 . HIS G 1 5  ? -3.87525  7.17486   20.64498  1.000 107.43000 ? 5  HIS G CE1 1 
ATOM 763  N NE2 . HIS G 1 5  ? -4.09244  8.22357   19.87187  1.000 108.05000 ? 5  HIS G NE2 1 
ATOM 764  N N   . VAL G 1 6  ? -0.83541  3.59528   15.82544  1.000 98.26000  ? 6  VAL G N   1 
ATOM 765  C CA  . VAL G 1 6  ? 0.10160   3.11107   14.81010  1.000 100.99000 ? 6  VAL G CA  1 
ATOM 766  C C   . VAL G 1 6  ? -0.42091  3.62910   13.47311  1.000 101.54000 ? 6  VAL G C   1 
ATOM 767  O O   . VAL G 1 6  ? -1.26878  3.01283   12.83079  1.000 105.65000 ? 6  VAL G O   1 
ATOM 768  C CB  . VAL G 1 6  ? 0.24440   1.59166   14.83600  1.000 101.67000 ? 6  VAL G CB  1 
ATOM 769  C CG1 . VAL G 1 6  ? 1.32992   1.14102   13.86771  1.000 101.91000 ? 6  VAL G CG1 1 
ATOM 770  C CG2 . VAL G 1 6  ? 0.54987   1.11566   16.24146  1.000 99.68000  ? 6  VAL G CG2 1 
ATOM 771  N N   . LEU G 1 7  ? 0.08833   4.78596   13.05123  1.000 102.61000 ? 7  LEU G N   1 
ATOM 772  C CA  . LEU G 1 7  ? -0.37092  5.43609   11.82793  1.000 102.95000 ? 7  LEU G CA  1 
ATOM 773  C C   . LEU G 1 7  ? 0.84434   5.93169   11.05147  1.000 106.64000 ? 7  LEU G C   1 
ATOM 774  O O   . LEU G 1 7  ? 1.98805   5.59053   11.36070  1.000 110.65000 ? 7  LEU G O   1 
ATOM 775  C CB  . LEU G 1 7  ? -1.33718  6.59273   12.12256  1.000 105.93000 ? 7  LEU G CB  1 
ATOM 776  C CG  . LEU G 1 7  ? -0.94888  7.71744   13.08856  1.000 105.17000 ? 7  LEU G CG  1 
ATOM 777  C CD1 . LEU G 1 7  ? -1.81800  8.93028   12.82352  1.000 106.08000 ? 7  LEU G CD1 1 
ATOM 778  C CD2 . LEU G 1 7  ? -1.10573  7.29694   14.53022  1.000 103.66000 ? 7  LEU G CD2 1 
ATOM 779  N N   . GLY G 1 8  ? 0.58304   6.74055   10.02581  1.000 109.95000 ? 8  GLY G N   1 
ATOM 780  C CA  . GLY G 1 8  ? 1.62912   7.39478   9.26376   1.000 109.43000 ? 8  GLY G CA  1 
ATOM 781  C C   . GLY G 1 8  ? 2.61785   6.45481   8.61131   1.000 109.83000 ? 8  GLY G C   1 
ATOM 782  O O   . GLY G 1 8  ? 3.83091   6.67651   8.67892   1.000 107.92000 ? 8  GLY G O   1 
ATOM 783  N N   . GLY G 1 9  ? 2.11389   5.40316   7.97341   1.000 110.04000 ? 9  GLY G N   1 
ATOM 784  C CA  . GLY G 1 9  ? 2.98847   4.39875   7.39522   1.000 109.57000 ? 9  GLY G CA  1 
ATOM 785  C C   . GLY G 1 9  ? 3.84256   3.67985   8.41246   1.000 110.51000 ? 9  GLY G C   1 
ATOM 786  O O   . GLY G 1 9  ? 4.98182   3.30978   8.10857   1.000 108.73000 ? 9  GLY G O   1 
ATOM 787  N N   . GLY G 1 10 ? 3.32054   3.46830   9.61787   1.000 110.74000 ? 10 GLY G N   1 
ATOM 788  C CA  . GLY G 1 10 ? 4.05548   2.79522   10.67096  1.000 108.57000 ? 10 GLY G CA  1 
ATOM 789  C C   . GLY G 1 10 ? 3.75112   1.30956   10.65778  1.000 107.67000 ? 10 GLY G C   1 
ATOM 790  O O   . GLY G 1 10 ? 2.66425   0.89017   10.25679  1.000 104.13000 ? 10 GLY G O   1 
ATOM 791  N N   . SER G 1 11 ? 4.72764   0.52018   11.09468  1.000 104.08000 ? 11 SER G N   1 
ATOM 792  C CA  . SER G 1 11 ? 4.60327   -0.93354  11.09346  1.000 104.26000 ? 11 SER G CA  1 
ATOM 793  C C   . SER G 1 11 ? 5.33584   -1.47703  12.30932  1.000 102.32000 ? 11 SER G C   1 
ATOM 794  O O   . SER G 1 11 ? 6.53374   -1.23292  12.47633  1.000 103.15000 ? 11 SER G O   1 
ATOM 795  C CB  . SER G 1 11 ? 5.16088   -1.53114  9.80200   1.000 102.04000 ? 11 SER G CB  1 
ATOM 796  O OG  . SER G 1 11 ? 6.50737   -1.13970  9.60263   1.000 101.83000 ? 11 SER G OG  1 
ATOM 797  N N   . VAL G 1 12 ? 4.61596   -2.20181  13.15757  1.000 95.88000  ? 12 VAL G N   1 
ATOM 798  C CA  . VAL G 1 12 ? 5.18771   -2.85058  14.32915  1.000 94.48000  ? 12 VAL G CA  1 
ATOM 799  C C   . VAL G 1 12 ? 5.19871   -4.34758  14.05912  1.000 94.26000  ? 12 VAL G C   1 
ATOM 800  O O   . VAL G 1 12 ? 4.20037   -4.90709  13.58921  1.000 98.28000  ? 12 VAL G O   1 
ATOM 801  C CB  . VAL G 1 12 ? 4.39324   -2.51395  15.59946  1.000 96.94000  ? 12 VAL G CB  1 
ATOM 802  C CG1 . VAL G 1 12 ? 4.94536   -3.27490  16.78069  1.000 95.00000  ? 12 VAL G CG1 1 
ATOM 803  C CG2 . VAL G 1 12 ? 4.42742   -1.01913  15.85626  1.000 97.43000  ? 12 VAL G CG2 1 
ATOM 804  N N   . GLN G 1 13 ? 6.32389   -4.99892  14.34063  1.000 90.61000  ? 13 GLN G N   1 
ATOM 805  C CA  . GLN G 1 13 ? 6.56099   -6.36021  13.86510  1.000 94.19000  ? 13 GLN G CA  1 
ATOM 806  C C   . GLN G 1 13 ? 7.05252   -7.25767  14.99746  1.000 94.88000  ? 13 GLN G C   1 
ATOM 807  O O   . GLN G 1 13 ? 8.10334   -7.89242  14.88696  1.000 97.66000  ? 13 GLN G O   1 
ATOM 808  C CB  . GLN G 1 13 ? 7.56280   -6.32290  12.71250  1.000 95.18000  ? 13 GLN G CB  1 
ATOM 809  C CG  . GLN G 1 13 ? 7.26692   -7.21340  11.49142  1.000 96.51000  ? 13 GLN G CG  1 
ATOM 810  C CD  . GLN G 1 13 ? 7.27461   -8.70870  11.71033  1.000 97.63000  ? 13 GLN G CD  1 
ATOM 811  O OE1 . GLN G 1 13 ? 7.46184   -9.20555  12.81119  1.000 96.35000  ? 13 GLN G OE1 1 
ATOM 812  N NE2 . GLN G 1 13 ? 7.04488   -9.44188  10.63023  1.000 97.78000  ? 13 GLN G NE2 1 
ATOM 813  N N   . ILE G 1 14 ? 6.35155   -7.27772  16.12982  1.000 91.80000  ? 14 ILE G N   1 
ATOM 814  C CA  . ILE G 1 14 ? 6.78198   -8.05995  17.28496  1.000 92.29000  ? 14 ILE G CA  1 
ATOM 815  C C   . ILE G 1 14 ? 6.70719   -9.54924  16.97722  1.000 90.82000  ? 14 ILE G C   1 
ATOM 816  O O   . ILE G 1 14 ? 5.71753   -10.02887 16.41494  1.000 92.72000  ? 14 ILE G O   1 
ATOM 817  C CB  . ILE G 1 14 ? 5.94374   -7.73072  18.53256  1.000 93.72000  ? 14 ILE G CB  1 
ATOM 818  C CG1 . ILE G 1 14 ? 5.81868   -6.22150  18.72248  1.000 93.43000  ? 14 ILE G CG1 1 
ATOM 819  C CG2 . ILE G 1 14 ? 6.55185   -8.36909  19.76364  1.000 96.78000  ? 14 ILE G CG2 1 
ATOM 820  C CD1 . ILE G 1 14 ? 4.45179   -5.79076  19.19256  1.000 92.65000  ? 14 ILE G CD1 1 
ATOM 821  N N   . VAL G 1 15 ? 7.75385   -10.29016 17.34300  1.000 98.11000  ? 15 VAL G N   1 
ATOM 822  C CA  . VAL G 1 15 ? 7.76711   -11.74576 17.23063  1.000 101.26000 ? 15 VAL G CA  1 
ATOM 823  C C   . VAL G 1 15 ? 8.24287   -12.31940 18.56015  1.000 101.87000 ? 15 VAL G C   1 
ATOM 824  O O   . VAL G 1 15 ? 8.90512   -11.62727 19.34044  1.000 101.16000 ? 15 VAL G O   1 
ATOM 825  C CB  . VAL G 1 15 ? 8.66532   -12.22343 16.07177  1.000 100.48000 ? 15 VAL G CB  1 
ATOM 826  C CG1 . VAL G 1 15 ? 8.37104   -13.67605 15.71705  1.000 100.50000 ? 15 VAL G CG1 1 
ATOM 827  C CG2 . VAL G 1 15 ? 8.49351   -11.34322 14.85117  1.000 99.22000  ? 15 VAL G CG2 1 
ATOM 828  N N   . TYR G 1 16 ? 7.90648   -13.58373 18.82446  1.000 104.87000 ? 16 TYR G N   1 
ATOM 829  C CA  . TYR G 1 16 ? 8.37937   -14.30438 20.00303  1.000 106.29000 ? 16 TYR G CA  1 
ATOM 830  C C   . TYR G 1 16 ? 7.99857   -13.57940 21.28850  1.000 107.74000 ? 16 TYR G C   1 
ATOM 831  O O   . TYR G 1 16 ? 8.80703   -13.48305 22.21746  1.000 105.90000 ? 16 TYR G O   1 
ATOM 832  C CB  . TYR G 1 16 ? 9.89770   -14.50505 19.92634  1.000 107.00000 ? 16 TYR G CB  1 
ATOM 833  C CG  . TYR G 1 16 ? 10.39232  -15.81068 20.51439  1.000 108.83000 ? 16 TYR G CG  1 
ATOM 834  C CD1 . TYR G 1 16 ? 10.26229  -16.08569 21.86906  1.000 107.34000 ? 16 TYR G CD1 1 
ATOM 835  C CD2 . TYR G 1 16 ? 10.99082  -16.77211 19.70793  1.000 108.10000 ? 16 TYR G CD2 1 
ATOM 836  C CE1 . TYR G 1 16 ? 10.71427  -17.27759 22.40549  1.000 106.38000 ? 16 TYR G CE1 1 
ATOM 837  C CE2 . TYR G 1 16 ? 11.44376  -17.96616 20.23460  1.000 107.42000 ? 16 TYR G CE2 1 
ATOM 838  C CZ  . TYR G 1 16 ? 11.30377  -18.21407 21.58270  1.000 107.08000 ? 16 TYR G CZ  1 
ATOM 839  O OH  . TYR G 1 16 ? 11.75406  -19.40318 22.11006  1.000 106.31000 ? 16 TYR G OH  1 
ATOM 840  N N   . LYS G 1 17 ? 6.77940   -13.05579 21.35045  1.000 108.56000 ? 17 LYS G N   1 
ATOM 841  C CA  . LYS G 1 17 ? 6.30641   -12.38086 22.55297  1.000 108.39000 ? 17 LYS G CA  1 
ATOM 842  C C   . LYS G 1 17 ? 5.10664   -13.10833 23.15027  1.000 106.26000 ? 17 LYS G C   1 
ATOM 843  O O   . LYS G 1 17 ? 5.26226   -14.04037 23.93986  1.000 105.89000 ? 17 LYS G O   1 
ATOM 844  C CB  . LYS G 1 17 ? 5.94254   -10.92603 22.24998  1.000 107.27000 ? 17 LYS G CB  1 
ATOM 845  C CG  . LYS G 1 17 ? 4.59918   -10.48632 22.80970  1.000 107.55000 ? 17 LYS G CG  1 
ATOM 846  C CD  . LYS G 1 17 ? 4.39969   -8.98978  22.64886  1.000 105.88000 ? 17 LYS G CD  1 
ATOM 847  C CE  . LYS G 1 17 ? 3.23901   -8.49302  23.49046  1.000 105.12000 ? 17 LYS G CE  1 
ATOM 848  N NZ  . LYS G 1 17 ? 3.21544   -7.00772  23.57642  1.000 104.73000 ? 17 LYS G NZ  1 
ATOM 849  N N   . ILE H 1 3  ? -1.22651  12.68525  14.64327  1.000 103.13000 ? 3  ILE H N   1 
ATOM 850  C CA  . ILE H 1 3  ? -2.65994  12.45337  14.53644  1.000 101.46000 ? 3  ILE H CA  1 
ATOM 851  C C   . ILE H 1 3  ? -3.33204  13.59546  13.78272  1.000 102.22000 ? 3  ILE H C   1 
ATOM 852  O O   . ILE H 1 3  ? -4.55791  13.65985  13.70221  1.000 106.87000 ? 3  ILE H O   1 
ATOM 853  C CB  . ILE H 1 3  ? -3.29128  12.24281  15.93321  1.000 102.01000 ? 3  ILE H CB  1 
ATOM 854  C CG1 . ILE H 1 3  ? -3.00185  13.42563  16.86732  1.000 101.49000 ? 3  ILE H CG1 1 
ATOM 855  C CG2 . ILE H 1 3  ? -2.79263  10.94579  16.55038  1.000 100.92000 ? 3  ILE H CG2 1 
ATOM 856  C CD1 . ILE H 1 3  ? -4.02069  14.55293  16.81767  1.000 100.46000 ? 3  ILE H CD1 1 
ATOM 857  N N   . LYS H 1 4  ? -2.52524  14.50081  13.23742  1.000 98.21000  ? 4  LYS H N   1 
ATOM 858  C CA  . LYS H 1 4  ? -3.01685  15.62166  12.44999  1.000 99.94000  ? 4  LYS H CA  1 
ATOM 859  C C   . LYS H 1 4  ? -2.13416  15.79004  11.22131  1.000 99.86000  ? 4  LYS H C   1 
ATOM 860  O O   . LYS H 1 4  ? -0.91065  15.90117  11.34461  1.000 100.92000 ? 4  LYS H O   1 
ATOM 861  C CB  . LYS H 1 4  ? -3.03687  16.90713  13.28319  1.000 101.39000 ? 4  LYS H CB  1 
ATOM 862  C CG  . LYS H 1 4  ? -4.16072  17.88076  12.94046  1.000 101.39000 ? 4  LYS H CG  1 
ATOM 863  C CD  . LYS H 1 4  ? -3.98588  18.50172  11.56292  1.000 102.20000 ? 4  LYS H CD  1 
ATOM 864  C CE  . LYS H 1 4  ? -4.75064  19.80875  11.44141  1.000 101.53000 ? 4  LYS H CE  1 
ATOM 865  N NZ  . LYS H 1 4  ? -4.40321  20.53860  10.19092  1.000 100.76000 ? 4  LYS H NZ  1 
ATOM 866  N N   . HIS H 1 5  ? -2.76036  15.80370  10.04442  1.000 99.90000  ? 5  HIS H N   1 
ATOM 867  C CA  . HIS H 1 5  ? -2.07643  16.03644  8.77178   1.000 99.41000  ? 5  HIS H CA  1 
ATOM 868  C C   . HIS H 1 5  ? -0.94169  15.04694  8.53640   1.000 99.47000  ? 5  HIS H C   1 
ATOM 869  O O   . HIS H 1 5  ? 0.06392   15.38425  7.90685   1.000 98.15000  ? 5  HIS H O   1 
ATOM 870  C CB  . HIS H 1 5  ? -1.55226  17.47179  8.67662   1.000 99.90000  ? 5  HIS H CB  1 
ATOM 871  C CG  . HIS H 1 5  ? -1.53558  18.01484  7.28324   1.000 101.49000 ? 5  HIS H CG  1 
ATOM 872  N ND1 . HIS H 1 5  ? -0.71138  17.51173  6.29929   1.000 101.47000 ? 5  HIS H ND1 1 
ATOM 873  C CD2 . HIS H 1 5  ? -2.24255  19.01465  6.70704   1.000 101.47000 ? 5  HIS H CD2 1 
ATOM 874  C CE1 . HIS H 1 5  ? -0.91202  18.17984  5.17729   1.000 102.41000 ? 5  HIS H CE1 1 
ATOM 875  N NE2 . HIS H 1 5  ? -1.83564  19.09714  5.39837   1.000 103.56000 ? 5  HIS H NE2 1 
ATOM 876  N N   . VAL H 1 6  ? -1.08680  13.81839  9.03059   1.000 103.27000 ? 6  VAL H N   1 
ATOM 877  C CA  . VAL H 1 6  ? -0.03476  12.82539  8.86675   1.000 101.71000 ? 6  VAL H CA  1 
ATOM 878  C C   . VAL H 1 6  ? -0.12618  12.20862  7.48030   1.000 103.17000 ? 6  VAL H C   1 
ATOM 879  O O   . VAL H 1 6  ? -1.20236  11.78869  7.03760   1.000 106.20000 ? 6  VAL H O   1 
ATOM 880  C CB  . VAL H 1 6  ? -0.14191  11.75470  9.96150   1.000 101.36000 ? 6  VAL H CB  1 
ATOM 881  C CG1 . VAL H 1 6  ? 1.06298   10.84222  9.91875   1.000 102.19000 ? 6  VAL H CG1 1 
ATOM 882  C CG2 . VAL H 1 6  ? -0.28366  12.40619  11.32582  1.000 103.15000 ? 6  VAL H CG2 1 
ATOM 883  N N   . LEU H 1 7  ? 1.00668   12.14957  6.78501   1.000 99.28000  ? 7  LEU H N   1 
ATOM 884  C CA  . LEU H 1 7  ? 1.06360   11.49645  5.48218   1.000 101.16000 ? 7  LEU H CA  1 
ATOM 885  C C   . LEU H 1 7  ? 2.40865   10.80397  5.33609   1.000 101.96000 ? 7  LEU H C   1 
ATOM 886  O O   . LEU H 1 7  ? 3.45017   11.40184  5.61698   1.000 104.17000 ? 7  LEU H O   1 
ATOM 887  C CB  . LEU H 1 7  ? 0.82351   12.49724  4.34563   1.000 101.69000 ? 7  LEU H CB  1 
ATOM 888  C CG  . LEU H 1 7  ? 1.89645   13.50429  3.93923   1.000 100.80000 ? 7  LEU H CG  1 
ATOM 889  C CD1 . LEU H 1 7  ? 1.88891   13.71136  2.43807   1.000 101.43000 ? 7  LEU H CD1 1 
ATOM 890  C CD2 . LEU H 1 7  ? 1.65714   14.81981  4.65220   1.000 101.60000 ? 7  LEU H CD2 1 
ATOM 891  N N   . GLY H 1 8  ? 2.38613   9.53787   4.91737   1.000 103.05000 ? 8  GLY H N   1 
ATOM 892  C CA  . GLY H 1 8  ? 3.60295   8.75710   4.83462   1.000 104.94000 ? 8  GLY H CA  1 
ATOM 893  C C   . GLY H 1 8  ? 3.53139   7.71541   3.74018   1.000 105.79000 ? 8  GLY H C   1 
ATOM 894  O O   . GLY H 1 8  ? 2.49734   7.52177   3.09656   1.000 104.37000 ? 8  GLY H O   1 
ATOM 895  N N   . GLY H 1 9  ? 4.65940   7.04138   3.53641   1.000 108.09000 ? 9  GLY H N   1 
ATOM 896  C CA  . GLY H 1 9  ? 4.79187   6.02211   2.52170   1.000 109.18000 ? 9  GLY H CA  1 
ATOM 897  C C   . GLY H 1 9  ? 4.65365   4.61955   3.07784   1.000 108.82000 ? 9  GLY H C   1 
ATOM 898  O O   . GLY H 1 9  ? 4.01721   4.38679   4.11126   1.000 107.31000 ? 9  GLY H O   1 
ATOM 899  N N   . GLY H 1 10 ? 5.26621   3.66937   2.37779   1.000 111.48000 ? 10 GLY H N   1 
ATOM 900  C CA  . GLY H 1 10 ? 5.18688   2.27389   2.74548   1.000 110.14000 ? 10 GLY H CA  1 
ATOM 901  C C   . GLY H 1 10 ? 6.19366   1.89042   3.81302   1.000 110.58000 ? 10 GLY H C   1 
ATOM 902  O O   . GLY H 1 10 ? 6.81701   2.72921   4.46529   1.000 111.78000 ? 10 GLY H O   1 
ATOM 903  N N   . SER H 1 11 ? 6.33713   0.57950   3.99853   1.000 106.62000 ? 11 SER H N   1 
ATOM 904  C CA  . SER H 1 11 ? 7.30018   0.03735   4.94566   1.000 107.36000 ? 11 SER H CA  1 
ATOM 905  C C   . SER H 1 11 ? 7.58068   -1.41306  4.58571   1.000 106.42000 ? 11 SER H C   1 
ATOM 906  O O   . SER H 1 11 ? 6.66495   -2.15479  4.22069   1.000 106.48000 ? 11 SER H O   1 
ATOM 907  C CB  . SER H 1 11 ? 6.79315   0.13605   6.38982   1.000 107.43000 ? 11 SER H CB  1 
ATOM 908  O OG  . SER H 1 11 ? 6.46239   1.46961   6.73301   1.000 109.36000 ? 11 SER H OG  1 
ATOM 909  N N   . VAL H 1 12 ? 8.84532   -1.80733  4.69288   1.000 101.95000 ? 12 VAL H N   1 
ATOM 910  C CA  . VAL H 1 12 ? 9.27582   -3.17235  4.41981   1.000 100.59000 ? 12 VAL H CA  1 
ATOM 911  C C   . VAL H 1 12 ? 10.10651  -3.65246  5.59997   1.000 103.48000 ? 12 VAL H C   1 
ATOM 912  O O   . VAL H 1 12 ? 11.02266  -2.95316  6.04430   1.000 106.33000 ? 12 VAL H O   1 
ATOM 913  C CB  . VAL H 1 12 ? 10.08281  -3.26391  3.11091   1.000 102.90000 ? 12 VAL H CB  1 
ATOM 914  C CG1 . VAL H 1 12 ? 10.90873  -4.53688  3.08534   1.000 103.32000 ? 12 VAL H CG1 1 
ATOM 915  C CG2 . VAL H 1 12 ? 9.15447   -3.19932  1.91279   1.000 102.09000 ? 12 VAL H CG2 1 
ATOM 916  N N   . GLN H 1 13 ? 9.78585   -4.84063  6.10838   1.000 99.39000  ? 13 GLN H N   1 
ATOM 917  C CA  . GLN H 1 13 ? 10.49523  -5.41495  7.24180   1.000 101.01000 ? 13 GLN H CA  1 
ATOM 918  C C   . GLN H 1 13 ? 10.31838  -6.92631  7.24291   1.000 99.19000  ? 13 GLN H C   1 
ATOM 919  O O   . GLN H 1 13 ? 9.19983   -7.43073  7.13685   1.000 99.35000  ? 13 GLN H O   1 
ATOM 920  C CB  . GLN H 1 13 ? 10.01789  -4.77820  8.55589   1.000 101.55000 ? 13 GLN H CB  1 
ATOM 921  C CG  . GLN H 1 13 ? 8.60247   -5.12010  8.96279   1.000 100.37000 ? 13 GLN H CG  1 
ATOM 922  C CD  . GLN H 1 13 ? 7.83089   -3.90378  9.42793   1.000 100.29000 ? 13 GLN H CD  1 
ATOM 923  O OE1 . GLN H 1 13 ? 7.09521   -3.96368  10.41144  1.000 99.34000  ? 13 GLN H OE1 1 
ATOM 924  N NE2 . GLN H 1 13 ? 7.99484   -2.79427  8.72423   1.000 99.66000  ? 13 GLN H NE2 1 
ATOM 925  N N   . ILE H 1 14 ? 11.43410  -7.64665  7.32830   1.000 98.34000  ? 14 ILE H N   1 
ATOM 926  C CA  . ILE H 1 14 ? 11.45065  -9.09266  7.14853   1.000 99.89000  ? 14 ILE H CA  1 
ATOM 927  C C   . ILE H 1 14 ? 12.23548  -9.73220  8.28634   1.000 99.94000  ? 14 ILE H C   1 
ATOM 928  O O   . ILE H 1 14 ? 13.15584  -9.12014  8.83834   1.000 102.61000 ? 14 ILE H O   1 
ATOM 929  C CB  . ILE H 1 14 ? 12.06134  -9.48588  5.78521   1.000 99.98000  ? 14 ILE H CB  1 
ATOM 930  C CG1 . ILE H 1 14 ? 11.54656  -8.56993  4.67421   1.000 99.41000  ? 14 ILE H CG1 1 
ATOM 931  C CG2 . ILE H 1 14 ? 11.72631  -10.92267 5.44413   1.000 102.85000 ? 14 ILE H CG2 1 
ATOM 932  C CD1 . ILE H 1 14 ? 12.18382  -8.82408  3.33226   1.000 99.19000  ? 14 ILE H CD1 1 
ATOM 933  N N   . VAL H 1 15 ? 11.86971  -10.96431 8.63510   1.000 102.02000 ? 15 VAL H N   1 
ATOM 934  C CA  . VAL H 1 15 ? 12.59384  -11.77137 9.61016   1.000 100.97000 ? 15 VAL H CA  1 
ATOM 935  C C   . VAL H 1 15 ? 12.75061  -13.17611 9.05008   1.000 101.87000 ? 15 VAL H C   1 
ATOM 936  O O   . VAL H 1 15 ? 11.77133  -13.78488 8.60654   1.000 105.65000 ? 15 VAL H O   1 
ATOM 937  C CB  . VAL H 1 15 ? 11.87610  -11.81398 10.97206  1.000 101.40000 ? 15 VAL H CB  1 
ATOM 938  C CG1 . VAL H 1 15 ? 12.31612  -13.02840 11.76767  1.000 101.89000 ? 15 VAL H CG1 1 
ATOM 939  C CG2 . VAL H 1 15 ? 12.17004  -10.56091 11.75684  1.000 102.10000 ? 15 VAL H CG2 1 
ATOM 940  N N   . TYR H 1 16 ? 13.97691  -13.68753 9.06702   1.000 106.67000 ? 16 TYR H N   1 
ATOM 941  C CA  . TYR H 1 16 ? 14.27209  -15.05626 8.67100   1.000 107.51000 ? 16 TYR H CA  1 
ATOM 942  C C   . TYR H 1 16 ? 14.71858  -15.85096 9.89017   1.000 108.82000 ? 16 TYR H C   1 
ATOM 943  O O   . TYR H 1 16 ? 15.63341  -15.43670 10.60894  1.000 111.26000 ? 16 TYR H O   1 
ATOM 944  C CB  . TYR H 1 16 ? 15.36232  -15.09733 7.59721   1.000 109.62000 ? 16 TYR H CB  1 
ATOM 945  C CG  . TYR H 1 16 ? 14.99802  -14.39965 6.30627   1.000 108.73000 ? 16 TYR H CG  1 
ATOM 946  C CD1 . TYR H 1 16 ? 14.47912  -15.10888 5.23368   1.000 109.64000 ? 16 TYR H CD1 1 
ATOM 947  C CD2 . TYR H 1 16 ? 15.17115  -13.03043 6.16236   1.000 108.17000 ? 16 TYR H CD2 1 
ATOM 948  C CE1 . TYR H 1 16 ? 14.14763  -14.47443 4.05218   1.000 109.74000 ? 16 TYR H CE1 1 
ATOM 949  C CE2 . TYR H 1 16 ? 14.84351  -12.38832 4.98724   1.000 107.72000 ? 16 TYR H CE2 1 
ATOM 950  C CZ  . TYR H 1 16 ? 14.32996  -13.11305 3.93610   1.000 108.59000 ? 16 TYR H CZ  1 
ATOM 951  O OH  . TYR H 1 16 ? 14.00112  -12.47195 2.76354   1.000 107.56000 ? 16 TYR H OH  1 
ATOM 952  N N   . LYS H 1 17 ? 14.07134  -16.98698 10.12475  1.000 107.15000 ? 17 LYS H N   1 
ATOM 953  C CA  . LYS H 1 17 ? 14.45119  -17.85721 11.23484  1.000 108.71000 ? 17 LYS H CA  1 
ATOM 954  C C   . LYS H 1 17 ? 14.70303  -19.28083 10.75270  1.000 108.70000 ? 17 LYS H C   1 
ATOM 955  O O   . LYS H 1 17 ? 14.66505  -20.22685 11.54036  1.000 108.90000 ? 17 LYS H O   1 
ATOM 956  C CB  . LYS H 1 17 ? 13.37235  -17.85678 12.31912  1.000 110.02000 ? 17 LYS H CB  1 
ATOM 957  C CG  . LYS H 1 17 ? 12.91857  -16.47588 12.75324  1.000 108.64000 ? 17 LYS H CG  1 
ATOM 958  C CD  . LYS H 1 17 ? 13.95818  -15.80276 13.62688  1.000 108.11000 ? 17 LYS H CD  1 
ATOM 959  C CE  . LYS H 1 17 ? 13.92241  -16.35461 15.03872  1.000 109.36000 ? 17 LYS H CE  1 
ATOM 960  N NZ  . LYS H 1 17 ? 12.54386  -16.34865 15.59802  1.000 108.90000 ? 17 LYS H NZ  1 
ATOM 961  N N   . ASP I 1 1  ? -3.06961  1.76574   -28.35025 1.000 122.99000 ? 1  ASP I N   1 
ATOM 962  C CA  . ASP I 1 1  ? -4.21654  2.24662   -27.59090 1.000 123.05000 ? 1  ASP I CA  1 
ATOM 963  C C   . ASP I 1 1  ? -4.75135  1.15569   -26.66963 1.000 122.56000 ? 1  ASP I C   1 
ATOM 964  O O   . ASP I 1 1  ? -5.77634  1.32976   -26.01214 1.000 122.83000 ? 1  ASP I O   1 
ATOM 965  C CB  . ASP I 1 1  ? -5.31874  2.73061   -28.53522 1.000 123.01000 ? 1  ASP I CB  1 
ATOM 966  C CG  . ASP I 1 1  ? -5.44380  4.24042   -28.55734 1.000 123.20000 ? 1  ASP I CG  1 
ATOM 967  O OD1 . ASP I 1 1  ? -5.03893  4.88373   -27.56699 1.000 122.55000 ? 1  ASP I OD1 1 
ATOM 968  O OD2 . ASP I 1 1  ? -5.94242  4.78341   -29.56524 1.000 122.22000 ? 1  ASP I OD2 1 
ATOM 969  N N   . ASN I 1 2  ? -4.04663  0.03127   -26.62700 1.000 117.97000 ? 2  ASN I N   1 
ATOM 970  C CA  . ASN I 1 2  ? -4.44091  -1.11276  -25.82118 1.000 117.46000 ? 2  ASN I CA  1 
ATOM 971  C C   . ASN I 1 2  ? -3.70668  -1.10284  -24.48493 1.000 118.34000 ? 2  ASN I C   1 
ATOM 972  O O   . ASN I 1 2  ? -2.77400  -0.33086  -24.26502 1.000 118.18000 ? 2  ASN I O   1 
ATOM 973  C CB  . ASN I 1 2  ? -4.17092  -2.41664  -26.58042 1.000 117.93000 ? 2  ASN I CB  1 
ATOM 974  C CG  . ASN I 1 2  ? -2.70540  -2.60596  -26.92338 1.000 117.54000 ? 2  ASN I CG  1 
ATOM 975  O OD1 . ASN I 1 2  ? -1.85839  -2.74357  -26.04120 1.000 118.69000 ? 2  ASN I OD1 1 
ATOM 976  N ND2 . ASN I 1 2  ? -2.39938  -2.61163  -28.21482 1.000 116.82000 ? 2  ASN I ND2 1 
ATOM 977  N N   . ILE I 1 3  ? -4.15744  -1.96039  -23.57360 1.000 119.17000 ? 3  ILE I N   1 
ATOM 978  C CA  . ILE I 1 3  ? -3.48832  -2.16524  -22.29330 1.000 117.52000 ? 3  ILE I CA  1 
ATOM 979  C C   . ILE I 1 3  ? -3.39733  -3.66303  -22.03737 1.000 117.50000 ? 3  ILE I C   1 
ATOM 980  O O   . ILE I 1 3  ? -4.29280  -4.42506  -22.41647 1.000 119.67000 ? 3  ILE I O   1 
ATOM 981  C CB  . ILE I 1 3  ? -4.20501  -1.44615  -21.12822 1.000 116.29000 ? 3  ILE I CB  1 
ATOM 982  C CG1 . ILE I 1 3  ? -5.48057  -2.18487  -20.72970 1.000 118.79000 ? 3  ILE I CG1 1 
ATOM 983  C CG2 . ILE I 1 3  ? -4.52116  0.00281   -21.48340 1.000 116.73000 ? 3  ILE I CG2 1 
ATOM 984  C CD1 . ILE I 1 3  ? -6.32301  -1.42487  -19.74998 1.000 118.91000 ? 3  ILE I CD1 1 
ATOM 985  N N   . LYS I 1 4  ? -2.29633  -4.09147  -21.42480 1.000 109.95000 ? 4  LYS I N   1 
ATOM 986  C CA  . LYS I 1 4  ? -2.07543  -5.50168  -21.14571 1.000 110.78000 ? 4  LYS I CA  1 
ATOM 987  C C   . LYS I 1 4  ? -1.48499  -5.66587  -19.75312 1.000 109.97000 ? 4  LYS I C   1 
ATOM 988  O O   . LYS I 1 4  ? -0.73528  -4.81091  -19.27432 1.000 113.72000 ? 4  LYS I O   1 
ATOM 989  C CB  . LYS I 1 4  ? -1.14043  -6.15284  -22.17792 1.000 111.48000 ? 4  LYS I CB  1 
ATOM 990  C CG  . LYS I 1 4  ? -1.28203  -5.62777  -23.59963 1.000 111.06000 ? 4  LYS I CG  1 
ATOM 991  C CD  . LYS I 1 4  ? -0.50150  -6.47789  -24.58913 1.000 110.96000 ? 4  LYS I CD  1 
ATOM 992  C CE  . LYS I 1 4  ? -0.72821  -7.96114  -24.35062 1.000 110.34000 ? 4  LYS I CE  1 
ATOM 993  N NZ  . LYS I 1 4  ? -0.10844  -8.79379  -25.41745 1.000 110.36000 ? 4  LYS I NZ  1 
ATOM 994  N N   . HIS I 1 5  ? -1.83406  -6.78086  -19.11400 1.000 104.51000 ? 5  HIS I N   1 
ATOM 995  C CA  . HIS I 1 5  ? -1.23456  -7.21707  -17.85214 1.000 103.34000 ? 5  HIS I CA  1 
ATOM 996  C C   . HIS I 1 5  ? -1.33879  -6.14120  -16.76948 1.000 104.28000 ? 5  HIS I C   1 
ATOM 997  O O   . HIS I 1 5  ? -0.34303  -5.59785  -16.29228 1.000 110.44000 ? 5  HIS I O   1 
ATOM 998  C CB  . HIS I 1 5  ? 0.22249   -7.63848  -18.06037 1.000 107.37000 ? 5  HIS I CB  1 
ATOM 999  C CG  . HIS I 1 5  ? 0.39461   -8.76856  -19.02685 1.000 106.95000 ? 5  HIS I CG  1 
ATOM 1000 N ND1 . HIS I 1 5  ? 0.15921   -8.63532  -20.37839 1.000 108.93000 ? 5  HIS I ND1 1 
ATOM 1001 C CD2 . HIS I 1 5  ? 0.78549   -10.05055 -18.83795 1.000 106.53000 ? 5  HIS I CD2 1 
ATOM 1002 C CE1 . HIS I 1 5  ? 0.39604   -9.78754  -20.97913 1.000 108.47000 ? 5  HIS I CE1 1 
ATOM 1003 N NE2 . HIS I 1 5  ? 0.77671   -10.66277 -20.06687 1.000 109.17000 ? 5  HIS I NE2 1 
ATOM 1004 N N   . VAL I 1 6  ? -2.57650  -5.84140  -16.38194 1.000 101.53000 ? 6  VAL I N   1 
ATOM 1005 C CA  . VAL I 1 6  ? -2.83921  -4.94697  -15.25273 1.000 104.51000 ? 6  VAL I CA  1 
ATOM 1006 C C   . VAL I 1 6  ? -3.20822  -5.84546  -14.07627 1.000 105.50000 ? 6  VAL I C   1 
ATOM 1007 O O   . VAL I 1 6  ? -4.34744  -6.28881  -13.93547 1.000 109.49000 ? 6  VAL I O   1 
ATOM 1008 C CB  . VAL I 1 6  ? -3.92673  -3.92488  -15.57107 1.000 106.58000 ? 6  VAL I CB  1 
ATOM 1009 C CG1 . VAL I 1 6  ? -4.05733  -2.92395  -14.43564 1.000 106.25000 ? 6  VAL I CG1 1 
ATOM 1010 C CG2 . VAL I 1 6  ? -3.61742  -3.21634  -16.87913 1.000 104.75000 ? 6  VAL I CG2 1 
ATOM 1011 N N   . LEU I 1 7  ? -2.22786  -6.11825  -13.21889 1.000 103.26000 ? 7  LEU I N   1 
ATOM 1012 C CA  . LEU I 1 7  ? -2.39908  -7.07007  -12.12713 1.000 103.78000 ? 7  LEU I CA  1 
ATOM 1013 C C   . LEU I 1 7  ? -1.70328  -6.52477  -10.88601 1.000 106.57000 ? 7  LEU I C   1 
ATOM 1014 O O   . LEU I 1 7  ? -1.33701  -5.34864  -10.82182 1.000 110.66000 ? 7  LEU I O   1 
ATOM 1015 C CB  . LEU I 1 7  ? -1.84898  -8.44806  -12.51286 1.000 106.07000 ? 7  LEU I CB  1 
ATOM 1016 C CG  . LEU I 1 7  ? -0.39644  -8.44937  -12.98901 1.000 105.05000 ? 7  LEU I CG  1 
ATOM 1017 C CD1 . LEU I 1 7  ? 0.32456   -9.64537  -12.42501 1.000 105.33000 ? 7  LEU I CD1 1 
ATOM 1018 C CD2 . LEU I 1 7  ? -0.32475  -8.46574  -14.50235 1.000 103.45000 ? 7  LEU I CD2 1 
ATOM 1019 N N   . GLY I 1 8  ? -1.53901  -7.39158  -9.88809  1.000 110.43000 ? 8  GLY I N   1 
ATOM 1020 C CA  . GLY I 1 8  ? -0.78695  -7.06971  -8.68950  1.000 109.06000 ? 8  GLY I CA  1 
ATOM 1021 C C   . GLY I 1 8  ? -1.29891  -5.85520  -7.94897  1.000 108.81000 ? 8  GLY I C   1 
ATOM 1022 O O   . GLY I 1 8  ? -0.51150  -5.02459  -7.48663  1.000 105.68000 ? 8  GLY I O   1 
ATOM 1023 N N   . GLY I 1 9  ? -2.61795  -5.74291  -7.82227  1.000 113.48000 ? 9  GLY I N   1 
ATOM 1024 C CA  . GLY I 1 9  ? -3.19713  -4.52696  -7.28634  1.000 113.44000 ? 9  GLY I CA  1 
ATOM 1025 C C   . GLY I 1 9  ? -2.95317  -3.31977  -8.16111  1.000 114.17000 ? 9  GLY I C   1 
ATOM 1026 O O   . GLY I 1 9  ? -2.77996  -2.20995  -7.64809  1.000 111.68000 ? 9  GLY I O   1 
ATOM 1027 N N   . GLY I 1 10 ? -2.93271  -3.51090  -9.47790  1.000 115.23000 ? 10 GLY I N   1 
ATOM 1028 C CA  . GLY I 1 10 ? -2.66293  -2.42498  -10.39832 1.000 112.10000 ? 10 GLY I CA  1 
ATOM 1029 C C   . GLY I 1 10 ? -3.92571  -1.64470  -10.71931 1.000 112.33000 ? 10 GLY I C   1 
ATOM 1030 O O   . GLY I 1 10 ? -5.01573  -2.20536  -10.80512 1.000 111.30000 ? 10 GLY I O   1 
ATOM 1031 N N   . SER I 1 11 ? -3.75956  -0.33776  -10.89565 1.000 104.72000 ? 11 SER I N   1 
ATOM 1032 C CA  . SER I 1 11 ? -4.87285  0.55200   -11.18231 1.000 105.80000 ? 11 SER I CA  1 
ATOM 1033 C C   . SER I 1 11 ? -4.43398  1.60191   -12.19022 1.000 104.08000 ? 11 SER I C   1 
ATOM 1034 O O   . SER I 1 11 ? -3.36342  2.19810   -12.05153 1.000 102.90000 ? 11 SER I O   1 
ATOM 1035 C CB  . SER I 1 11 ? -5.38707  1.22084   -9.90385  1.000 104.32000 ? 11 SER I CB  1 
ATOM 1036 O OG  . SER I 1 11 ? -4.37885  2.01596   -9.30548  1.000 101.72000 ? 11 SER I OG  1 
ATOM 1037 N N   . VAL I 1 12 ? -5.26684  1.81760   -13.20590 1.000 99.40000  ? 12 VAL I N   1 
ATOM 1038 C CA  . VAL I 1 12 ? -4.97285  2.77660   -14.26486 1.000 97.82000  ? 12 VAL I CA  1 
ATOM 1039 C C   . VAL I 1 12 ? -6.21551  3.63019   -14.48349 1.000 98.49000  ? 12 VAL I C   1 
ATOM 1040 O O   . VAL I 1 12 ? -7.34093  3.13203   -14.37765 1.000 103.15000 ? 12 VAL I O   1 
ATOM 1041 C CB  . VAL I 1 12 ? -4.53761  2.05383   -15.55357 1.000 99.88000  ? 12 VAL I CB  1 
ATOM 1042 C CG1 . VAL I 1 12 ? -4.32936  3.03898   -16.67190 1.000 98.23000  ? 12 VAL I CG1 1 
ATOM 1043 C CG2 . VAL I 1 12 ? -3.27215  1.24636   -15.31119 1.000 99.62000  ? 12 VAL I CG2 1 
ATOM 1044 N N   . GLN I 1 13 ? -6.03362  4.91769   -14.78399 1.000 92.73000  ? 13 GLN I N   1 
ATOM 1045 C CA  . GLN I 1 13 ? -7.17510  5.82481   -14.82924 1.000 96.49000  ? 13 GLN I CA  1 
ATOM 1046 C C   . GLN I 1 13 ? -7.47147  6.35132   -16.23130 1.000 95.36000  ? 13 GLN I C   1 
ATOM 1047 O O   . GLN I 1 13 ? -8.56762  6.13114   -16.75623 1.000 100.94000 ? 13 GLN I O   1 
ATOM 1048 C CB  . GLN I 1 13 ? -6.93747  6.99583   -13.87682 1.000 96.80000  ? 13 GLN I CB  1 
ATOM 1049 C CG  . GLN I 1 13 ? -8.20242  7.63582   -13.35480 1.000 98.23000  ? 13 GLN I CG  1 
ATOM 1050 C CD  . GLN I 1 13 ? -8.47540  7.27606   -11.91457 1.000 98.99000  ? 13 GLN I CD  1 
ATOM 1051 O OE1 . GLN I 1 13 ? -7.56238  7.23336   -11.09309 1.000 98.09000  ? 13 GLN I OE1 1 
ATOM 1052 N NE2 . GLN I 1 13 ? -9.73597  7.01541   -11.59762 1.000 99.19000  ? 13 GLN I NE2 1 
ATOM 1053 N N   . ILE I 1 14 ? -6.50244  7.02882   -16.84883 1.000 89.96000  ? 14 ILE I N   1 
ATOM 1054 C CA  . ILE I 1 14 ? -6.63486  7.60163   -18.18923 1.000 92.46000  ? 14 ILE I CA  1 
ATOM 1055 C C   . ILE I 1 14 ? -7.93750  8.37535   -18.36226 1.000 94.24000  ? 14 ILE I C   1 
ATOM 1056 O O   . ILE I 1 14 ? -8.77645  8.01082   -19.19119 1.000 97.21000  ? 14 ILE I O   1 
ATOM 1057 C CB  . ILE I 1 14 ? -6.51523  6.52018   -19.27701 1.000 93.50000  ? 14 ILE I CB  1 
ATOM 1058 C CG1 . ILE I 1 14 ? -5.54620  5.42502   -18.84527 1.000 93.34000  ? 14 ILE I CG1 1 
ATOM 1059 C CG2 . ILE I 1 14 ? -6.05112  7.13595   -20.58193 1.000 94.77000  ? 14 ILE I CG2 1 
ATOM 1060 C CD1 . ILE I 1 14 ? -5.30009  4.37427   -19.90373 1.000 94.63000  ? 14 ILE I CD1 1 
ATOM 1061 N N   . VAL I 1 15 ? -8.12430  9.43910   -17.58472 1.000 98.67000  ? 15 VAL I N   1 
ATOM 1062 C CA  . VAL I 1 15 ? -9.27782  10.31272  -17.77193 1.000 99.91000  ? 15 VAL I CA  1 
ATOM 1063 C C   . VAL I 1 15 ? -9.01790  11.23758  -18.95454 1.000 101.25000 ? 15 VAL I C   1 
ATOM 1064 O O   . VAL I 1 15 ? -7.86323  11.50107  -19.30531 1.000 101.04000 ? 15 VAL I O   1 
ATOM 1065 C CB  . VAL I 1 15 ? -9.58082  11.12773  -16.50169 1.000 99.78000  ? 15 VAL I CB  1 
ATOM 1066 C CG1 . VAL I 1 15 ? -11.02298 11.61517  -16.50563 1.000 101.53000 ? 15 VAL I CG1 1 
ATOM 1067 C CG2 . VAL I 1 15 ? -9.30611  10.30247  -15.27289 1.000 98.05000  ? 15 VAL I CG2 1 
ATOM 1068 N N   . TYR I 1 16 ? -10.08994 11.73220  -19.57049 1.000 105.09000 ? 16 TYR I N   1 
ATOM 1069 C CA  . TYR I 1 16 ? -10.01195 12.74492  -20.62314 1.000 107.38000 ? 16 TYR I CA  1 
ATOM 1070 C C   . TYR I 1 16 ? -9.14785  12.27772  -21.79120 1.000 107.87000 ? 16 TYR I C   1 
ATOM 1071 O O   . TYR I 1 16 ? -8.34838  13.02985  -22.35047 1.000 105.30000 ? 16 TYR I O   1 
ATOM 1072 C CB  . TYR I 1 16 ? -9.49652  14.06887  -20.06055 1.000 107.51000 ? 16 TYR I CB  1 
ATOM 1073 C CG  . TYR I 1 16 ? -10.23381 15.28772  -20.56733 1.000 108.17000 ? 16 TYR I CG  1 
ATOM 1074 C CD1 . TYR I 1 16 ? -10.74429 16.22916  -19.68471 1.000 107.31000 ? 16 TYR I CD1 1 
ATOM 1075 C CD2 . TYR I 1 16 ? -10.40965 15.50353  -21.92762 1.000 107.33000 ? 16 TYR I CD2 1 
ATOM 1076 C CE1 . TYR I 1 16 ? -11.41440 17.34662  -20.13952 1.000 107.57000 ? 16 TYR I CE1 1 
ATOM 1077 C CE2 . TYR I 1 16 ? -11.07816 16.62003  -22.39260 1.000 105.81000 ? 16 TYR I CE2 1 
ATOM 1078 C CZ  . TYR I 1 16 ? -11.57942 17.53820  -21.49330 1.000 106.66000 ? 16 TYR I CZ  1 
ATOM 1079 O OH  . TYR I 1 16 ? -12.24683 18.65211  -21.94705 1.000 105.23000 ? 16 TYR I OH  1 
ATOM 1080 N N   . LYS I 1 17 ? -9.31576  11.01316  -22.16079 1.000 108.36000 ? 17 LYS I N   1 
ATOM 1081 C CA  . LYS I 1 17 ? -8.59512  10.46366  -23.30314 1.000 108.14000 ? 17 LYS I CA  1 
ATOM 1082 C C   . LYS I 1 17 ? -9.23668  10.90516  -24.61398 1.000 108.26000 ? 17 LYS I C   1 
ATOM 1083 O O   . LYS I 1 17 ? -10.09891 10.21458  -25.15619 1.000 106.48000 ? 17 LYS I O   1 
ATOM 1084 C CB  . LYS I 1 17 ? -8.54724  8.93763   -23.23612 1.000 108.46000 ? 17 LYS I CB  1 
ATOM 1085 C CG  . LYS I 1 17 ? -7.53593  8.32199   -24.18880 1.000 107.77000 ? 17 LYS I CG  1 
ATOM 1086 C CD  . LYS I 1 17 ? -7.34867  6.83972   -23.92841 1.000 106.56000 ? 17 LYS I CD  1 
ATOM 1087 C CE  . LYS I 1 17 ? -6.43363  6.21650   -24.96530 1.000 105.35000 ? 17 LYS I CE  1 
ATOM 1088 N NZ  . LYS I 1 17 ? -6.18291  4.77715   -24.68715 1.000 104.40000 ? 17 LYS I NZ  1 
ATOM 1089 N N   . ILE J 1 3  ? 4.96237   -14.10603 -15.47286 1.000 97.38000  ? 3  ILE J N   1 
ATOM 1090 C CA  . ILE J 1 3  ? 4.16251   -13.72495 -14.31546 1.000 98.11000  ? 3  ILE J CA  1 
ATOM 1091 C C   . ILE J 1 3  ? 4.03106   -14.90719 -13.36626 1.000 97.23000  ? 3  ILE J C   1 
ATOM 1092 O O   . ILE J 1 3  ? 3.60975   -15.99005 -13.77036 1.000 97.67000  ? 3  ILE J O   1 
ATOM 1093 C CB  . ILE J 1 3  ? 2.77471   -13.19987 -14.73175 1.000 98.56000  ? 3  ILE J CB  1 
ATOM 1094 C CG1 . ILE J 1 3  ? 2.86752   -12.32259 -15.98465 1.000 96.51000  ? 3  ILE J CG1 1 
ATOM 1095 C CG2 . ILE J 1 3  ? 2.14365   -12.43375 -13.59120 1.000 96.17000  ? 3  ILE J CG2 1 
ATOM 1096 C CD1 . ILE J 1 3  ? 2.59762   -13.05653 -17.28839 1.000 95.43000  ? 3  ILE J CD1 1 
ATOM 1097 N N   . LYS J 1 4  ? 4.38885   -14.69564 -12.10125 1.000 94.03000  ? 4  LYS J N   1 
ATOM 1098 C CA  . LYS J 1 4  ? 4.38402   -15.77261 -11.12348 1.000 94.96000  ? 4  LYS J CA  1 
ATOM 1099 C C   . LYS J 1 4  ? 4.50737   -15.18059 -9.72665  1.000 93.40000  ? 4  LYS J C   1 
ATOM 1100 O O   . LYS J 1 4  ? 5.31043   -14.27303 -9.49960  1.000 94.74000  ? 4  LYS J O   1 
ATOM 1101 C CB  . LYS J 1 4  ? 5.52583   -16.76332 -11.39823 1.000 96.11000  ? 4  LYS J CB  1 
ATOM 1102 C CG  . LYS J 1 4  ? 5.33998   -18.15788 -10.81053 1.000 97.24000  ? 4  LYS J CG  1 
ATOM 1103 C CD  . LYS J 1 4  ? 5.81002   -18.23542 -9.36665  1.000 96.65000  ? 4  LYS J CD  1 
ATOM 1104 C CE  . LYS J 1 4  ? 6.13259   -19.66298 -8.96056  1.000 96.95000  ? 4  LYS J CE  1 
ATOM 1105 N NZ  . LYS J 1 4  ? 6.10833   -19.83403 -7.48054  1.000 94.55000  ? 4  LYS J NZ  1 
ATOM 1106 N N   . HIS J 1 5  ? 3.68922   -15.69331 -8.80614  1.000 94.49000  ? 5  HIS J N   1 
ATOM 1107 C CA  . HIS J 1 5  ? 3.78590   -15.39549 -7.38024  1.000 95.00000  ? 5  HIS J CA  1 
ATOM 1108 C C   . HIS J 1 5  ? 3.56648   -13.92108 -7.06698  1.000 94.22000  ? 5  HIS J C   1 
ATOM 1109 O O   . HIS J 1 5  ? 3.93030   -13.45446 -5.98317  1.000 91.76000  ? 5  HIS J O   1 
ATOM 1110 C CB  . HIS J 1 5  ? 5.14060   -15.85015 -6.83146  1.000 95.81000  ? 5  HIS J CB  1 
ATOM 1111 C CG  . HIS J 1 5  ? 5.07320   -16.39588 -5.44030  1.000 97.58000  ? 5  HIS J CG  1 
ATOM 1112 N ND1 . HIS J 1 5  ? 5.40265   -17.69945 -5.13669  1.000 99.35000  ? 5  HIS J ND1 1 
ATOM 1113 C CD2 . HIS J 1 5  ? 4.71484   -15.81575 -4.27036  1.000 96.81000  ? 5  HIS J CD2 1 
ATOM 1114 C CE1 . HIS J 1 5  ? 5.24856   -17.89919 -3.84001  1.000 99.65000  ? 5  HIS J CE1 1 
ATOM 1115 N NE2 . HIS J 1 5  ? 4.83346   -16.77162 -3.29096  1.000 99.29000  ? 5  HIS J NE2 1 
ATOM 1116 N N   . VAL J 1 6  ? 2.97863   -13.17866 -7.99904  1.000 96.25000  ? 6  VAL J N   1 
ATOM 1117 C CA  . VAL J 1 6  ? 2.68213   -11.76915 -7.77214  1.000 94.66000  ? 6  VAL J CA  1 
ATOM 1118 C C   . VAL J 1 6  ? 1.57197   -11.64680 -6.73718  1.000 97.49000  ? 6  VAL J C   1 
ATOM 1119 O O   . VAL J 1 6  ? 0.51296   -12.26713 -6.87288  1.000 102.54000 ? 6  VAL J O   1 
ATOM 1120 C CB  . VAL J 1 6  ? 2.30118   -11.06661 -9.08659  1.000 95.14000  ? 6  VAL J CB  1 
ATOM 1121 C CG1 . VAL J 1 6  ? 1.46343   -11.98801 -9.94836  1.000 96.98000  ? 6  VAL J CG1 1 
ATOM 1122 C CG2 . VAL J 1 6  ? 1.56385   -9.77104  -8.80174  1.000 94.64000  ? 6  VAL J CG2 1 
ATOM 1123 N N   . LEU J 1 7  ? 1.80299   -10.85169 -5.69587  1.000 93.39000  ? 7  LEU J N   1 
ATOM 1124 C CA  . LEU J 1 7  ? 0.79959   -10.65437 -4.65397  1.000 94.60000  ? 7  LEU J CA  1 
ATOM 1125 C C   . LEU J 1 7  ? 0.92135   -9.24140  -4.10627  1.000 95.22000  ? 7  LEU J C   1 
ATOM 1126 O O   . LEU J 1 7  ? 1.99384   -8.84203  -3.64641  1.000 97.38000  ? 7  LEU J O   1 
ATOM 1127 C CB  . LEU J 1 7  ? 0.94581   -11.70570 -3.54545  1.000 96.47000  ? 7  LEU J CB  1 
ATOM 1128 C CG  . LEU J 1 7  ? 2.12799   -11.69601 -2.57369  1.000 95.14000  ? 7  LEU J CG  1 
ATOM 1129 C CD1 . LEU J 1 7  ? 1.71724   -11.09851 -1.24369  1.000 96.63000  ? 7  LEU J CD1 1 
ATOM 1130 C CD2 . LEU J 1 7  ? 2.67984   -13.09793 -2.38356  1.000 93.90000  ? 7  LEU J CD2 1 
ATOM 1131 N N   . GLY J 1 8  ? -0.17070  -8.48069  -4.16389  1.000 100.27000 ? 8  GLY J N   1 
ATOM 1132 C CA  . GLY J 1 8  ? -0.13139  -7.08365  -3.78984  1.000 102.94000 ? 8  GLY J CA  1 
ATOM 1133 C C   . GLY J 1 8  ? -1.40871  -6.64856  -3.10549  1.000 102.88000 ? 8  GLY J C   1 
ATOM 1134 O O   . GLY J 1 8  ? -2.37612  -7.40607  -3.00180  1.000 101.65000 ? 8  GLY J O   1 
ATOM 1135 N N   . GLY J 1 9  ? -1.40113  -5.40620  -2.63236  1.000 109.28000 ? 9  GLY J N   1 
ATOM 1136 C CA  . GLY J 1 9  ? -2.51671  -4.82917  -1.91941  1.000 110.98000 ? 9  GLY J CA  1 
ATOM 1137 C C   . GLY J 1 9  ? -3.41886  -4.00231  -2.81208  1.000 111.37000 ? 9  GLY J C   1 
ATOM 1138 O O   . GLY J 1 9  ? -3.47104  -4.18184  -4.03416  1.000 110.73000 ? 9  GLY J O   1 
ATOM 1139 N N   . GLY J 1 10 ? -4.13923  -3.07429  -2.18825  1.000 114.06000 ? 10 GLY J N   1 
ATOM 1140 C CA  . GLY J 1 10 ? -5.09195  -2.24333  -2.88848  1.000 113.10000 ? 10 GLY J CA  1 
ATOM 1141 C C   . GLY J 1 10 ? -4.43617  -1.07463  -3.60073  1.000 114.25000 ? 10 GLY J C   1 
ATOM 1142 O O   . GLY J 1 10 ? -3.22589  -1.02995  -3.82169  1.000 114.30000 ? 10 GLY J O   1 
ATOM 1143 N N   . SER J 1 11 ? -5.27612  -0.11588  -3.98390  1.000 110.21000 ? 11 SER J N   1 
ATOM 1144 C CA  . SER J 1 11 ? -4.82168  1.10231   -4.63810  1.000 109.12000 ? 11 SER J CA  1 
ATOM 1145 C C   . SER J 1 11 ? -5.91609  2.15176   -4.52010  1.000 107.73000 ? 11 SER J C   1 
ATOM 1146 O O   . SER J 1 11 ? -7.10281  1.82485   -4.59006  1.000 108.46000 ? 11 SER J O   1 
ATOM 1147 C CB  . SER J 1 11 ? -4.47491  0.85948   -6.11259  1.000 108.61000 ? 11 SER J CB  1 
ATOM 1148 O OG  . SER J 1 11 ? -3.51233  -0.17048  -6.25757  1.000 108.96000 ? 11 SER J OG  1 
ATOM 1149 N N   . VAL J 1 12 ? -5.51285  3.40658   -4.33881  1.000 103.47000 ? 12 VAL J N   1 
ATOM 1150 C CA  . VAL J 1 12 ? -6.44303  4.51624   -4.17661  1.000 104.08000 ? 12 VAL J CA  1 
ATOM 1151 C C   . VAL J 1 12 ? -6.02575  5.63822   -5.11789  1.000 106.62000 ? 12 VAL J C   1 
ATOM 1152 O O   . VAL J 1 12 ? -4.86564  6.06585   -5.10102  1.000 107.79000 ? 12 VAL J O   1 
ATOM 1153 C CB  . VAL J 1 12 ? -6.47923  5.01582   -2.72028  1.000 104.56000 ? 12 VAL J CB  1 
ATOM 1154 C CG1 . VAL J 1 12 ? -7.11279  6.38987   -2.64392  1.000 104.97000 ? 12 VAL J CG1 1 
ATOM 1155 C CG2 . VAL J 1 12 ? -7.21969  4.03019   -1.83834  1.000 105.15000 ? 12 VAL J CG2 1 
ATOM 1156 N N   . GLN J 1 13 ? -6.96602  6.11343   -5.93283  1.000 102.32000 ? 13 GLN J N   1 
ATOM 1157 C CA  . GLN J 1 13 ? -6.70893  7.20993   -6.85623  1.000 101.35000 ? 13 GLN J CA  1 
ATOM 1158 C C   . GLN J 1 13 ? -7.97907  8.02216   -7.05242  1.000 100.77000 ? 13 GLN J C   1 
ATOM 1159 O O   . GLN J 1 13 ? -9.02304  7.47287   -7.41233  1.000 103.26000 ? 13 GLN J O   1 
ATOM 1160 C CB  . GLN J 1 13 ? -6.21080  6.69818   -8.20919  1.000 102.24000 ? 13 GLN J CB  1 
ATOM 1161 C CG  . GLN J 1 13 ? -6.77152  5.34770   -8.60022  1.000 102.06000 ? 13 GLN J CG  1 
ATOM 1162 C CD  . GLN J 1 13 ? -5.84895  4.59087   -9.52615  1.000 102.59000 ? 13 GLN J CD  1 
ATOM 1163 O OE1 . GLN J 1 13 ? -4.71656  4.27067   -9.16749  1.000 103.67000 ? 13 GLN J OE1 1 
ATOM 1164 N NE2 . GLN J 1 13 ? -6.32606  4.30195   -10.73105 1.000 100.45000 ? 13 GLN J NE2 1 
ATOM 1165 N N   . ILE J 1 14 ? -7.88431  9.32993   -6.82730  1.000 97.85000  ? 14 ILE J N   1 
ATOM 1166 C CA  . ILE J 1 14 ? -9.02741  10.22823  -6.94284  1.000 100.00000 ? 14 ILE J CA  1 
ATOM 1167 C C   . ILE J 1 14 ? -8.63216  11.41666  -7.80779  1.000 98.84000  ? 14 ILE J C   1 
ATOM 1168 O O   . ILE J 1 14 ? -7.50545  11.91499  -7.71944  1.000 101.74000 ? 14 ILE J O   1 
ATOM 1169 C CB  . ILE J 1 14 ? -9.53081  10.71026  -5.56534  1.000 98.88000  ? 14 ILE J CB  1 
ATOM 1170 C CG1 . ILE J 1 14 ? -9.56293  9.56352   -4.55783  1.000 98.86000  ? 14 ILE J CG1 1 
ATOM 1171 C CG2 . ILE J 1 14 ? -10.91520 11.29765  -5.69168  1.000 102.55000 ? 14 ILE J CG2 1 
ATOM 1172 C CD1 . ILE J 1 14 ? -8.40892  9.57497   -3.59706  1.000 98.09000  ? 14 ILE J CD1 1 
ATOM 1173 N N   . VAL J 1 15 ? -9.55921  11.86507  -8.65205  1.000 99.31000  ? 15 VAL J N   1 
ATOM 1174 C CA  . VAL J 1 15 ? -9.35586  13.02277  -9.51415  1.000 97.83000  ? 15 VAL J CA  1 
ATOM 1175 C C   . VAL J 1 15 ? -10.62515 13.86356  -9.50678  1.000 101.01000 ? 15 VAL J C   1 
ATOM 1176 O O   . VAL J 1 15 ? -11.70352 13.36417  -9.84098  1.000 105.60000 ? 15 VAL J O   1 
ATOM 1177 C CB  . VAL J 1 15 ? -8.99885  12.60667  -10.95376 1.000 99.56000  ? 15 VAL J CB  1 
ATOM 1178 C CG1 . VAL J 1 15 ? -9.15878  13.78324  -11.90030 1.000 100.08000 ? 15 VAL J CG1 1 
ATOM 1179 C CG2 . VAL J 1 15 ? -7.58501  12.05747  -11.01592 1.000 101.05000 ? 15 VAL J CG2 1 
ATOM 1180 N N   . TYR J 1 16 ? -10.49873 15.13463  -9.13498  1.000 101.54000 ? 16 TYR J N   1 
ATOM 1181 C CA  . TYR J 1 16 ? -11.59488 16.08639  -9.24419  1.000 104.21000 ? 16 TYR J CA  1 
ATOM 1182 C C   . TYR J 1 16 ? -11.42540 16.92571  -10.50371 1.000 103.81000 ? 16 TYR J C   1 
ATOM 1183 O O   . TYR J 1 16 ? -10.30865 17.14122  -10.98068 1.000 102.37000 ? 16 TYR J O   1 
ATOM 1184 C CB  . TYR J 1 16 ? -11.68380 17.02902  -8.03505  1.000 104.44000 ? 16 TYR J CB  1 
ATOM 1185 C CG  . TYR J 1 16 ? -11.67579 16.38582  -6.66352  1.000 103.49000 ? 16 TYR J CG  1 
ATOM 1186 C CD1 . TYR J 1 16 ? -11.34054 17.12579  -5.53895  1.000 102.37000 ? 16 TYR J CD1 1 
ATOM 1187 C CD2 . TYR J 1 16 ? -12.01612 15.05480  -6.48667  1.000 104.06000 ? 16 TYR J CD2 1 
ATOM 1188 C CE1 . TYR J 1 16 ? -11.33635 16.55784  -4.28040  1.000 103.13000 ? 16 TYR J CE1 1 
ATOM 1189 C CE2 . TYR J 1 16 ? -12.01457 14.47784  -5.23173  1.000 104.78000 ? 16 TYR J CE2 1 
ATOM 1190 C CZ  . TYR J 1 16 ? -11.67257 15.23147  -4.13263  1.000 104.36000 ? 16 TYR J CZ  1 
ATOM 1191 O OH  . TYR J 1 16 ? -11.67083 14.65472  -2.88416  1.000 103.37000 ? 16 TYR J OH  1 
ATOM 1192 N N   . LYS J 1 17 ? -12.54720 17.39909  -11.03765 1.000 109.82000 ? 17 LYS J N   1 
ATOM 1193 C CA  . LYS J 1 17 ? -12.52437 18.32930  -12.16311 1.000 110.05000 ? 17 LYS J CA  1 
ATOM 1194 C C   . LYS J 1 17 ? -13.57752 19.41757  -11.98505 1.000 110.40000 ? 17 LYS J C   1 
ATOM 1195 O O   . LYS J 1 17 ? -14.38114 19.67047  -12.88285 1.000 110.73000 ? 17 LYS J O   1 
ATOM 1196 C CB  . LYS J 1 17 ? -12.74752 17.59850  -13.48898 1.000 110.30000 ? 17 LYS J CB  1 
ATOM 1197 C CG  . LYS J 1 17 ? -11.64953 16.61853  -13.85830 1.000 109.17000 ? 17 LYS J CG  1 
ATOM 1198 C CD  . LYS J 1 17 ? -10.47541 17.33943  -14.48978 1.000 109.45000 ? 17 LYS J CD  1 
ATOM 1199 C CE  . LYS J 1 17 ? -9.98697  16.63648  -15.73905 1.000 110.13000 ? 17 LYS J CE  1 
ATOM 1200 N NZ  . LYS J 1 17 ? -10.01850 17.55198  -16.91031 1.000 109.63000 ? 17 LYS J NZ  1 
ATOM 1201 N N   . ASP K 1 1  ? -7.94316  -7.39060  26.07574  1.000 119.05000 ? 1  ASP K N   1 
ATOM 1202 C CA  . ASP K 1 1  ? -7.85837  -8.40853  25.03601  1.000 119.97000 ? 1  ASP K CA  1 
ATOM 1203 C C   . ASP K 1 1  ? -8.67097  -8.00160  23.81256  1.000 119.68000 ? 1  ASP K C   1 
ATOM 1204 O O   . ASP K 1 1  ? -8.90789  -8.80937  22.91400  1.000 120.16000 ? 1  ASP K O   1 
ATOM 1205 C CB  . ASP K 1 1  ? -8.34340  -9.75870  25.56809  1.000 120.42000 ? 1  ASP K CB  1 
ATOM 1206 C CG  . ASP K 1 1  ? -7.20657  -10.72577 25.82724  1.000 119.89000 ? 1  ASP K CG  1 
ATOM 1207 O OD1 . ASP K 1 1  ? -6.24999  -10.74658 25.02577  1.000 118.66000 ? 1  ASP K OD1 1 
ATOM 1208 O OD2 . ASP K 1 1  ? -7.26924  -11.46556 26.83206  1.000 119.15000 ? 1  ASP K OD2 1 
ATOM 1209 N N   . ASN K 1 2  ? -9.09425  -6.74413  23.78408  1.000 114.70000 ? 2  ASN K N   1 
ATOM 1210 C CA  . ASN K 1 2  ? -9.91476  -6.21630  22.70642  1.000 114.11000 ? 2  ASN K CA  1 
ATOM 1211 C C   . ASN K 1 2  ? -9.06079  -5.42536  21.72125  1.000 114.51000 ? 2  ASN K C   1 
ATOM 1212 O O   . ASN K 1 2  ? -7.88776  -5.14564  21.96014  1.000 113.91000 ? 2  ASN K O   1 
ATOM 1213 C CB  . ASN K 1 2  ? -11.04305 -5.34534  23.27004  1.000 114.10000 ? 2  ASN K CB  1 
ATOM 1214 C CG  . ASN K 1 2  ? -10.53073 -4.14163  24.03805  1.000 114.11000 ? 2  ASN K CG  1 
ATOM 1215 O OD1 . ASN K 1 2  ? -9.90937  -3.24245  23.47232  1.000 115.30000 ? 2  ASN K OD1 1 
ATOM 1216 N ND2 . ASN K 1 2  ? -10.79404 -4.11837  25.33890  1.000 113.68000 ? 2  ASN K ND2 1 
ATOM 1217 N N   . ILE K 1 3  ? -9.66255  -5.08852  20.58270  1.000 115.65000 ? 3  ILE K N   1 
ATOM 1218 C CA  . ILE K 1 3  ? -9.03653  -4.23622  19.57855  1.000 114.44000 ? 3  ILE K CA  1 
ATOM 1219 C C   . ILE K 1 3  ? -10.05788 -3.20145  19.12899  1.000 113.90000 ? 3  ILE K C   1 
ATOM 1220 O O   . ILE K 1 3  ? -11.26070 -3.48354  19.07571  1.000 115.63000 ? 3  ILE K O   1 
ATOM 1221 C CB  . ILE K 1 3  ? -8.49666  -5.04235  18.37393  1.000 112.96000 ? 3  ILE K CB  1 
ATOM 1222 C CG1 . ILE K 1 3  ? -9.62752  -5.44694  17.43306  1.000 115.61000 ? 3  ILE K CG1 1 
ATOM 1223 C CG2 . ILE K 1 3  ? -7.71860  -6.27159  18.83404  1.000 113.66000 ? 3  ILE K CG2 1 
ATOM 1224 C CD1 . ILE K 1 3  ? -9.20281  -6.42210  16.37568  1.000 116.27000 ? 3  ILE K CD1 1 
ATOM 1225 N N   . LYS K 1 4  ? -9.58642  -1.98943  18.84394  1.000 106.76000 ? 4  LYS K N   1 
ATOM 1226 C CA  . LYS K 1 4  ? -10.46757 -0.89906  18.45438  1.000 106.87000 ? 4  LYS K CA  1 
ATOM 1227 C C   . LYS K 1 4  ? -9.83833  -0.09555  17.32586  1.000 106.19000 ? 4  LYS K C   1 
ATOM 1228 O O   . LYS K 1 4  ? -8.61386  0.02560   17.23699  1.000 110.57000 ? 4  LYS K O   1 
ATOM 1229 C CB  . LYS K 1 4  ? -10.77866 0.03649   19.63563  1.000 107.45000 ? 4  LYS K CB  1 
ATOM 1230 C CG  . LYS K 1 4  ? -10.91345 -0.64989  20.98716  1.000 107.14000 ? 4  LYS K CG  1 
ATOM 1231 C CD  . LYS K 1 4  ? -11.54277 0.27046   22.02061  1.000 107.48000 ? 4  LYS K CD  1 
ATOM 1232 C CE  . LYS K 1 4  ? -12.76555 0.98215   21.46515  1.000 107.37000 ? 4  LYS K CE  1 
ATOM 1233 N NZ  . LYS K 1 4  ? -13.47255 1.76731   22.51335  1.000 106.66000 ? 4  LYS K NZ  1 
ATOM 1234 N N   . HIS K 1 5  ? -10.69681 0.45149   16.46775  1.000 102.58000 ? 5  HIS K N   1 
ATOM 1235 C CA  . HIS K 1 5  ? -10.32267 1.42833   15.44449  1.000 101.59000 ? 5  HIS K CA  1 
ATOM 1236 C C   . HIS K 1 5  ? -9.19147  0.91581   14.55039  1.000 101.71000 ? 5  HIS K C   1 
ATOM 1237 O O   . HIS K 1 5  ? -8.10473  1.48991   14.48160  1.000 107.59000 ? 5  HIS K O   1 
ATOM 1238 C CB  . HIS K 1 5  ? -9.94144  2.76624   16.08550  1.000 104.08000 ? 5  HIS K CB  1 
ATOM 1239 C CG  . HIS K 1 5  ? -11.04292 3.39545   16.87836  1.000 103.72000 ? 5  HIS K CG  1 
ATOM 1240 N ND1 . HIS K 1 5  ? -11.55411 2.82904   18.02572  1.000 106.98000 ? 5  HIS K ND1 1 
ATOM 1241 C CD2 . HIS K 1 5  ? -11.72555 4.55006   16.69339  1.000 103.04000 ? 5  HIS K CD2 1 
ATOM 1242 C CE1 . HIS K 1 5  ? -12.50675 3.60389   18.51145  1.000 106.54000 ? 5  HIS K CE1 1 
ATOM 1243 N NE2 . HIS K 1 5  ? -12.63134 4.65536   17.72159  1.000 106.45000 ? 5  HIS K NE2 1 
ATOM 1244 N N   . VAL K 1 6  ? -9.46968  -0.18339  13.85337  1.000 99.80000  ? 6  VAL K N   1 
ATOM 1245 C CA  . VAL K 1 6  ? -8.54222  -0.72220  12.85626  1.000 101.51000 ? 6  VAL K CA  1 
ATOM 1246 C C   . VAL K 1 6  ? -9.04558  -0.23810  11.50009  1.000 103.14000 ? 6  VAL K C   1 
ATOM 1247 O O   . VAL K 1 6  ? -9.90989  -0.85180  10.87451  1.000 107.87000 ? 6  VAL K O   1 
ATOM 1248 C CB  . VAL K 1 6  ? -8.43724  -2.24174  12.93431  1.000 103.92000 ? 6  VAL K CB  1 
ATOM 1249 C CG1 . VAL K 1 6  ? -7.36364  -2.74523  11.98578  1.000 103.22000 ? 6  VAL K CG1 1 
ATOM 1250 C CG2 . VAL K 1 6  ? -8.13962  -2.67700  14.35950  1.000 100.83000 ? 6  VAL K CG2 1 
ATOM 1251 N N   . LEU K 1 7  ? -8.49305  0.88064   11.03709  1.000 101.76000 ? 7  LEU K N   1 
ATOM 1252 C CA  . LEU K 1 7  ? -8.95057  1.52015   9.80964   1.000 102.98000 ? 7  LEU K CA  1 
ATOM 1253 C C   . LEU K 1 7  ? -7.73373  1.96006   9.00384   1.000 105.29000 ? 7  LEU K C   1 
ATOM 1254 O O   . LEU K 1 7  ? -6.59789  1.57934   9.29971   1.000 108.99000 ? 7  LEU K O   1 
ATOM 1255 C CB  . LEU K 1 7  ? -9.88134  2.69838   10.12672  1.000 106.45000 ? 7  LEU K CB  1 
ATOM 1256 C CG  . LEU K 1 7  ? -9.29343  3.81690   10.99024  1.000 103.79000 ? 7  LEU K CG  1 
ATOM 1257 C CD1 . LEU K 1 7  ? -9.75117  5.17376   10.48969  1.000 103.56000 ? 7  LEU K CD1 1 
ATOM 1258 C CD2 . LEU K 1 7  ? -9.67141  3.63331   12.45029  1.000 101.91000 ? 7  LEU K CD2 1 
ATOM 1259 N N   . GLY K 1 8  ? -7.98426  2.75413   7.96337   1.000 109.04000 ? 8  GLY K N   1 
ATOM 1260 C CA  . GLY K 1 8  ? -6.93892  3.37203   7.16911   1.000 107.85000 ? 8  GLY K CA  1 
ATOM 1261 C C   . GLY K 1 8  ? -5.88909  2.42387   6.63053   1.000 108.40000 ? 8  GLY K C   1 
ATOM 1262 O O   . GLY K 1 8  ? -4.68982  2.64367   6.82617   1.000 106.37000 ? 8  GLY K O   1 
ATOM 1263 N N   . GLY K 1 9  ? -6.32326  1.37143   5.94265   1.000 111.38000 ? 9  GLY K N   1 
ATOM 1264 C CA  . GLY K 1 9  ? -5.39010  0.35792   5.48655   1.000 111.75000 ? 9  GLY K CA  1 
ATOM 1265 C C   . GLY K 1 9  ? -4.70473  -0.37788  6.61249   1.000 112.23000 ? 9  GLY K C   1 
ATOM 1266 O O   . GLY K 1 9  ? -3.53936  -0.76714  6.47636   1.000 108.78000 ? 9  GLY K O   1 
ATOM 1267 N N   . GLY K 1 10 ? -5.40029  -0.58196  7.72829   1.000 112.43000 ? 10 GLY K N   1 
ATOM 1268 C CA  . GLY K 1 10 ? -4.82913  -1.24359  8.88556   1.000 109.88000 ? 10 GLY K CA  1 
ATOM 1269 C C   . GLY K 1 10 ? -5.03366  -2.74283  8.80375   1.000 109.78000 ? 10 GLY K C   1 
ATOM 1270 O O   . GLY K 1 10 ? -6.06030  -3.21667  8.31235   1.000 107.13000 ? 10 GLY K O   1 
ATOM 1271 N N   . SER K 1 11 ? -4.04128  -3.48372  9.29021   1.000 105.48000 ? 11 SER K N   1 
ATOM 1272 C CA  . SER K 1 11 ? -4.08536  -4.94309  9.28505   1.000 107.07000 ? 11 SER K CA  1 
ATOM 1273 C C   . SER K 1 11 ? -3.33894  -5.44812  10.51040  1.000 103.06000 ? 11 SER K C   1 
ATOM 1274 O O   . SER K 1 11 ? -2.17877  -5.08690  10.72443  1.000 101.59000 ? 11 SER K O   1 
ATOM 1275 C CB  . SER K 1 11 ? -3.48040  -5.51162  8.00225   1.000 105.80000 ? 11 SER K CB  1 
ATOM 1276 O OG  . SER K 1 11 ? -2.14626  -5.06667  7.82395   1.000 102.75000 ? 11 SER K OG  1 
ATOM 1277 N N   . VAL K 1 12 ? -4.00317  -6.27160  11.31244  1.000 97.31000  ? 12 VAL K N   1 
ATOM 1278 C CA  . VAL K 1 12 ? -3.39973  -6.90185  12.47922  1.000 95.35000  ? 12 VAL K CA  1 
ATOM 1279 C C   . VAL K 1 12 ? -3.34075  -8.39875  12.21929  1.000 96.81000  ? 12 VAL K C   1 
ATOM 1280 O O   . VAL K 1 12 ? -4.29967  -8.98388  11.70234  1.000 100.66000 ? 12 VAL K O   1 
ATOM 1281 C CB  . VAL K 1 12 ? -4.18879  -6.58855  13.75777  1.000 98.27000  ? 12 VAL K CB  1 
ATOM 1282 C CG1 . VAL K 1 12 ? -3.38013  -6.97043  14.97788  1.000 96.51000  ? 12 VAL K CG1 1 
ATOM 1283 C CG2 . VAL K 1 12 ? -4.56235  -5.11692  13.79418  1.000 98.18000  ? 12 VAL K CG2 1 
ATOM 1284 N N   . GLN K 1 13 ? -2.21682  -9.02178  12.56528  1.000 92.64000  ? 13 GLN K N   1 
ATOM 1285 C CA  . GLN K 1 13 ? -1.97048  -10.42534 12.24207  1.000 95.93000  ? 13 GLN K CA  1 
ATOM 1286 C C   . GLN K 1 13 ? -1.55143  -11.23286 13.46480  1.000 96.53000  ? 13 GLN K C   1 
ATOM 1287 O O   . GLN K 1 13 ? -0.54361  -11.94018 13.43028  1.000 98.16000  ? 13 GLN K O   1 
ATOM 1288 C CB  . GLN K 1 13 ? -0.91463  -10.52617 11.14546  1.000 95.93000  ? 13 GLN K CB  1 
ATOM 1289 C CG  . GLN K 1 13 ? -1.38565  -11.21588 9.87475   1.000 98.04000  ? 13 GLN K CG  1 
ATOM 1290 C CD  . GLN K 1 13 ? -1.43209  -12.72098 9.97913   1.000 99.43000  ? 13 GLN K CD  1 
ATOM 1291 O OE1 . GLN K 1 13 ? -1.29474  -13.28869 11.05959  1.000 98.85000  ? 13 GLN K OE1 1 
ATOM 1292 N NE2 . GLN K 1 13 ? -1.63746  -13.37935 8.84526   1.000 99.46000  ? 13 GLN K NE2 1 
ATOM 1293 N N   . ILE K 1 14 ? -2.29879  -11.13716 14.56295  1.000 93.64000  ? 14 ILE K N   1 
ATOM 1294 C CA  . ILE K 1 14 ? -1.96892  -11.85418 15.79062  1.000 93.22000  ? 14 ILE K CA  1 
ATOM 1295 C C   . ILE K 1 14 ? -2.07335  -13.35599 15.56254  1.000 93.17000  ? 14 ILE K C   1 
ATOM 1296 O O   . ILE K 1 14 ? -3.10972  -13.85387 15.11303  1.000 95.65000  ? 14 ILE K O   1 
ATOM 1297 C CB  . ILE K 1 14 ? -2.88111  -11.41377 16.94821  1.000 93.90000  ? 14 ILE K CB  1 
ATOM 1298 C CG1 . ILE K 1 14 ? -3.02546  -9.89517  16.95683  1.000 93.96000  ? 14 ILE K CG1 1 
ATOM 1299 C CG2 . ILE K 1 14 ? -2.33233  -11.90384 18.27296  1.000 96.10000  ? 14 ILE K CG2 1 
ATOM 1300 C CD1 . ILE K 1 14 ? -4.22907  -9.39815  17.71853  1.000 94.20000  ? 14 ILE K CD1 1 
ATOM 1301 N N   . VAL K 1 15 ? -1.00246  -14.08665 15.87298  1.000 98.91000  ? 15 VAL K N   1 
ATOM 1302 C CA  . VAL K 1 15 ? -0.99459  -15.54371 15.76767  1.000 101.21000 ? 15 VAL K CA  1 
ATOM 1303 C C   . VAL K 1 15 ? -0.51203  -16.12708 17.08875  1.000 101.58000 ? 15 VAL K C   1 
ATOM 1304 O O   . VAL K 1 15 ? 0.16448   -15.44640 17.86694  1.000 99.42000  ? 15 VAL K O   1 
ATOM 1305 C CB  . VAL K 1 15 ? -0.11048  -16.03127 14.60221  1.000 100.40000 ? 15 VAL K CB  1 
ATOM 1306 C CG1 . VAL K 1 15 ? -0.48502  -17.45192 14.19650  1.000 102.50000 ? 15 VAL K CG1 1 
ATOM 1307 C CG2 . VAL K 1 15 ? -0.21884  -15.10274 13.41283  1.000 99.63000  ? 15 VAL K CG2 1 
ATOM 1308 N N   . TYR K 1 16 ? -0.85723  -17.39104 17.34554  1.000 105.19000 ? 16 TYR K N   1 
ATOM 1309 C CA  . TYR K 1 16 ? -0.40918  -18.11690 18.52954  1.000 106.40000 ? 16 TYR K CA  1 
ATOM 1310 C C   . TYR K 1 16 ? -0.78128  -17.38270 19.81139  1.000 106.99000 ? 16 TYR K C   1 
ATOM 1311 O O   . TYR K 1 16 ? 0.00602   -17.34446 20.76229  1.000 104.26000 ? 16 TYR K O   1 
ATOM 1312 C CB  . TYR K 1 16 ? 1.10277   -18.35090 18.46999  1.000 105.47000 ? 16 TYR K CB  1 
ATOM 1313 C CG  . TYR K 1 16 ? 1.53224   -19.73410 18.90586  1.000 106.43000 ? 16 TYR K CG  1 
ATOM 1314 C CD1 . TYR K 1 16 ? 1.93616   -20.68069 17.97463  1.000 105.83000 ? 16 TYR K CD1 1 
ATOM 1315 C CD2 . TYR K 1 16 ? 1.53773   -20.09060 20.24767  1.000 105.28000 ? 16 TYR K CD2 1 
ATOM 1316 C CE1 . TYR K 1 16 ? 2.33170   -21.94566 18.36591  1.000 105.70000 ? 16 TYR K CE1 1 
ATOM 1317 C CE2 . TYR K 1 16 ? 1.93100   -21.35339 20.64931  1.000 104.49000 ? 16 TYR K CE2 1 
ATOM 1318 C CZ  . TYR K 1 16 ? 2.32713   -22.27638 19.70453  1.000 105.19000 ? 16 TYR K CZ  1 
ATOM 1319 O OH  . TYR K 1 16 ? 2.71964   -23.53453 20.09902  1.000 103.58000 ? 16 TYR K OH  1 
ATOM 1320 N N   . LYS K 1 17 ? -1.97499  -16.80155 19.84888  1.000 107.73000 ? 17 LYS K N   1 
ATOM 1321 C CA  . LYS K 1 17 ? -2.43142  -16.07003 21.02278  1.000 107.26000 ? 17 LYS K CA  1 
ATOM 1322 C C   . LYS K 1 17 ? -3.67778  -16.71138 21.62338  1.000 105.48000 ? 17 LYS K C   1 
ATOM 1323 O O   . LYS K 1 17 ? -3.68487  -17.10201 22.79108  1.000 105.40000 ? 17 LYS K O   1 
ATOM 1324 C CB  . LYS K 1 17 ? -2.71146  -14.60898 20.66782  1.000 106.17000 ? 17 LYS K CB  1 
ATOM 1325 C CG  . LYS K 1 17 ? -3.43908  -13.83263 21.75173  1.000 106.44000 ? 17 LYS K CG  1 
ATOM 1326 C CD  . LYS K 1 17 ? -4.49926  -12.92110 21.16123  1.000 104.73000 ? 17 LYS K CD  1 
ATOM 1327 C CE  . LYS K 1 17 ? -5.13547  -12.05343 22.23252  1.000 104.39000 ? 17 LYS K CE  1 
ATOM 1328 N NZ  . LYS K 1 17 ? -5.57552  -10.73762 21.69446  1.000 103.10000 ? 17 LYS K NZ  1 
ATOM 1329 N N   . ILE L 1 3  ? -9.79625  9.22789   12.55917  1.000 103.68000 ? 3  ILE L N   1 
ATOM 1330 C CA  . ILE L 1 3  ? -11.12518 8.79507   12.15713  1.000 102.98000 ? 3  ILE L CA  1 
ATOM 1331 C C   . ILE L 1 3  ? -11.80455 9.85590   11.29731  1.000 104.61000 ? 3  ILE L C   1 
ATOM 1332 O O   . ILE L 1 3  ? -13.02409 9.85112   11.14024  1.000 109.08000 ? 3  ILE L O   1 
ATOM 1333 C CB  . ILE L 1 3  ? -11.98489 8.43197   13.39168  1.000 105.03000 ? 3  ILE L CB  1 
ATOM 1334 C CG1 . ILE L 1 3  ? -11.76310 9.41773   14.54926  1.000 104.32000 ? 3  ILE L CG1 1 
ATOM 1335 C CG2 . ILE L 1 3  ? -11.68540 7.01381   13.84417  1.000 103.02000 ? 3  ILE L CG2 1 
ATOM 1336 C CD1 . ILE L 1 3  ? -12.33864 10.80865  14.34680  1.000 103.27000 ? 3  ILE L CD1 1 
ATOM 1337 N N   . LYS L 1 4  ? -11.01020 10.77109  10.74963  1.000 97.99000  ? 4  LYS L N   1 
ATOM 1338 C CA  . LYS L 1 4  ? -11.50825 11.81896  9.86953   1.000 100.23000 ? 4  LYS L CA  1 
ATOM 1339 C C   . LYS L 1 4  ? -10.58721 11.91610  8.66139   1.000 99.57000  ? 4  LYS L C   1 
ATOM 1340 O O   . LYS L 1 4  ? -9.37044  12.05908  8.81437   1.000 99.60000  ? 4  LYS L O   1 
ATOM 1341 C CB  . LYS L 1 4  ? -11.59269 13.15969  10.60971  1.000 100.52000 ? 4  LYS L CB  1 
ATOM 1342 C CG  . LYS L 1 4  ? -12.53550 14.19997  9.99479   1.000 101.26000 ? 4  LYS L CG  1 
ATOM 1343 C CD  . LYS L 1 4  ? -11.99919 14.81521  8.71070   1.000 101.97000 ? 4  LYS L CD  1 
ATOM 1344 C CE  . LYS L 1 4  ? -12.83065 16.00962  8.27709   1.000 102.08000 ? 4  LYS L CE  1 
ATOM 1345 N NZ  . LYS L 1 4  ? -12.64801 16.31116  6.83093   1.000 99.24000  ? 4  LYS L NZ  1 
ATOM 1346 N N   . HIS L 1 5  ? -11.17522 11.83202  7.46838   1.000 100.17000 ? 5  HIS L N   1 
ATOM 1347 C CA  . HIS L 1 5  ? -10.45660 11.95826  6.19994   1.000 99.71000  ? 5  HIS L CA  1 
ATOM 1348 C C   . HIS L 1 5  ? -9.32898  10.93664  6.07994   1.000 99.28000  ? 5  HIS L C   1 
ATOM 1349 O O   . HIS L 1 5  ? -8.33209  11.17610  5.39378   1.000 96.36000  ? 5  HIS L O   1 
ATOM 1350 C CB  . HIS L 1 5  ? -9.91679  13.37979  6.00937   1.000 99.18000  ? 5  HIS L CB  1 
ATOM 1351 C CG  . HIS L 1 5  ? -9.58293  13.71452  4.58871   1.000 101.13000 ? 5  HIS L CG  1 
ATOM 1352 N ND1 . HIS L 1 5  ? -8.59637  13.06253  3.88143   1.000 101.26000 ? 5  HIS L ND1 1 
ATOM 1353 C CD2 . HIS L 1 5  ? -10.10708 14.63334  3.74456   1.000 101.65000 ? 5  HIS L CD2 1 
ATOM 1354 C CE1 . HIS L 1 5  ? -8.52777  13.56476  2.66100   1.000 101.32000 ? 5  HIS L CE1 1 
ATOM 1355 N NE2 . HIS L 1 5  ? -9.43287  14.52045  2.55209   1.000 102.74000 ? 5  HIS L NE2 1 
ATOM 1356 N N   . VAL L 1 6  ? -9.47167  9.78918   6.74355   1.000 103.25000 ? 6  VAL L N   1 
ATOM 1357 C CA  . VAL L 1 6  ? -8.44745  8.75723   6.67017   1.000 101.74000 ? 6  VAL L CA  1 
ATOM 1358 C C   . VAL L 1 6  ? -8.53797  8.04641   5.32929   1.000 103.69000 ? 6  VAL L C   1 
ATOM 1359 O O   . VAL L 1 6  ? -9.61212  7.58855   4.92269   1.000 107.26000 ? 6  VAL L O   1 
ATOM 1360 C CB  . VAL L 1 6  ? -8.60214  7.77143   7.83689   1.000 101.77000 ? 6  VAL L CB  1 
ATOM 1361 C CG1 . VAL L 1 6  ? -7.41288  6.83639   7.89521   1.000 101.02000 ? 6  VAL L CG1 1 
ATOM 1362 C CG2 . VAL L 1 6  ? -8.76713  8.52504   9.14517   1.000 103.04000 ? 6  VAL L CG2 1 
ATOM 1363 N N   . LEU L 1 7  ? -7.40782  7.94685   4.63559   1.000 98.99000  ? 7  LEU L N   1 
ATOM 1364 C CA  . LEU L 1 7  ? -7.37122  7.26476   3.34623   1.000 100.66000 ? 7  LEU L CA  1 
ATOM 1365 C C   . LEU L 1 7  ? -6.02706  6.57036   3.19309   1.000 101.36000 ? 7  LEU L C   1 
ATOM 1366 O O   . LEU L 1 7  ? -4.98192  7.19541   3.38042   1.000 102.43000 ? 7  LEU L O   1 
ATOM 1367 C CB  . LEU L 1 7  ? -7.63729  8.24758   2.19783   1.000 101.65000 ? 7  LEU L CB  1 
ATOM 1368 C CG  . LEU L 1 7  ? -6.62259  9.30726   1.76400   1.000 100.01000 ? 7  LEU L CG  1 
ATOM 1369 C CD1 . LEU L 1 7  ? -5.69750  8.77431   0.68715   1.000 101.43000 ? 7  LEU L CD1 1 
ATOM 1370 C CD2 . LEU L 1 7  ? -7.33331  10.56078  1.28489   1.000 99.28000  ? 7  LEU L CD2 1 
ATOM 1371 N N   . GLY L 1 8  ? -6.05203  5.27815   2.87048   1.000 104.42000 ? 8  GLY L N   1 
ATOM 1372 C CA  . GLY L 1 8  ? -4.82693  4.50865   2.79683   1.000 105.91000 ? 8  GLY L CA  1 
ATOM 1373 C C   . GLY L 1 8  ? -4.91428  3.40405   1.76760   1.000 106.63000 ? 8  GLY L C   1 
ATOM 1374 O O   . GLY L 1 8  ? -5.98157  3.09969   1.23256   1.000 105.55000 ? 8  GLY L O   1 
ATOM 1375 N N   . GLY L 1 9  ? -3.76035  2.80248   1.49814   1.000 108.71000 ? 9  GLY L N   1 
ATOM 1376 C CA  . GLY L 1 9  ? -3.63861  1.73595   0.53136   1.000 109.64000 ? 9  GLY L CA  1 
ATOM 1377 C C   . GLY L 1 9  ? -3.78602  0.36407   1.15660   1.000 110.32000 ? 9  GLY L C   1 
ATOM 1378 O O   . GLY L 1 9  ? -4.32344  0.20173   2.25761   1.000 109.76000 ? 9  GLY L O   1 
ATOM 1379 N N   . GLY L 1 10 ? -3.29287  -0.64057  0.43922   1.000 112.33000 ? 10 GLY L N   1 
ATOM 1380 C CA  . GLY L 1 10 ? -3.38075  -2.01272  0.88476   1.000 111.70000 ? 10 GLY L CA  1 
ATOM 1381 C C   . GLY L 1 10 ? -2.35541  -2.33873  1.95389   1.000 111.42000 ? 10 GLY L C   1 
ATOM 1382 O O   . GLY L 1 10 ? -1.69952  -1.46913  2.52840   1.000 110.67000 ? 10 GLY L O   1 
ATOM 1383 N N   . SER L 1 11 ? -2.23637  -3.63398  2.23414   1.000 108.15000 ? 11 SER L N   1 
ATOM 1384 C CA  . SER L 1 11 ? -1.25400  -4.11946  3.19150   1.000 107.23000 ? 11 SER L CA  1 
ATOM 1385 C C   . SER L 1 11 ? -0.98296  -5.58861  2.91161   1.000 106.14000 ? 11 SER L C   1 
ATOM 1386 O O   . SER L 1 11 ? -1.91303  -6.36228  2.67351   1.000 107.43000 ? 11 SER L O   1 
ATOM 1387 C CB  . SER L 1 11 ? -1.73112  -3.93120  4.63643   1.000 107.12000 ? 11 SER L CB  1 
ATOM 1388 O OG  . SER L 1 11 ? -2.03294  -2.57369  4.90803   1.000 107.57000 ? 11 SER L OG  1 
ATOM 1389 N N   . VAL L 1 12 ? 0.29199   -5.96363  2.94402   1.000 100.42000 ? 12 VAL L N   1 
ATOM 1390 C CA  . VAL L 1 12 ? 0.71899   -7.33675  2.71537   1.000 99.85000  ? 12 VAL L CA  1 
ATOM 1391 C C   . VAL L 1 12 ? 1.52929   -7.78768  3.92086   1.000 102.99000 ? 12 VAL L C   1 
ATOM 1392 O O   . VAL L 1 12 ? 2.47033   -7.10023  4.33158   1.000 105.39000 ? 12 VAL L O   1 
ATOM 1393 C CB  . VAL L 1 12 ? 1.54462   -7.47237  1.42295   1.000 101.68000 ? 12 VAL L CB  1 
ATOM 1394 C CG1 . VAL L 1 12 ? 2.34087   -8.76541  1.43262   1.000 102.21000 ? 12 VAL L CG1 1 
ATOM 1395 C CG2 . VAL L 1 12 ? 0.63690   -7.40598  0.21022   1.000 101.29000 ? 12 VAL L CG2 1 
ATOM 1396 N N   . GLN L 1 13 ? 1.16284   -8.93333  4.48699   1.000 97.75000  ? 13 GLN L N   1 
ATOM 1397 C CA  . GLN L 1 13 ? 1.84333   -9.46824  5.65552   1.000 98.47000  ? 13 GLN L CA  1 
ATOM 1398 C C   . GLN L 1 13 ? 1.67062   -10.97912 5.70373   1.000 97.63000  ? 13 GLN L C   1 
ATOM 1399 O O   . GLN L 1 13 ? 0.55657   -11.49403 5.58589   1.000 99.49000  ? 13 GLN L O   1 
ATOM 1400 C CB  . GLN L 1 13 ? 1.33462   -8.77744  6.93114   1.000 99.80000  ? 13 GLN L CB  1 
ATOM 1401 C CG  . GLN L 1 13 ? -0.06768  -9.13592  7.36818   1.000 98.93000  ? 13 GLN L CG  1 
ATOM 1402 C CD  . GLN L 1 13 ? -0.81769  -7.93017  7.89912   1.000 99.28000  ? 13 GLN L CD  1 
ATOM 1403 O OE1 . GLN L 1 13 ? -0.68963  -6.82770  7.36773   1.000 99.38000  ? 13 GLN L OE1 1 
ATOM 1404 N NE2 . GLN L 1 13 ? -1.59930  -8.13028  8.95100   1.000 98.49000  ? 13 GLN L NE2 1 
ATOM 1405 N N   . ILE L 1 14 ? 2.78960   -11.68784 5.84564   1.000 97.17000  ? 14 ILE L N   1 
ATOM 1406 C CA  . ILE L 1 14 ? 2.83145   -13.13788 5.70512   1.000 99.33000  ? 14 ILE L CA  1 
ATOM 1407 C C   . ILE L 1 14 ? 3.60464   -13.72604 6.87600   1.000 99.07000  ? 14 ILE L C   1 
ATOM 1408 O O   . ILE L 1 14 ? 4.53476   -13.10094 7.39550   1.000 100.59000 ? 14 ILE L O   1 
ATOM 1409 C CB  . ILE L 1 14 ? 3.48076   -13.55757 4.36715   1.000 98.90000  ? 14 ILE L CB  1 
ATOM 1410 C CG1 . ILE L 1 14 ? 2.91473   -12.73989 3.20674   1.000 98.91000  ? 14 ILE L CG1 1 
ATOM 1411 C CG2 . ILE L 1 14 ? 3.25292   -15.03139 4.10103   1.000 102.08000 ? 14 ILE L CG2 1 
ATOM 1412 C CD1 . ILE L 1 14 ? 3.56156   -13.04317 1.87698   1.000 99.04000  ? 14 ILE L CD1 1 
ATOM 1413 N N   . VAL L 1 15 ? 3.21532   -14.92884 7.29479   1.000 102.28000 ? 15 VAL L N   1 
ATOM 1414 C CA  . VAL L 1 15 ? 3.91583   -15.67930 8.32944   1.000 100.90000 ? 15 VAL L CA  1 
ATOM 1415 C C   . VAL L 1 15 ? 4.02774   -17.12789 7.87568   1.000 102.28000 ? 15 VAL L C   1 
ATOM 1416 O O   . VAL L 1 15 ? 3.02714   -17.73876 7.48657   1.000 105.62000 ? 15 VAL L O   1 
ATOM 1417 C CB  . VAL L 1 15 ? 3.19391   -15.59023 9.68793   1.000 101.91000 ? 15 VAL L CB  1 
ATOM 1418 C CG1 . VAL L 1 15 ? 3.53064   -16.79143 10.55314  1.000 102.69000 ? 15 VAL L CG1 1 
ATOM 1419 C CG2 . VAL L 1 15 ? 3.56908   -14.30756 10.39977  1.000 102.25000 ? 15 VAL L CG2 1 
ATOM 1420 N N   . TYR L 1 16 ? 5.23916   -17.67243 7.92188   1.000 106.36000 ? 16 TYR L N   1 
ATOM 1421 C CA  . TYR L 1 16 ? 5.48704   -19.07375 7.61747   1.000 107.61000 ? 16 TYR L CA  1 
ATOM 1422 C C   . TYR L 1 16 ? 5.87564   -19.81169 8.89074   1.000 107.87000 ? 16 TYR L C   1 
ATOM 1423 O O   . TYR L 1 16 ? 6.78918   -19.39120 9.60627   1.000 108.92000 ? 16 TYR L O   1 
ATOM 1424 C CB  . TYR L 1 16 ? 6.59993   -19.23137 6.57346   1.000 109.30000 ? 16 TYR L CB  1 
ATOM 1425 C CG  . TYR L 1 16 ? 6.33912   -18.53141 5.25898   1.000 108.39000 ? 16 TYR L CG  1 
ATOM 1426 C CD1 . TYR L 1 16 ? 5.81484   -19.22359 4.17688   1.000 108.94000 ? 16 TYR L CD1 1 
ATOM 1427 C CD2 . TYR L 1 16 ? 6.61935   -17.18167 5.09914   1.000 107.26000 ? 16 TYR L CD2 1 
ATOM 1428 C CE1 . TYR L 1 16 ? 5.57710   -18.59060 2.97281   1.000 109.21000 ? 16 TYR L CE1 1 
ATOM 1429 C CE2 . TYR L 1 16 ? 6.38361   -16.54088 3.89909   1.000 106.92000 ? 16 TYR L CE2 1 
ATOM 1430 C CZ  . TYR L 1 16 ? 5.86149   -17.24969 2.84001   1.000 108.24000 ? 16 TYR L CZ  1 
ATOM 1431 O OH  . TYR L 1 16 ? 5.62463   -16.61478 1.64298   1.000 107.93000 ? 16 TYR L OH  1 
ATOM 1432 N N   . LYS L 1 17 ? 5.18041   -20.90854 9.16974   1.000 106.28000 ? 17 LYS L N   1 
ATOM 1433 C CA  . LYS L 1 17 ? 5.49889   -21.73773 10.32885  1.000 107.87000 ? 17 LYS L CA  1 
ATOM 1434 C C   . LYS L 1 17 ? 5.44386   -23.21785 9.96794   1.000 108.30000 ? 17 LYS L C   1 
ATOM 1435 O O   . LYS L 1 17 ? 5.77704   -24.07820 10.78240  1.000 107.55000 ? 17 LYS L O   1 
ATOM 1436 C CB  . LYS L 1 17 ? 4.54503   -21.44485 11.49060  1.000 108.20000 ? 17 LYS L CB  1 
ATOM 1437 C CG  . LYS L 1 17 ? 4.53155   -19.99036 11.95075  1.000 106.81000 ? 17 LYS L CG  1 
ATOM 1438 C CD  . LYS L 1 17 ? 3.77227   -19.76957 13.26482  1.000 107.21000 ? 17 LYS L CD  1 
ATOM 1439 C CE  . LYS L 1 17 ? 4.50123   -20.27363 14.52026  1.000 108.77000 ? 17 LYS L CE  1 
ATOM 1440 N NZ  . LYS L 1 17 ? 5.08820   -21.64280 14.47277  1.000 108.64000 ? 17 LYS L NZ  1 
# 
